data_7CS6
#
_entry.id   7CS6
#
_cell.length_a   244.441
_cell.length_b   244.441
_cell.length_c   75.641
_cell.angle_alpha   90.000
_cell.angle_beta   90.000
_cell.angle_gamma   120.000
#
_symmetry.space_group_name_H-M   'P 61'
#
loop_
_entity.id
_entity.type
_entity.pdbx_description
1 polymer 'Pinoresinol-lariciresinol reductase'
2 non-polymer 4-[[(3S,4S,5R)-4-(hydroxymethyl)-5-(3-methoxy-4-oxidanyl-phenyl)oxolan-3-yl]methyl]-2-methoxy-phenol
3 non-polymer 'NADPH DIHYDRO-NICOTINAMIDE-ADENINE-DINUCLEOTIDE PHOSPHATE'
4 water water
#
_entity_poly.entity_id   1
_entity_poly.type   'polypeptide(L)'
_entity_poly.pdbx_seq_one_letter_code
;MRENNSGEKTRVLVVGGTGTMGRRIVRACLAEGHETYVLQQPETRVDIEKVQLLYSYKRLGARLIEASFSDHQSLVSAVK
QVDIVVAAMSGVHFRSHSILVQLKLVEAIKEAGNIKRFLPSEFGMDPSRMGHAMPPGRETFDQKLEVRNAIEAAGIPHTY
VVGACFAAYFAGNLSQMGTLIPPKKKVNIYGDGNVKVVYVDEDDIAEYTAKTLDDPRTINKTVYVRPTENVLTQMELVQI
WEKLTGKELEKTNISANDFLADIEDKEIPHQAGLGHFYHIFYEGCLTDHEVGDDEEASKLYPDVKYTRMDEYLKIFL
;
_entity_poly.pdbx_strand_id   A,B,C,D,E,F
#
# COMPACT_ATOMS: atom_id res chain seq x y z
N GLU A 8 17.84 5.87 30.18
CA GLU A 8 17.25 6.73 31.22
C GLU A 8 18.13 6.78 32.49
N LYS A 9 18.29 5.65 33.15
CA LYS A 9 19.16 5.56 34.30
C LYS A 9 20.60 5.85 33.90
N THR A 10 21.32 6.56 34.76
CA THR A 10 22.77 6.61 34.66
C THR A 10 23.34 5.23 34.96
N ARG A 11 24.26 4.75 34.14
CA ARG A 11 24.89 3.46 34.38
C ARG A 11 26.26 3.67 35.03
N VAL A 12 26.44 3.12 36.23
CA VAL A 12 27.63 3.37 37.03
C VAL A 12 28.40 2.07 37.23
N LEU A 13 29.71 2.13 37.04
CA LEU A 13 30.60 1.07 37.48
C LEU A 13 31.27 1.49 38.77
N VAL A 14 31.12 0.68 39.81
CA VAL A 14 31.78 0.87 41.09
C VAL A 14 32.98 -0.05 41.14
N VAL A 15 34.15 0.53 41.35
CA VAL A 15 35.42 -0.17 41.40
C VAL A 15 35.84 -0.21 42.86
N GLY A 16 36.09 -1.42 43.38
CA GLY A 16 36.33 -1.59 44.79
C GLY A 16 35.06 -1.74 45.59
N GLY A 17 34.03 -2.34 45.00
CA GLY A 17 32.70 -2.43 45.57
C GLY A 17 32.60 -3.21 46.85
N THR A 18 33.62 -3.98 47.23
CA THR A 18 33.51 -4.72 48.48
C THR A 18 34.25 -4.05 49.64
N GLY A 19 34.83 -2.87 49.42
CA GLY A 19 35.50 -2.16 50.46
C GLY A 19 34.53 -1.41 51.34
N THR A 20 35.09 -0.76 52.35
CA THR A 20 34.28 -0.02 53.32
C THR A 20 33.44 1.04 52.62
N MET A 21 34.09 1.97 51.93
CA MET A 21 33.34 2.99 51.22
C MET A 21 32.64 2.42 50.00
N GLY A 22 33.32 1.55 49.26
CA GLY A 22 32.76 1.06 48.01
C GLY A 22 31.44 0.33 48.17
N ARG A 23 31.30 -0.47 49.23
CA ARG A 23 30.04 -1.20 49.40
C ARG A 23 28.89 -0.22 49.65
N ARG A 24 29.15 0.82 50.43
CA ARG A 24 28.11 1.81 50.66
C ARG A 24 27.78 2.59 49.39
N ILE A 25 28.78 2.78 48.53
CA ILE A 25 28.52 3.46 47.25
C ILE A 25 27.67 2.59 46.33
N VAL A 26 27.97 1.29 46.26
CA VAL A 26 27.09 0.35 45.54
C VAL A 26 25.65 0.54 45.99
N ARG A 27 25.40 0.45 47.29
CA ARG A 27 24.04 0.55 47.78
C ARG A 27 23.43 1.92 47.50
N ALA A 28 24.22 2.99 47.66
CA ALA A 28 23.69 4.32 47.44
C ALA A 28 23.34 4.55 45.98
N CYS A 29 24.12 3.98 45.07
CA CYS A 29 23.78 4.11 43.65
C CYS A 29 22.47 3.39 43.33
N LEU A 30 22.27 2.19 43.90
CA LEU A 30 21.00 1.51 43.71
C LEU A 30 19.86 2.31 44.33
N ALA A 31 20.05 2.75 45.57
CA ALA A 31 19.01 3.55 46.21
C ALA A 31 18.69 4.81 45.42
N GLU A 32 19.67 5.39 44.71
CA GLU A 32 19.37 6.56 43.90
C GLU A 32 18.59 6.21 42.64
N GLY A 33 18.58 4.94 42.25
CA GLY A 33 18.00 4.55 41.00
C GLY A 33 18.97 4.37 39.86
N HIS A 34 20.27 4.33 40.13
CA HIS A 34 21.24 4.10 39.07
C HIS A 34 21.28 2.63 38.72
N GLU A 35 21.41 2.34 37.43
CA GLU A 35 21.75 0.99 37.01
C GLU A 35 23.20 0.72 37.39
N THR A 36 23.42 -0.16 38.35
CA THR A 36 24.68 -0.24 39.07
C THR A 36 25.45 -1.50 38.69
N TYR A 37 26.70 -1.32 38.30
CA TYR A 37 27.62 -2.41 37.97
C TYR A 37 28.77 -2.39 38.96
N VAL A 38 29.24 -3.57 39.32
CA VAL A 38 30.32 -3.72 40.29
C VAL A 38 31.42 -4.56 39.69
N LEU A 39 32.64 -4.03 39.74
CA LEU A 39 33.79 -4.75 39.20
C LEU A 39 34.10 -5.96 40.05
N GLN A 40 34.17 -7.12 39.41
CA GLN A 40 34.46 -8.38 40.08
C GLN A 40 35.86 -8.80 39.69
N GLN A 41 36.74 -8.73 40.61
CA GLN A 41 38.14 -9.06 40.37
C GLN A 41 38.40 -10.54 40.64
N PRO A 42 39.40 -11.08 39.97
CA PRO A 42 39.73 -12.51 40.18
C PRO A 42 40.05 -12.75 41.64
N GLU A 43 39.41 -13.77 42.20
CA GLU A 43 39.68 -14.13 43.59
C GLU A 43 41.17 -14.24 43.82
N THR A 44 41.60 -13.79 44.99
CA THR A 44 42.99 -13.89 45.43
C THR A 44 43.14 -14.87 46.59
N ARG A 45 42.09 -15.63 46.90
CA ARG A 45 41.99 -16.30 48.19
C ARG A 45 40.58 -16.82 48.38
N VAL A 46 40.42 -17.82 49.24
CA VAL A 46 39.07 -18.25 49.64
C VAL A 46 38.54 -17.20 50.59
N ASP A 47 37.78 -16.24 50.06
CA ASP A 47 37.31 -15.10 50.86
C ASP A 47 35.79 -15.13 50.92
N ILE A 48 35.28 -15.68 52.01
CA ILE A 48 33.87 -16.03 52.06
C ILE A 48 33.01 -14.78 52.12
N GLU A 49 33.36 -13.81 52.96
CA GLU A 49 32.52 -12.62 53.07
C GLU A 49 32.68 -11.70 51.85
N LYS A 50 33.85 -11.66 51.25
CA LYS A 50 34.00 -10.90 50.01
C LYS A 50 33.05 -11.41 48.93
N VAL A 51 33.11 -12.72 48.64
CA VAL A 51 32.27 -13.30 47.60
C VAL A 51 30.79 -13.08 47.91
N GLN A 52 30.40 -13.31 49.17
CA GLN A 52 29.00 -13.18 49.51
C GLN A 52 28.53 -11.73 49.41
N LEU A 53 29.39 -10.78 49.77
CA LEU A 53 29.03 -9.38 49.63
C LEU A 53 28.76 -9.03 48.17
N LEU A 54 29.68 -9.41 47.28
CA LEU A 54 29.51 -9.17 45.85
C LEU A 54 28.18 -9.73 45.35
N TYR A 55 27.97 -11.04 45.57
CA TYR A 55 26.77 -11.64 45.01
C TYR A 55 25.51 -11.13 45.69
N SER A 56 25.61 -10.65 46.93
CA SER A 56 24.44 -10.04 47.55
C SER A 56 23.95 -8.83 46.75
N TYR A 57 24.85 -8.18 46.01
CA TYR A 57 24.42 -7.01 45.24
C TYR A 57 23.48 -7.39 44.10
N LYS A 58 23.65 -8.58 43.52
CA LYS A 58 22.76 -8.99 42.45
C LYS A 58 21.31 -9.04 42.93
N ARG A 59 21.10 -9.48 44.17
CA ARG A 59 19.74 -9.58 44.70
C ARG A 59 19.06 -8.23 44.76
N LEU A 60 19.84 -7.15 44.89
CA LEU A 60 19.33 -5.79 44.87
C LEU A 60 19.24 -5.22 43.46
N GLY A 61 19.62 -5.98 42.44
CA GLY A 61 19.54 -5.50 41.08
C GLY A 61 20.84 -5.06 40.46
N ALA A 62 21.96 -5.18 41.16
CA ALA A 62 23.24 -4.84 40.55
C ALA A 62 23.72 -5.97 39.64
N ARG A 63 24.59 -5.62 38.72
CA ARG A 63 25.26 -6.58 37.85
C ARG A 63 26.75 -6.61 38.15
N LEU A 64 27.32 -7.80 38.00
CA LEU A 64 28.75 -8.03 38.18
C LEU A 64 29.44 -7.99 36.83
N ILE A 65 30.63 -7.39 36.80
CA ILE A 65 31.45 -7.34 35.59
C ILE A 65 32.84 -7.83 35.97
N GLU A 66 33.28 -8.90 35.33
CA GLU A 66 34.57 -9.48 35.61
C GLU A 66 35.65 -8.80 34.80
N ALA A 67 36.72 -8.41 35.47
CA ALA A 67 37.86 -7.81 34.80
C ALA A 67 39.01 -7.88 35.79
N SER A 68 40.21 -7.67 35.28
CA SER A 68 41.41 -7.72 36.09
C SER A 68 42.26 -6.50 35.77
N PHE A 69 42.92 -5.95 36.78
CA PHE A 69 43.78 -4.79 36.54
C PHE A 69 45.01 -5.17 35.74
N SER A 70 45.46 -6.42 35.83
CA SER A 70 46.58 -6.89 35.03
C SER A 70 46.20 -7.09 33.57
N ASP A 71 44.91 -7.07 33.25
CA ASP A 71 44.39 -7.35 31.91
C ASP A 71 43.78 -6.05 31.36
N HIS A 72 44.59 -5.32 30.59
CA HIS A 72 44.16 -4.00 30.15
C HIS A 72 42.90 -4.07 29.29
N GLN A 73 42.80 -5.08 28.43
CA GLN A 73 41.62 -5.17 27.59
C GLN A 73 40.35 -5.49 28.38
N SER A 74 40.47 -6.25 29.48
CA SER A 74 39.29 -6.53 30.29
C SER A 74 38.79 -5.28 31.00
N LEU A 75 39.69 -4.36 31.34
CA LEU A 75 39.24 -3.09 31.89
C LEU A 75 38.52 -2.27 30.83
N VAL A 76 39.07 -2.21 29.63
CA VAL A 76 38.41 -1.47 28.57
C VAL A 76 37.01 -2.05 28.33
N SER A 77 36.93 -3.37 28.21
CA SER A 77 35.63 -3.98 27.99
C SER A 77 34.65 -3.62 29.10
N ALA A 78 35.14 -3.59 30.35
CA ALA A 78 34.26 -3.27 31.48
C ALA A 78 33.70 -1.86 31.37
N VAL A 79 34.56 -0.85 31.21
CA VAL A 79 34.09 0.53 31.30
C VAL A 79 33.25 0.92 30.10
N LYS A 80 33.41 0.22 28.98
CA LYS A 80 32.54 0.46 27.83
C LYS A 80 31.09 0.11 28.14
N GLN A 81 30.83 -0.65 29.19
CA GLN A 81 29.47 -1.06 29.49
C GLN A 81 28.71 -0.08 30.37
N VAL A 82 29.36 0.99 30.84
CA VAL A 82 28.74 1.93 31.77
C VAL A 82 28.97 3.37 31.28
N ASP A 83 28.30 4.30 31.95
CA ASP A 83 28.44 5.73 31.67
C ASP A 83 29.39 6.44 32.62
N ILE A 84 29.43 6.01 33.87
CA ILE A 84 30.23 6.64 34.91
C ILE A 84 30.96 5.56 35.69
N VAL A 85 32.15 5.92 36.18
CA VAL A 85 33.00 5.04 36.97
C VAL A 85 33.26 5.74 38.30
N VAL A 86 33.05 5.03 39.40
CA VAL A 86 33.42 5.47 40.73
C VAL A 86 34.40 4.46 41.30
N ALA A 87 35.52 4.95 41.81
CA ALA A 87 36.53 4.09 42.40
C ALA A 87 36.66 4.38 43.88
N ALA A 88 36.91 3.33 44.66
CA ALA A 88 37.06 3.46 46.10
C ALA A 88 38.03 2.40 46.59
N MET A 89 39.24 2.44 46.04
CA MET A 89 40.34 1.58 46.43
C MET A 89 40.88 1.96 47.81
N SER A 90 41.44 0.98 48.51
CA SER A 90 42.07 1.26 49.79
C SER A 90 43.11 2.38 49.66
N GLY A 91 43.25 3.16 50.72
CA GLY A 91 44.19 4.26 50.76
C GLY A 91 44.66 4.61 52.17
N HIS A 97 49.97 2.20 46.66
CA HIS A 97 50.03 1.08 45.73
C HIS A 97 48.66 0.79 45.12
N SER A 98 47.65 0.60 45.97
CA SER A 98 46.31 0.39 45.42
C SER A 98 45.74 1.68 44.83
N ILE A 99 46.08 2.84 45.38
CA ILE A 99 45.66 4.09 44.77
C ILE A 99 46.19 4.18 43.34
N LEU A 100 47.40 3.69 43.10
CA LEU A 100 48.00 3.86 41.79
C LEU A 100 47.44 2.92 40.74
N VAL A 101 46.79 1.82 41.13
CA VAL A 101 46.21 0.96 40.10
C VAL A 101 45.21 1.74 39.27
N GLN A 102 44.65 2.82 39.83
CA GLN A 102 43.71 3.64 39.08
C GLN A 102 44.32 4.18 37.80
N LEU A 103 45.65 4.29 37.74
CA LEU A 103 46.29 4.69 36.49
C LEU A 103 45.92 3.75 35.35
N LYS A 104 45.96 2.44 35.60
CA LYS A 104 45.47 1.49 34.62
C LYS A 104 44.02 1.77 34.26
N LEU A 105 43.20 2.09 35.26
CA LEU A 105 41.81 2.43 34.99
C LEU A 105 41.70 3.66 34.11
N VAL A 106 42.57 4.66 34.33
CA VAL A 106 42.50 5.89 33.53
C VAL A 106 42.83 5.60 32.07
N GLU A 107 43.86 4.81 31.81
CA GLU A 107 44.20 4.50 30.42
C GLU A 107 43.08 3.73 29.74
N ALA A 108 42.50 2.75 30.46
CA ALA A 108 41.34 2.03 29.94
C ALA A 108 40.19 2.98 29.62
N ILE A 109 39.87 3.89 30.54
CA ILE A 109 38.81 4.86 30.27
C ILE A 109 39.16 5.73 29.08
N LYS A 110 40.42 6.17 29.01
CA LYS A 110 40.85 7.02 27.90
C LYS A 110 40.71 6.29 26.57
N GLU A 111 41.11 5.03 26.51
CA GLU A 111 40.91 4.25 25.30
C GLU A 111 39.43 4.05 25.00
N ALA A 112 38.62 3.74 26.02
CA ALA A 112 37.21 3.42 25.77
C ALA A 112 36.47 4.60 25.14
N GLY A 113 36.65 5.80 25.71
CA GLY A 113 36.12 7.01 25.12
C GLY A 113 34.68 7.34 25.47
N ASN A 114 33.94 6.44 26.10
CA ASN A 114 32.50 6.63 26.31
C ASN A 114 32.14 7.12 27.71
N ILE A 115 33.11 7.24 28.61
CA ILE A 115 32.84 7.57 30.00
C ILE A 115 32.53 9.05 30.13
N LYS A 116 31.37 9.36 30.71
CA LYS A 116 30.98 10.75 30.93
C LYS A 116 31.60 11.33 32.19
N ARG A 117 31.87 10.52 33.20
CA ARG A 117 32.49 11.06 34.39
C ARG A 117 33.22 9.95 35.13
N PHE A 118 34.32 10.34 35.77
CA PHE A 118 35.12 9.48 36.61
C PHE A 118 35.29 10.15 37.96
N LEU A 119 34.94 9.44 39.02
CA LEU A 119 35.19 9.89 40.39
C LEU A 119 36.25 8.99 40.99
N PRO A 120 37.49 9.45 41.14
CA PRO A 120 38.54 8.59 41.68
C PRO A 120 38.41 8.42 43.19
N SER A 121 39.25 7.52 43.71
CA SER A 121 39.20 7.20 45.12
C SER A 121 39.76 8.33 45.96
N GLU A 122 38.88 9.22 46.41
CA GLU A 122 39.25 10.39 47.18
C GLU A 122 38.70 10.21 48.58
N PHE A 123 37.60 10.87 48.94
CA PHE A 123 36.82 10.58 50.14
C PHE A 123 37.58 10.84 51.43
N GLY A 124 38.47 11.83 51.41
CA GLY A 124 39.22 12.18 52.60
C GLY A 124 39.84 13.56 52.48
N MET A 125 40.99 13.74 53.12
CA MET A 125 41.75 14.97 53.02
C MET A 125 42.00 15.35 51.56
N ASP A 126 41.90 16.65 51.26
CA ASP A 126 42.19 17.11 49.91
C ASP A 126 43.67 16.97 49.62
N PRO A 127 44.07 16.17 48.63
CA PRO A 127 45.50 15.98 48.36
C PRO A 127 46.14 17.13 47.59
N SER A 128 45.37 18.13 47.18
CA SER A 128 45.92 19.25 46.44
C SER A 128 46.50 20.35 47.34
N ARG A 129 46.57 20.12 48.65
CA ARG A 129 47.10 21.10 49.59
C ARG A 129 48.63 21.06 49.67
N MET A 130 49.24 22.22 49.85
CA MET A 130 50.69 22.38 49.85
C MET A 130 51.37 21.55 50.92
N ASP A 142 51.97 12.63 46.72
CA ASP A 142 50.74 11.90 47.03
C ASP A 142 50.26 11.12 45.80
N GLN A 143 50.02 9.82 45.98
CA GLN A 143 49.51 9.03 44.87
C GLN A 143 48.18 9.57 44.35
N LYS A 144 47.33 10.09 45.23
CA LYS A 144 46.05 10.61 44.77
C LYS A 144 46.22 11.76 43.78
N LEU A 145 47.18 12.66 44.04
CA LEU A 145 47.41 13.78 43.14
C LEU A 145 47.91 13.28 41.79
N GLU A 146 48.69 12.21 41.80
CA GLU A 146 49.16 11.61 40.55
C GLU A 146 48.00 11.04 39.75
N VAL A 147 46.99 10.50 40.43
CA VAL A 147 45.81 10.03 39.71
C VAL A 147 45.06 11.21 39.13
N ARG A 148 44.90 12.28 39.91
CA ARG A 148 44.24 13.48 39.39
C ARG A 148 44.93 13.97 38.11
N ASN A 149 46.26 14.05 38.12
CA ASN A 149 46.94 14.59 36.95
C ASN A 149 46.66 13.73 35.72
N ALA A 150 46.75 12.40 35.87
CA ALA A 150 46.45 11.52 34.75
C ALA A 150 45.02 11.72 34.25
N ILE A 151 44.07 11.82 35.17
CA ILE A 151 42.69 12.12 34.79
C ILE A 151 42.63 13.40 33.96
N GLU A 152 43.27 14.45 34.47
CA GLU A 152 43.18 15.73 33.76
C GLU A 152 43.96 15.69 32.47
N ALA A 153 45.11 15.02 32.45
CA ALA A 153 45.86 14.88 31.20
C ALA A 153 45.02 14.20 30.12
N ALA A 154 44.25 13.17 30.49
CA ALA A 154 43.45 12.44 29.52
C ALA A 154 42.18 13.16 29.13
N GLY A 155 41.84 14.25 29.80
CA GLY A 155 40.60 14.95 29.51
C GLY A 155 39.36 14.20 29.93
N ILE A 156 39.45 13.41 30.98
CA ILE A 156 38.30 12.67 31.50
C ILE A 156 37.56 13.57 32.49
N PRO A 157 36.29 13.90 32.25
CA PRO A 157 35.54 14.67 33.22
C PRO A 157 35.52 13.97 34.58
N HIS A 158 35.54 14.76 35.65
CA HIS A 158 35.79 14.21 36.97
C HIS A 158 34.96 14.92 38.03
N THR A 159 34.85 14.25 39.18
CA THR A 159 34.41 14.88 40.41
C THR A 159 35.24 14.33 41.55
N TYR A 160 35.82 15.23 42.35
CA TYR A 160 36.61 14.87 43.52
C TYR A 160 35.77 15.10 44.76
N VAL A 161 35.49 14.03 45.50
CA VAL A 161 34.67 14.07 46.70
C VAL A 161 35.62 14.02 47.89
N VAL A 162 35.61 15.06 48.72
CA VAL A 162 36.66 15.24 49.72
C VAL A 162 36.08 15.93 50.94
N GLY A 163 36.85 15.94 52.01
CA GLY A 163 36.68 16.90 53.08
C GLY A 163 36.12 16.41 54.39
N ALA A 164 35.89 15.11 54.56
CA ALA A 164 35.30 14.64 55.79
C ALA A 164 36.12 13.51 56.37
N CYS A 165 36.02 13.36 57.69
CA CYS A 165 36.48 12.18 58.41
C CYS A 165 35.34 11.16 58.49
N PHE A 166 35.62 9.91 58.13
CA PHE A 166 34.67 8.82 58.36
C PHE A 166 34.32 8.73 59.84
N ALA A 167 33.03 8.75 60.15
CA ALA A 167 32.61 8.68 61.55
C ALA A 167 33.11 7.41 62.24
N ALA A 168 33.16 6.29 61.52
CA ALA A 168 33.63 5.05 62.14
C ALA A 168 35.10 5.12 62.50
N TYR A 169 35.90 5.81 61.72
CA TYR A 169 37.32 5.91 62.02
C TYR A 169 37.68 7.06 62.95
N PHE A 170 36.79 8.02 63.18
CA PHE A 170 37.17 9.21 63.92
C PHE A 170 36.15 9.72 64.90
N ALA A 171 34.88 9.38 64.79
CA ALA A 171 33.90 9.88 65.74
C ALA A 171 33.52 8.85 66.79
N GLY A 172 33.36 7.58 66.39
CA GLY A 172 32.90 6.55 67.32
C GLY A 172 33.91 6.21 68.40
N ASN A 173 35.19 6.44 68.12
CA ASN A 173 36.27 6.30 69.09
C ASN A 173 36.64 7.63 69.75
N LEU A 174 35.79 8.66 69.63
CA LEU A 174 36.13 10.01 70.05
C LEU A 174 37.53 10.37 69.60
N SER A 175 37.89 9.95 68.39
CA SER A 175 39.13 10.33 67.72
C SER A 175 40.36 9.75 68.39
N GLN A 176 40.19 8.82 69.32
CA GLN A 176 41.34 8.10 69.87
C GLN A 176 41.88 7.14 68.83
N MET A 177 43.18 6.93 68.87
CA MET A 177 43.82 6.00 67.95
C MET A 177 43.76 4.57 68.46
N GLY A 178 43.84 3.62 67.52
CA GLY A 178 43.94 2.23 67.88
C GLY A 178 42.68 1.59 68.42
N THR A 179 41.52 2.22 68.28
CA THR A 179 40.27 1.64 68.74
C THR A 179 39.15 2.24 67.91
N LEU A 180 37.97 1.62 67.99
CA LEU A 180 36.85 2.06 67.17
C LEU A 180 35.61 2.33 68.00
N ILE A 181 35.73 2.26 69.32
CA ILE A 181 34.57 2.43 70.20
C ILE A 181 34.94 3.41 71.29
N PRO A 182 33.96 3.99 71.96
CA PRO A 182 34.24 5.00 72.95
C PRO A 182 35.13 4.45 74.06
N PRO A 183 36.04 5.27 74.57
CA PRO A 183 36.79 4.87 75.76
C PRO A 183 35.93 4.98 76.99
N LYS A 184 36.31 4.21 78.00
CA LYS A 184 35.46 4.18 79.18
C LYS A 184 35.84 5.26 80.21
N LYS A 185 37.13 5.56 80.39
CA LYS A 185 37.47 6.48 81.47
C LYS A 185 38.28 7.69 81.04
N LYS A 186 39.23 7.51 80.11
CA LYS A 186 40.23 8.49 79.77
C LYS A 186 40.19 8.79 78.28
N VAL A 187 40.71 9.96 77.92
CA VAL A 187 40.72 10.38 76.53
C VAL A 187 41.89 11.33 76.32
N ASN A 188 42.61 11.14 75.22
CA ASN A 188 43.61 12.09 74.78
C ASN A 188 42.95 13.18 73.97
N ILE A 189 43.28 14.43 74.28
CA ILE A 189 42.86 15.61 73.54
C ILE A 189 44.08 16.16 72.80
N TYR A 190 43.93 16.38 71.50
CA TYR A 190 45.05 16.83 70.70
C TYR A 190 45.12 18.36 70.75
N GLY A 191 46.31 18.88 71.04
CA GLY A 191 46.39 20.27 71.43
C GLY A 191 45.40 20.53 72.54
N ASP A 192 44.71 21.66 72.44
CA ASP A 192 43.60 21.98 73.31
C ASP A 192 42.27 21.44 72.76
N GLY A 193 42.32 20.71 71.66
CA GLY A 193 41.10 20.11 71.12
C GLY A 193 40.07 21.13 70.69
N ASN A 194 40.52 22.27 70.15
CA ASN A 194 39.63 23.30 69.61
C ASN A 194 39.83 23.52 68.12
N VAL A 195 40.44 22.57 67.43
CA VAL A 195 40.58 22.60 65.98
C VAL A 195 39.35 21.95 65.33
N LYS A 196 38.72 22.67 64.42
CA LYS A 196 37.50 22.19 63.80
C LYS A 196 37.78 21.00 62.89
N VAL A 197 36.95 19.96 63.01
CA VAL A 197 37.05 18.74 62.21
C VAL A 197 35.69 18.50 61.56
N VAL A 198 35.67 17.64 60.54
CA VAL A 198 34.42 17.28 59.85
C VAL A 198 34.17 15.79 60.05
N TYR A 199 33.15 15.46 60.83
CA TYR A 199 32.79 14.09 61.17
C TYR A 199 31.56 13.69 60.37
N VAL A 200 31.69 12.75 59.45
CA VAL A 200 30.55 12.39 58.61
C VAL A 200 30.35 10.87 58.55
N ASP A 201 29.15 10.43 58.87
CA ASP A 201 28.70 9.06 58.65
C ASP A 201 29.02 8.61 57.23
N GLU A 202 29.70 7.48 57.11
CA GLU A 202 30.07 6.94 55.80
C GLU A 202 28.85 6.73 54.88
N ASP A 203 27.68 6.42 55.44
CA ASP A 203 26.50 6.28 54.59
C ASP A 203 26.14 7.60 53.93
N ASP A 204 26.32 8.71 54.64
CA ASP A 204 26.03 10.02 54.06
C ASP A 204 27.02 10.35 52.96
N ILE A 205 28.29 10.03 53.16
CA ILE A 205 29.29 10.29 52.13
C ILE A 205 28.92 9.57 50.85
N ALA A 206 28.51 8.31 50.96
CA ALA A 206 28.10 7.52 49.80
C ALA A 206 26.85 8.09 49.15
N GLU A 207 25.87 8.50 49.92
CA GLU A 207 24.67 9.05 49.30
C GLU A 207 24.97 10.37 48.59
N TYR A 208 25.79 11.24 49.20
CA TYR A 208 26.25 12.44 48.49
C TYR A 208 26.98 12.07 47.21
N THR A 209 27.75 10.98 47.25
CA THR A 209 28.49 10.55 46.08
C THR A 209 27.54 10.08 44.97
N ALA A 210 26.50 9.33 45.35
CA ALA A 210 25.54 8.87 44.36
C ALA A 210 24.77 10.03 43.76
N LYS A 211 24.46 11.05 44.57
CA LYS A 211 23.73 12.19 44.03
C LYS A 211 24.62 13.11 43.18
N THR A 212 25.91 13.21 43.49
CA THR A 212 26.70 14.19 42.75
C THR A 212 27.21 13.66 41.43
N LEU A 213 27.24 12.33 41.26
CA LEU A 213 28.05 11.76 40.19
C LEU A 213 27.50 12.01 38.81
N ASP A 214 26.21 12.34 38.70
CA ASP A 214 25.60 12.75 37.43
C ASP A 214 24.99 14.15 37.53
N ASP A 215 25.36 14.91 38.55
CA ASP A 215 24.87 16.26 38.70
C ASP A 215 25.61 17.19 37.74
N PRO A 216 24.93 17.85 36.81
CA PRO A 216 25.65 18.79 35.92
C PRO A 216 26.34 19.92 36.67
N ARG A 217 25.93 20.24 37.90
CA ARG A 217 26.59 21.30 38.65
C ARG A 217 27.98 20.93 39.15
N THR A 218 28.30 19.64 39.30
CA THR A 218 29.56 19.25 39.90
C THR A 218 30.52 18.67 38.88
N ILE A 219 30.26 18.89 37.59
CA ILE A 219 31.16 18.41 36.57
C ILE A 219 32.49 19.13 36.70
N ASN A 220 33.57 18.36 36.78
CA ASN A 220 34.93 18.88 36.89
C ASN A 220 35.10 19.76 38.13
N LYS A 221 34.39 19.45 39.21
CA LYS A 221 34.51 20.22 40.43
C LYS A 221 35.01 19.34 41.56
N THR A 222 35.46 20.00 42.61
CA THR A 222 35.67 19.35 43.89
C THR A 222 34.43 19.59 44.71
N VAL A 223 33.90 18.52 45.31
CA VAL A 223 32.75 18.62 46.16
C VAL A 223 33.23 18.37 47.59
N TYR A 224 32.98 19.33 48.47
CA TYR A 224 33.38 19.22 49.87
C TYR A 224 32.18 18.70 50.66
N VAL A 225 32.38 17.57 51.34
CA VAL A 225 31.37 16.99 52.20
C VAL A 225 31.58 17.63 53.57
N ARG A 226 30.89 18.74 53.80
CA ARG A 226 31.02 19.48 55.05
C ARG A 226 29.64 19.86 55.57
N PRO A 227 28.84 18.87 55.97
CA PRO A 227 27.54 19.18 56.55
C PRO A 227 27.72 20.04 57.80
N THR A 228 26.95 21.12 57.86
CA THR A 228 27.25 22.24 58.75
C THR A 228 27.28 21.80 60.22
N GLU A 229 26.25 21.11 60.67
CA GLU A 229 26.22 20.77 62.09
C GLU A 229 27.21 19.68 62.48
N ASN A 230 27.95 19.11 61.53
CA ASN A 230 28.95 18.10 61.86
C ASN A 230 30.36 18.66 61.84
N VAL A 231 30.51 19.97 61.72
CA VAL A 231 31.80 20.64 61.85
C VAL A 231 32.02 20.90 63.34
N LEU A 232 32.92 20.14 63.95
CA LEU A 232 33.03 20.08 65.40
C LEU A 232 34.50 19.95 65.78
N THR A 233 34.87 20.57 66.89
CA THR A 233 36.19 20.27 67.44
C THR A 233 36.14 18.93 68.17
N GLN A 234 37.32 18.34 68.36
CA GLN A 234 37.40 17.13 69.17
C GLN A 234 36.74 17.32 70.51
N MET A 235 37.01 18.44 71.18
CA MET A 235 36.38 18.68 72.48
C MET A 235 34.86 18.77 72.36
N GLU A 236 34.35 19.32 71.27
CA GLU A 236 32.90 19.32 71.11
C GLU A 236 32.37 17.91 70.92
N LEU A 237 33.11 17.07 70.19
CA LEU A 237 32.71 15.67 70.02
C LEU A 237 32.65 14.98 71.37
N VAL A 238 33.73 15.07 72.15
CA VAL A 238 33.78 14.46 73.46
C VAL A 238 32.64 14.96 74.32
N GLN A 239 32.27 16.23 74.20
CA GLN A 239 31.23 16.76 75.06
C GLN A 239 29.84 16.31 74.63
N ILE A 240 29.65 16.02 73.34
CA ILE A 240 28.43 15.36 72.90
C ILE A 240 28.31 14.00 73.56
N TRP A 241 29.41 13.25 73.58
CA TRP A 241 29.42 11.94 74.21
C TRP A 241 29.16 12.06 75.71
N GLU A 242 29.92 12.93 76.40
CA GLU A 242 29.78 13.11 77.83
C GLU A 242 28.36 13.50 78.22
N LYS A 243 27.65 14.19 77.33
CA LYS A 243 26.27 14.52 77.64
C LYS A 243 25.34 13.35 77.38
N LEU A 244 25.67 12.50 76.42
CA LEU A 244 24.86 11.31 76.23
C LEU A 244 25.02 10.35 77.41
N THR A 245 26.25 10.17 77.91
CA THR A 245 26.51 9.21 78.97
C THR A 245 26.33 9.79 80.36
N GLY A 246 26.50 11.10 80.52
CA GLY A 246 26.47 11.68 81.85
C GLY A 246 27.72 11.45 82.63
N LYS A 247 28.80 11.06 81.98
CA LYS A 247 30.06 10.78 82.65
C LYS A 247 31.14 11.68 82.09
N GLU A 248 31.88 12.34 82.97
CA GLU A 248 33.00 13.15 82.53
C GLU A 248 34.22 12.25 82.32
N LEU A 249 34.87 12.39 81.18
CA LEU A 249 36.10 11.64 80.95
C LEU A 249 37.33 12.40 81.45
N GLU A 250 38.34 11.63 81.83
CA GLU A 250 39.61 12.19 82.25
C GLU A 250 40.41 12.56 81.02
N LYS A 251 40.72 13.84 80.88
CA LYS A 251 41.31 14.35 79.66
C LYS A 251 42.79 14.62 79.86
N THR A 252 43.60 14.15 78.91
CA THR A 252 45.04 14.38 78.90
C THR A 252 45.35 15.13 77.61
N ASN A 253 45.72 16.40 77.73
CA ASN A 253 46.09 17.20 76.57
C ASN A 253 47.47 16.82 76.08
N ILE A 254 47.61 16.65 74.77
CA ILE A 254 48.86 16.25 74.14
C ILE A 254 49.26 17.38 73.21
N SER A 255 50.38 18.02 73.52
CA SER A 255 50.80 19.16 72.72
C SER A 255 51.27 18.71 71.35
N ALA A 256 51.33 19.67 70.43
CA ALA A 256 51.83 19.38 69.11
C ALA A 256 53.11 18.54 69.16
N ASN A 257 54.22 19.13 69.64
CA ASN A 257 55.51 18.42 69.61
C ASN A 257 55.44 17.10 70.36
N ASP A 258 54.76 17.07 71.51
CA ASP A 258 54.51 15.80 72.20
C ASP A 258 53.95 14.75 71.24
N PHE A 259 53.26 15.19 70.19
CA PHE A 259 52.67 14.28 69.22
C PHE A 259 53.66 13.85 68.16
N LEU A 260 54.75 14.57 67.96
CA LEU A 260 55.71 14.25 66.89
C LEU A 260 56.91 13.48 67.44
N ALA A 261 56.66 12.43 68.22
CA ALA A 261 57.72 11.58 68.75
C ALA A 261 58.06 10.43 67.82
N ASP A 262 57.76 10.56 66.53
CA ASP A 262 57.59 9.42 65.64
C ASP A 262 58.79 9.14 64.74
N ILE A 263 59.97 9.67 65.07
CA ILE A 263 61.14 9.48 64.22
C ILE A 263 61.02 10.38 62.99
N ALA A 272 51.99 6.33 57.48
CA ALA A 272 51.93 7.78 57.47
C ALA A 272 50.76 8.26 58.32
N GLY A 273 50.25 7.37 59.17
CA GLY A 273 48.97 7.54 59.87
C GLY A 273 48.99 8.44 61.09
N LEU A 274 50.12 8.56 61.77
CA LEU A 274 50.30 9.69 62.66
C LEU A 274 50.23 11.00 61.89
N GLY A 275 50.82 11.02 60.69
CA GLY A 275 50.72 12.19 59.84
C GLY A 275 49.31 12.59 59.54
N HIS A 276 48.44 11.61 59.23
CA HIS A 276 47.04 11.91 58.96
C HIS A 276 46.40 12.61 60.14
N PHE A 277 46.48 12.02 61.34
CA PHE A 277 45.87 12.66 62.50
C PHE A 277 46.47 14.05 62.72
N TYR A 278 47.77 14.21 62.48
CA TYR A 278 48.39 15.48 62.78
C TYR A 278 47.82 16.58 61.89
N HIS A 279 47.63 16.28 60.60
CA HIS A 279 47.08 17.26 59.68
C HIS A 279 45.62 17.59 60.04
N ILE A 280 44.86 16.60 60.48
CA ILE A 280 43.45 16.82 60.76
C ILE A 280 43.29 17.63 62.05
N PHE A 281 43.89 17.16 63.14
CA PHE A 281 43.59 17.70 64.46
C PHE A 281 44.52 18.81 64.92
N TYR A 282 45.73 18.89 64.38
CA TYR A 282 46.63 20.00 64.75
C TYR A 282 46.62 21.11 63.70
N GLU A 283 46.80 20.77 62.42
CA GLU A 283 46.75 21.76 61.35
C GLU A 283 45.33 22.13 60.91
N GLY A 284 44.31 21.37 61.32
CA GLY A 284 42.95 21.72 60.94
C GLY A 284 42.71 21.71 59.45
N CYS A 285 43.30 20.74 58.75
CA CYS A 285 43.29 20.76 57.29
C CYS A 285 41.90 20.58 56.68
N LEU A 286 40.90 20.11 57.44
CA LEU A 286 39.59 19.90 56.86
C LEU A 286 38.72 21.16 56.90
N THR A 287 39.05 22.12 57.76
CA THR A 287 38.17 23.25 58.00
C THR A 287 38.83 24.61 57.82
N ASP A 288 40.07 24.69 57.36
CA ASP A 288 40.74 25.99 57.41
C ASP A 288 40.38 26.88 56.23
N HIS A 289 39.84 26.33 55.15
CA HIS A 289 39.33 27.11 54.03
C HIS A 289 37.82 26.98 53.94
N GLU A 290 37.15 28.10 53.77
CA GLU A 290 35.70 28.11 53.66
C GLU A 290 35.28 27.64 52.27
N VAL A 291 34.07 27.09 52.18
CA VAL A 291 33.56 26.50 50.95
C VAL A 291 32.23 27.16 50.63
N GLY A 292 32.01 27.45 49.35
CA GLY A 292 30.74 28.00 48.93
C GLY A 292 29.65 26.94 48.80
N ASP A 293 28.39 27.42 48.86
CA ASP A 293 27.24 26.52 48.75
C ASP A 293 27.27 25.71 47.47
N ASP A 294 27.78 26.29 46.38
CA ASP A 294 27.79 25.57 45.11
C ASP A 294 28.83 24.44 45.05
N GLU A 295 29.57 24.20 46.12
CA GLU A 295 30.56 23.14 46.10
C GLU A 295 30.55 22.32 47.39
N GLU A 296 29.54 22.45 48.23
CA GLU A 296 29.47 21.72 49.48
C GLU A 296 28.23 20.82 49.43
N ALA A 297 28.43 19.55 49.79
CA ALA A 297 27.42 18.52 49.51
C ALA A 297 26.09 18.82 50.19
N SER A 298 26.12 19.20 51.45
CA SER A 298 24.85 19.34 52.17
C SER A 298 24.02 20.51 51.66
N LYS A 299 24.65 21.51 51.04
CA LYS A 299 23.96 22.60 50.37
C LYS A 299 23.50 22.22 48.98
N LEU A 300 24.34 21.49 48.24
CA LEU A 300 23.95 20.97 46.94
C LEU A 300 22.76 20.02 47.06
N TYR A 301 22.74 19.20 48.08
CA TYR A 301 21.72 18.14 48.24
C TYR A 301 21.11 18.27 49.62
N PRO A 302 20.31 19.32 49.83
CA PRO A 302 19.74 19.56 51.17
C PRO A 302 18.68 18.55 51.57
N ASP A 303 18.25 17.68 50.65
CA ASP A 303 17.32 16.62 51.01
C ASP A 303 17.99 15.46 51.75
N VAL A 304 19.32 15.41 51.80
CA VAL A 304 20.04 14.39 52.54
C VAL A 304 20.00 14.78 54.02
N LYS A 305 19.23 14.05 54.81
CA LYS A 305 19.12 14.30 56.24
C LYS A 305 20.29 13.60 56.93
N TYR A 306 21.44 14.26 56.87
CA TYR A 306 22.67 13.62 57.30
C TYR A 306 22.61 13.31 58.78
N THR A 307 23.30 12.25 59.17
CA THR A 307 23.31 11.85 60.58
C THR A 307 24.18 12.82 61.38
N ARG A 308 23.59 13.44 62.39
CA ARG A 308 24.35 14.26 63.31
C ARG A 308 25.08 13.37 64.32
N MET A 309 26.19 13.89 64.86
CA MET A 309 27.04 13.04 65.66
C MET A 309 26.41 12.63 66.99
N ASP A 310 25.45 13.39 67.51
CA ASP A 310 24.77 12.91 68.71
C ASP A 310 23.93 11.67 68.38
N GLU A 311 23.30 11.64 67.20
CA GLU A 311 22.58 10.44 66.77
C GLU A 311 23.56 9.31 66.48
N TYR A 312 24.64 9.61 65.76
CA TYR A 312 25.64 8.60 65.43
C TYR A 312 26.14 7.87 66.68
N LEU A 313 26.46 8.64 67.73
CA LEU A 313 27.08 8.05 68.91
C LEU A 313 26.10 7.23 69.73
N LYS A 314 24.79 7.37 69.48
CA LYS A 314 23.82 6.67 70.30
C LYS A 314 23.98 5.17 70.23
N ILE A 315 24.39 4.63 69.08
CA ILE A 315 24.49 3.19 68.95
C ILE A 315 25.49 2.60 69.96
N PHE A 316 26.38 3.41 70.54
CA PHE A 316 27.37 2.89 71.48
C PHE A 316 26.92 2.90 72.94
N LEU A 317 25.77 3.49 73.24
CA LEU A 317 25.36 3.65 74.63
C LEU A 317 25.02 2.33 75.31
N GLY B 7 -38.72 -27.47 -42.65
CA GLY B 7 -39.93 -28.21 -42.35
C GLY B 7 -39.78 -29.72 -42.44
N GLU B 8 -40.33 -30.43 -41.45
CA GLU B 8 -40.23 -31.88 -41.30
C GLU B 8 -38.82 -32.36 -41.01
N LYS B 9 -37.85 -31.45 -40.93
CA LYS B 9 -36.50 -31.79 -40.47
C LYS B 9 -36.52 -31.96 -38.96
N THR B 10 -35.78 -32.95 -38.48
CA THR B 10 -35.48 -33.00 -37.05
C THR B 10 -34.62 -31.81 -36.67
N ARG B 11 -34.96 -31.16 -35.55
CA ARG B 11 -34.15 -30.06 -35.04
C ARG B 11 -33.22 -30.58 -33.97
N VAL B 12 -31.94 -30.23 -34.08
CA VAL B 12 -30.91 -30.80 -33.23
C VAL B 12 -30.10 -29.67 -32.60
N LEU B 13 -29.99 -29.69 -31.28
CA LEU B 13 -29.05 -28.87 -30.56
C LEU B 13 -27.82 -29.70 -30.21
N VAL B 14 -26.63 -29.21 -30.60
CA VAL B 14 -25.35 -29.83 -30.24
C VAL B 14 -24.71 -29.01 -29.14
N VAL B 15 -24.34 -29.68 -28.04
CA VAL B 15 -23.75 -29.04 -26.88
C VAL B 15 -22.28 -29.46 -26.80
N GLY B 16 -21.39 -28.48 -26.67
CA GLY B 16 -19.97 -28.70 -26.88
C GLY B 16 -19.58 -28.71 -28.34
N GLY B 17 -20.18 -27.81 -29.13
CA GLY B 17 -20.03 -27.81 -30.57
C GLY B 17 -18.63 -27.52 -31.07
N THR B 18 -17.77 -26.90 -30.26
CA THR B 18 -16.41 -26.62 -30.71
C THR B 18 -15.41 -27.64 -30.21
N GLY B 19 -15.87 -28.72 -29.57
CA GLY B 19 -14.99 -29.81 -29.20
C GLY B 19 -14.62 -30.66 -30.39
N THR B 20 -13.77 -31.65 -30.14
CA THR B 20 -13.26 -32.48 -31.22
C THR B 20 -14.39 -33.26 -31.87
N MET B 21 -15.18 -33.98 -31.06
CA MET B 21 -16.34 -34.73 -31.55
C MET B 21 -17.51 -33.81 -31.85
N GLY B 22 -17.67 -32.77 -31.03
CA GLY B 22 -18.80 -31.86 -31.20
C GLY B 22 -18.81 -31.16 -32.54
N ARG B 23 -17.65 -30.73 -33.02
CA ARG B 23 -17.60 -30.01 -34.29
C ARG B 23 -17.98 -30.92 -35.45
N ARG B 24 -17.54 -32.19 -35.38
CA ARG B 24 -17.88 -33.14 -36.42
C ARG B 24 -19.35 -33.53 -36.38
N ILE B 25 -19.94 -33.57 -35.19
CA ILE B 25 -21.37 -33.81 -35.05
C ILE B 25 -22.17 -32.66 -35.63
N VAL B 26 -21.76 -31.41 -35.36
CA VAL B 26 -22.42 -30.26 -35.98
C VAL B 26 -22.47 -30.46 -37.50
N ARG B 27 -21.31 -30.72 -38.09
CA ARG B 27 -21.24 -30.85 -39.54
C ARG B 27 -21.96 -32.10 -40.04
N ALA B 28 -21.90 -33.20 -39.30
CA ALA B 28 -22.64 -34.39 -39.71
C ALA B 28 -24.14 -34.16 -39.64
N CYS B 29 -24.60 -33.39 -38.66
CA CYS B 29 -26.03 -33.12 -38.58
C CYS B 29 -26.49 -32.27 -39.76
N LEU B 30 -25.69 -31.28 -40.15
CA LEU B 30 -26.06 -30.46 -41.30
C LEU B 30 -26.11 -31.31 -42.56
N ALA B 31 -25.13 -32.20 -42.72
CA ALA B 31 -25.05 -33.03 -43.92
C ALA B 31 -26.21 -34.03 -43.99
N GLU B 32 -26.77 -34.45 -42.85
CA GLU B 32 -27.95 -35.30 -42.88
C GLU B 32 -29.22 -34.52 -43.20
N GLY B 33 -29.16 -33.20 -43.26
CA GLY B 33 -30.32 -32.39 -43.50
C GLY B 33 -31.11 -31.98 -42.27
N HIS B 34 -30.54 -32.12 -41.08
CA HIS B 34 -31.20 -31.62 -39.89
C HIS B 34 -31.03 -30.11 -39.75
N GLU B 35 -32.05 -29.46 -39.24
CA GLU B 35 -31.93 -28.09 -38.78
C GLU B 35 -31.07 -28.10 -37.53
N THR B 36 -29.87 -27.55 -37.59
CA THR B 36 -28.86 -27.76 -36.58
C THR B 36 -28.60 -26.49 -35.80
N TYR B 37 -28.68 -26.58 -34.47
CA TYR B 37 -28.38 -25.49 -33.55
C TYR B 37 -27.16 -25.87 -32.73
N VAL B 38 -26.31 -24.88 -32.45
CA VAL B 38 -25.10 -25.07 -31.64
C VAL B 38 -25.21 -24.20 -30.40
N LEU B 39 -24.96 -24.78 -29.24
CA LEU B 39 -24.94 -24.03 -28.00
C LEU B 39 -23.75 -23.09 -27.96
N GLN B 40 -24.01 -21.82 -27.65
CA GLN B 40 -22.97 -20.79 -27.61
C GLN B 40 -22.84 -20.32 -26.17
N GLN B 41 -21.82 -20.79 -25.48
CA GLN B 41 -21.55 -20.41 -24.10
C GLN B 41 -20.84 -19.05 -24.06
N PRO B 42 -20.99 -18.30 -22.97
CA PRO B 42 -20.27 -17.02 -22.85
C PRO B 42 -18.78 -17.27 -22.88
N GLU B 43 -18.07 -16.36 -23.54
CA GLU B 43 -16.61 -16.45 -23.61
C GLU B 43 -16.01 -16.48 -22.21
N THR B 44 -15.02 -17.33 -22.02
CA THR B 44 -14.24 -17.35 -20.78
C THR B 44 -12.91 -16.64 -20.92
N ARG B 45 -12.58 -16.21 -22.13
CA ARG B 45 -11.33 -15.53 -22.46
C ARG B 45 -11.40 -15.13 -23.92
N VAL B 46 -10.38 -14.42 -24.40
CA VAL B 46 -10.24 -14.13 -25.82
C VAL B 46 -9.69 -15.39 -26.49
N ASP B 47 -10.49 -15.97 -27.40
CA ASP B 47 -10.21 -17.30 -27.95
C ASP B 47 -10.60 -17.27 -29.42
N ILE B 48 -9.66 -16.84 -30.25
CA ILE B 48 -9.96 -16.61 -31.67
C ILE B 48 -10.44 -17.91 -32.34
N GLU B 49 -9.82 -19.03 -32.01
CA GLU B 49 -10.11 -20.24 -32.78
C GLU B 49 -11.50 -20.77 -32.45
N LYS B 50 -11.89 -20.71 -31.19
CA LYS B 50 -13.23 -21.14 -30.82
C LYS B 50 -14.31 -20.22 -31.39
N VAL B 51 -14.12 -18.90 -31.30
CA VAL B 51 -15.12 -17.98 -31.84
C VAL B 51 -15.26 -18.19 -33.34
N GLN B 52 -14.12 -18.39 -34.03
CA GLN B 52 -14.19 -18.52 -35.48
C GLN B 52 -14.84 -19.83 -35.90
N LEU B 53 -14.58 -20.89 -35.14
CA LEU B 53 -15.24 -22.18 -35.39
C LEU B 53 -16.75 -22.04 -35.23
N LEU B 54 -17.21 -21.47 -34.12
CA LEU B 54 -18.65 -21.31 -33.91
C LEU B 54 -19.32 -20.61 -35.08
N TYR B 55 -18.77 -19.46 -35.48
CA TYR B 55 -19.44 -18.63 -36.49
C TYR B 55 -19.31 -19.24 -37.87
N SER B 56 -18.27 -20.02 -38.11
CA SER B 56 -18.21 -20.78 -39.36
C SER B 56 -19.39 -21.75 -39.51
N TYR B 57 -19.96 -22.24 -38.39
CA TYR B 57 -21.14 -23.08 -38.54
C TYR B 57 -22.30 -22.32 -39.16
N LYS B 58 -22.43 -21.03 -38.84
CA LYS B 58 -23.51 -20.21 -39.39
C LYS B 58 -23.46 -20.18 -40.91
N ARG B 59 -22.25 -20.13 -41.48
CA ARG B 59 -22.15 -20.16 -42.93
C ARG B 59 -22.57 -21.51 -43.51
N LEU B 60 -22.52 -22.56 -42.72
CA LEU B 60 -22.97 -23.86 -43.18
C LEU B 60 -24.47 -24.05 -43.01
N GLY B 61 -25.17 -23.10 -42.39
CA GLY B 61 -26.60 -23.21 -42.21
C GLY B 61 -27.04 -23.43 -40.78
N ALA B 62 -26.11 -23.56 -39.85
CA ALA B 62 -26.43 -23.74 -38.45
C ALA B 62 -26.85 -22.42 -37.81
N ARG B 63 -27.58 -22.54 -36.70
CA ARG B 63 -27.93 -21.42 -35.85
C ARG B 63 -27.21 -21.53 -34.52
N LEU B 64 -26.86 -20.39 -33.93
CA LEU B 64 -26.26 -20.37 -32.62
C LEU B 64 -27.32 -19.98 -31.60
N ILE B 65 -27.29 -20.62 -30.43
CA ILE B 65 -28.13 -20.25 -29.31
C ILE B 65 -27.23 -19.99 -28.11
N GLU B 66 -27.25 -18.75 -27.64
CA GLU B 66 -26.52 -18.37 -26.45
C GLU B 66 -27.23 -18.88 -25.21
N ALA B 67 -26.47 -19.52 -24.33
CA ALA B 67 -26.97 -20.07 -23.09
C ALA B 67 -25.76 -20.32 -22.23
N SER B 68 -25.97 -20.32 -20.93
CA SER B 68 -24.93 -20.57 -19.95
C SER B 68 -25.41 -21.68 -19.01
N PHE B 69 -24.51 -22.59 -18.67
CA PHE B 69 -24.87 -23.68 -17.77
C PHE B 69 -25.23 -23.20 -16.38
N SER B 70 -24.75 -22.03 -15.96
CA SER B 70 -25.11 -21.47 -14.68
C SER B 70 -26.43 -20.70 -14.73
N ASP B 71 -27.21 -20.85 -15.80
CA ASP B 71 -28.45 -20.08 -15.99
C ASP B 71 -29.51 -21.07 -16.49
N HIS B 72 -30.16 -21.73 -15.53
CA HIS B 72 -31.10 -22.80 -15.85
C HIS B 72 -32.12 -22.35 -16.89
N GLN B 73 -32.62 -21.12 -16.76
CA GLN B 73 -33.64 -20.64 -17.68
C GLN B 73 -33.10 -20.53 -19.10
N SER B 74 -31.82 -20.21 -19.28
CA SER B 74 -31.29 -20.14 -20.64
C SER B 74 -31.14 -21.52 -21.24
N LEU B 75 -30.84 -22.53 -20.42
CA LEU B 75 -30.83 -23.91 -20.90
C LEU B 75 -32.24 -24.34 -21.30
N VAL B 76 -33.22 -24.03 -20.48
CA VAL B 76 -34.60 -24.39 -20.81
C VAL B 76 -34.99 -23.78 -22.15
N SER B 77 -34.78 -22.46 -22.29
CA SER B 77 -35.13 -21.80 -23.53
C SER B 77 -34.41 -22.41 -24.72
N ALA B 78 -33.13 -22.74 -24.57
CA ALA B 78 -32.41 -23.33 -25.68
C ALA B 78 -33.05 -24.66 -26.12
N VAL B 79 -33.36 -25.52 -25.16
CA VAL B 79 -33.85 -26.84 -25.56
C VAL B 79 -35.29 -26.81 -26.05
N LYS B 80 -36.07 -25.78 -25.72
CA LYS B 80 -37.43 -25.72 -26.25
C LYS B 80 -37.46 -25.52 -27.74
N GLN B 81 -36.36 -25.08 -28.35
CA GLN B 81 -36.37 -24.80 -29.78
C GLN B 81 -36.03 -26.00 -30.64
N VAL B 82 -35.72 -27.15 -30.03
CA VAL B 82 -35.23 -28.29 -30.78
C VAL B 82 -36.00 -29.54 -30.36
N ASP B 83 -35.82 -30.61 -31.14
CA ASP B 83 -36.42 -31.90 -30.86
C ASP B 83 -35.44 -32.87 -30.19
N ILE B 84 -34.14 -32.74 -30.48
CA ILE B 84 -33.13 -33.70 -30.06
C ILE B 84 -31.88 -32.95 -29.60
N VAL B 85 -31.29 -33.41 -28.50
CA VAL B 85 -30.08 -32.84 -27.94
C VAL B 85 -28.97 -33.88 -27.98
N VAL B 86 -27.81 -33.47 -28.48
CA VAL B 86 -26.57 -34.24 -28.46
C VAL B 86 -25.53 -33.43 -27.72
N ALA B 87 -24.87 -34.05 -26.75
CA ALA B 87 -23.77 -33.41 -26.01
C ALA B 87 -22.47 -34.17 -26.27
N ALA B 88 -21.39 -33.41 -26.38
CA ALA B 88 -20.07 -33.94 -26.69
C ALA B 88 -19.03 -33.13 -25.92
N MET B 89 -19.18 -33.06 -24.61
CA MET B 89 -18.22 -32.29 -23.84
C MET B 89 -17.04 -33.14 -23.45
N SER B 90 -15.91 -32.45 -23.25
CA SER B 90 -14.67 -33.01 -22.78
C SER B 90 -14.92 -34.06 -21.69
N GLY B 91 -14.26 -35.20 -21.83
CA GLY B 91 -14.36 -36.27 -20.86
C GLY B 91 -13.00 -36.90 -20.63
N VAL B 92 -12.06 -36.11 -20.12
CA VAL B 92 -10.67 -36.55 -20.04
C VAL B 92 -10.53 -37.65 -18.99
N HIS B 93 -11.25 -37.54 -17.88
CA HIS B 93 -11.01 -38.38 -16.70
C HIS B 93 -12.27 -39.10 -16.25
N PHE B 94 -12.05 -40.21 -15.54
CA PHE B 94 -12.97 -40.80 -14.55
C PHE B 94 -14.41 -40.30 -14.66
N HIS B 97 -15.72 -33.91 -14.15
CA HIS B 97 -16.10 -32.54 -13.87
C HIS B 97 -16.93 -31.96 -15.03
N SER B 98 -16.30 -31.87 -16.20
CA SER B 98 -17.01 -31.39 -17.39
C SER B 98 -18.18 -32.31 -17.77
N ILE B 99 -18.00 -33.64 -17.62
CA ILE B 99 -19.10 -34.57 -17.89
C ILE B 99 -20.30 -34.23 -17.02
N LEU B 100 -20.06 -33.92 -15.74
CA LEU B 100 -21.16 -33.72 -14.81
C LEU B 100 -21.96 -32.45 -15.08
N VAL B 101 -21.43 -31.53 -15.90
CA VAL B 101 -22.25 -30.39 -16.29
C VAL B 101 -23.54 -30.84 -16.96
N GLN B 102 -23.52 -31.99 -17.61
CA GLN B 102 -24.72 -32.51 -18.24
C GLN B 102 -25.90 -32.71 -17.29
N LEU B 103 -25.66 -32.82 -15.97
CA LEU B 103 -26.78 -32.91 -15.05
C LEU B 103 -27.67 -31.69 -15.13
N LYS B 104 -27.07 -30.50 -15.31
CA LYS B 104 -27.88 -29.31 -15.47
C LYS B 104 -28.67 -29.36 -16.76
N LEU B 105 -28.08 -29.97 -17.78
CA LEU B 105 -28.77 -30.09 -19.04
C LEU B 105 -29.97 -31.02 -18.90
N VAL B 106 -29.82 -32.09 -18.12
CA VAL B 106 -30.92 -33.03 -17.89
C VAL B 106 -32.07 -32.31 -17.16
N GLU B 107 -31.75 -31.59 -16.09
CA GLU B 107 -32.76 -30.79 -15.39
C GLU B 107 -33.52 -29.88 -16.34
N ALA B 108 -32.81 -29.25 -17.29
CA ALA B 108 -33.46 -28.31 -18.19
C ALA B 108 -34.33 -29.02 -19.22
N ILE B 109 -33.83 -30.13 -19.77
CA ILE B 109 -34.63 -30.95 -20.68
C ILE B 109 -35.87 -31.46 -19.95
N LYS B 110 -35.69 -31.94 -18.72
CA LYS B 110 -36.82 -32.46 -17.97
C LYS B 110 -37.90 -31.41 -17.84
N GLU B 111 -37.52 -30.15 -17.64
CA GLU B 111 -38.50 -29.10 -17.45
C GLU B 111 -39.09 -28.64 -18.78
N ALA B 112 -38.28 -28.59 -19.84
CA ALA B 112 -38.83 -28.26 -21.15
C ALA B 112 -39.92 -29.23 -21.56
N GLY B 113 -39.64 -30.53 -21.46
CA GLY B 113 -40.63 -31.54 -21.75
C GLY B 113 -40.78 -31.91 -23.20
N ASN B 114 -40.21 -31.13 -24.12
CA ASN B 114 -40.43 -31.30 -25.55
C ASN B 114 -39.36 -32.12 -26.24
N ILE B 115 -38.44 -32.72 -25.51
CA ILE B 115 -37.28 -33.37 -26.12
C ILE B 115 -37.57 -34.83 -26.38
N LYS B 116 -37.43 -35.24 -27.64
CA LYS B 116 -37.73 -36.61 -28.05
C LYS B 116 -36.56 -37.56 -27.81
N ARG B 117 -35.32 -37.06 -27.80
CA ARG B 117 -34.17 -37.92 -27.52
C ARG B 117 -32.97 -37.06 -27.12
N PHE B 118 -32.25 -37.53 -26.10
CA PHE B 118 -31.00 -36.92 -25.66
C PHE B 118 -29.90 -37.96 -25.80
N LEU B 119 -28.83 -37.61 -26.52
CA LEU B 119 -27.62 -38.42 -26.58
C LEU B 119 -26.53 -37.73 -25.77
N PRO B 120 -26.18 -38.24 -24.61
CA PRO B 120 -25.16 -37.58 -23.79
C PRO B 120 -23.75 -37.85 -24.33
N SER B 121 -22.78 -37.27 -23.65
CA SER B 121 -21.40 -37.27 -24.13
C SER B 121 -20.79 -38.62 -23.79
N GLU B 122 -20.77 -39.52 -24.77
CA GLU B 122 -20.28 -40.88 -24.56
C GLU B 122 -19.12 -41.13 -25.51
N PHE B 123 -19.34 -41.76 -26.66
CA PHE B 123 -18.40 -41.78 -27.77
C PHE B 123 -17.07 -42.43 -27.41
N GLY B 124 -17.05 -43.31 -26.41
CA GLY B 124 -15.88 -44.12 -26.14
C GLY B 124 -16.16 -45.43 -25.44
N MET B 125 -15.25 -45.83 -24.55
CA MET B 125 -15.49 -46.98 -23.69
C MET B 125 -16.87 -46.90 -23.07
N ASP B 126 -17.59 -48.01 -23.10
CA ASP B 126 -18.86 -48.11 -22.41
C ASP B 126 -18.62 -48.03 -20.90
N PRO B 127 -19.08 -46.98 -20.23
CA PRO B 127 -18.83 -46.90 -18.78
C PRO B 127 -19.60 -47.93 -17.97
N SER B 128 -20.67 -48.52 -18.50
CA SER B 128 -21.45 -49.50 -17.75
C SER B 128 -20.84 -50.89 -17.81
N ARG B 129 -20.06 -51.18 -18.84
CA ARG B 129 -19.48 -52.49 -19.05
C ARG B 129 -18.18 -52.69 -18.29
N MET B 130 -17.90 -51.82 -17.32
CA MET B 130 -16.76 -52.04 -16.42
C MET B 130 -17.20 -52.73 -15.14
N ASP B 142 -17.60 -43.61 -12.57
CA ASP B 142 -17.66 -42.85 -13.82
C ASP B 142 -18.76 -41.80 -13.74
N GLN B 143 -18.40 -40.57 -14.11
CA GLN B 143 -19.36 -39.49 -14.15
C GLN B 143 -20.41 -39.73 -15.24
N LYS B 144 -20.04 -40.46 -16.28
CA LYS B 144 -20.99 -40.77 -17.35
C LYS B 144 -22.12 -41.65 -16.83
N LEU B 145 -21.81 -42.63 -15.99
CA LEU B 145 -22.85 -43.43 -15.36
C LEU B 145 -23.79 -42.55 -14.55
N GLU B 146 -23.24 -41.60 -13.81
CA GLU B 146 -24.10 -40.69 -13.08
C GLU B 146 -25.02 -39.92 -14.01
N VAL B 147 -24.57 -39.64 -15.23
CA VAL B 147 -25.43 -38.92 -16.15
C VAL B 147 -26.51 -39.85 -16.72
N ARG B 148 -26.14 -41.07 -17.07
CA ARG B 148 -27.13 -42.07 -17.48
C ARG B 148 -28.24 -42.20 -16.44
N ASN B 149 -27.89 -42.35 -15.17
CA ASN B 149 -28.92 -42.52 -14.14
C ASN B 149 -29.87 -41.34 -14.13
N ALA B 150 -29.35 -40.12 -14.27
CA ALA B 150 -30.21 -38.94 -14.19
C ALA B 150 -31.12 -38.84 -15.40
N ILE B 151 -30.62 -39.22 -16.58
CA ILE B 151 -31.44 -39.24 -17.77
C ILE B 151 -32.60 -40.22 -17.60
N GLU B 152 -32.28 -41.45 -17.17
CA GLU B 152 -33.27 -42.51 -17.06
C GLU B 152 -34.27 -42.21 -15.95
N ALA B 153 -33.79 -41.77 -14.80
CA ALA B 153 -34.69 -41.36 -13.72
C ALA B 153 -35.58 -40.19 -14.11
N ALA B 154 -35.20 -39.42 -15.14
CA ALA B 154 -36.06 -38.34 -15.62
C ALA B 154 -37.03 -38.80 -16.69
N GLY B 155 -36.85 -39.99 -17.24
CA GLY B 155 -37.70 -40.47 -18.30
C GLY B 155 -37.40 -39.88 -19.66
N ILE B 156 -36.22 -39.30 -19.84
CA ILE B 156 -35.83 -38.75 -21.14
C ILE B 156 -35.36 -39.90 -22.03
N PRO B 157 -35.92 -40.05 -23.22
CA PRO B 157 -35.41 -41.08 -24.13
C PRO B 157 -33.97 -40.77 -24.56
N HIS B 158 -33.21 -41.83 -24.78
CA HIS B 158 -31.78 -41.67 -24.94
C HIS B 158 -31.26 -42.63 -25.99
N THR B 159 -30.09 -42.31 -26.51
CA THR B 159 -29.23 -43.25 -27.22
C THR B 159 -27.82 -43.03 -26.72
N TYR B 160 -27.11 -44.11 -26.41
CA TYR B 160 -25.72 -44.04 -26.00
C TYR B 160 -24.86 -44.60 -27.12
N VAL B 161 -23.99 -43.77 -27.68
CA VAL B 161 -23.07 -44.15 -28.75
C VAL B 161 -21.72 -44.47 -28.11
N VAL B 162 -21.27 -45.73 -28.24
CA VAL B 162 -20.11 -46.22 -27.51
C VAL B 162 -19.30 -47.16 -28.40
N GLY B 163 -18.11 -47.50 -27.91
CA GLY B 163 -17.44 -48.74 -28.27
C GLY B 163 -16.29 -48.66 -29.27
N ALA B 164 -15.71 -47.48 -29.49
CA ALA B 164 -14.63 -47.38 -30.46
C ALA B 164 -13.55 -46.42 -29.95
N CYS B 165 -12.37 -46.57 -30.53
CA CYS B 165 -11.22 -45.69 -30.28
C CYS B 165 -11.18 -44.64 -31.40
N PHE B 166 -11.06 -43.37 -31.03
CA PHE B 166 -10.83 -42.32 -32.04
C PHE B 166 -9.57 -42.66 -32.82
N ALA B 167 -9.68 -42.72 -34.14
CA ALA B 167 -8.51 -43.05 -34.94
C ALA B 167 -7.40 -42.03 -34.77
N ALA B 168 -7.75 -40.77 -34.45
CA ALA B 168 -6.71 -39.77 -34.27
C ALA B 168 -5.92 -40.03 -33.01
N TYR B 169 -6.57 -40.51 -31.95
CA TYR B 169 -5.86 -40.76 -30.71
C TYR B 169 -5.17 -42.12 -30.65
N PHE B 170 -5.51 -43.06 -31.54
CA PHE B 170 -5.07 -44.45 -31.37
C PHE B 170 -4.59 -45.12 -32.65
N ALA B 171 -5.05 -44.72 -33.82
CA ALA B 171 -4.61 -45.33 -35.06
C ALA B 171 -3.39 -44.62 -35.67
N GLY B 172 -3.43 -43.28 -35.74
CA GLY B 172 -2.42 -42.55 -36.50
C GLY B 172 -1.04 -42.55 -35.88
N ASN B 173 -0.97 -42.77 -34.57
CA ASN B 173 0.28 -42.96 -33.84
C ASN B 173 0.59 -44.45 -33.59
N LEU B 174 -0.06 -45.34 -34.33
CA LEU B 174 -0.01 -46.78 -34.04
C LEU B 174 -0.14 -47.03 -32.55
N SER B 175 -1.05 -46.33 -31.89
CA SER B 175 -1.38 -46.53 -30.50
C SER B 175 -0.22 -46.25 -29.56
N GLN B 176 0.82 -45.58 -30.04
CA GLN B 176 1.84 -45.08 -29.12
C GLN B 176 1.28 -43.94 -28.32
N MET B 177 1.78 -43.79 -27.10
CA MET B 177 1.37 -42.66 -26.31
C MET B 177 2.32 -41.47 -26.51
N GLY B 178 1.81 -40.28 -26.21
CA GLY B 178 2.60 -39.07 -26.30
C GLY B 178 2.73 -38.45 -27.68
N THR B 179 2.15 -39.06 -28.71
CA THR B 179 2.30 -38.55 -30.06
C THR B 179 1.06 -38.92 -30.85
N LEU B 180 0.85 -38.22 -31.96
CA LEU B 180 -0.30 -38.48 -32.82
C LEU B 180 0.10 -38.84 -34.24
N ILE B 181 1.39 -39.08 -34.49
CA ILE B 181 1.88 -39.41 -35.82
C ILE B 181 2.69 -40.70 -35.71
N PRO B 182 2.82 -41.44 -36.80
CA PRO B 182 3.51 -42.73 -36.74
C PRO B 182 4.94 -42.57 -36.25
N PRO B 183 5.41 -43.46 -35.38
CA PRO B 183 6.80 -43.38 -34.90
C PRO B 183 7.75 -43.73 -36.03
N LYS B 184 8.97 -43.22 -35.92
CA LYS B 184 9.88 -43.36 -37.05
C LYS B 184 10.50 -44.76 -37.10
N LYS B 185 11.05 -45.25 -36.00
CA LYS B 185 11.74 -46.52 -36.11
C LYS B 185 11.28 -47.58 -35.12
N LYS B 186 11.00 -47.21 -33.87
CA LYS B 186 10.55 -48.17 -32.87
C LYS B 186 9.10 -47.88 -32.45
N VAL B 187 8.46 -48.92 -31.94
CA VAL B 187 7.05 -48.90 -31.57
C VAL B 187 6.87 -49.84 -30.39
N ASN B 188 6.25 -49.34 -29.33
CA ASN B 188 5.90 -50.21 -28.19
C ASN B 188 4.66 -51.03 -28.53
N ILE B 189 4.75 -52.34 -28.29
CA ILE B 189 3.64 -53.27 -28.47
C ILE B 189 3.17 -53.70 -27.09
N TYR B 190 1.91 -53.42 -26.77
CA TYR B 190 1.39 -53.75 -25.45
C TYR B 190 1.04 -55.23 -25.39
N GLY B 191 1.57 -55.91 -24.37
CA GLY B 191 1.44 -57.37 -24.32
C GLY B 191 1.87 -58.00 -25.63
N ASP B 192 1.11 -59.01 -26.05
CA ASP B 192 1.37 -59.63 -27.34
C ASP B 192 0.90 -58.76 -28.50
N GLY B 193 0.26 -57.63 -28.22
CA GLY B 193 -0.34 -56.86 -29.29
C GLY B 193 -1.30 -57.67 -30.13
N ASN B 194 -2.09 -58.55 -29.49
CA ASN B 194 -3.11 -59.35 -30.16
C ASN B 194 -4.47 -59.25 -29.48
N VAL B 195 -4.65 -58.26 -28.61
CA VAL B 195 -5.96 -57.93 -28.06
C VAL B 195 -6.72 -57.08 -29.07
N LYS B 196 -7.94 -57.48 -29.40
CA LYS B 196 -8.70 -56.78 -30.43
C LYS B 196 -9.14 -55.40 -29.94
N VAL B 197 -9.06 -54.42 -30.86
CA VAL B 197 -9.42 -53.04 -30.58
C VAL B 197 -10.26 -52.55 -31.75
N VAL B 198 -11.02 -51.48 -31.54
CA VAL B 198 -11.86 -50.89 -32.57
C VAL B 198 -11.35 -49.49 -32.90
N TYR B 199 -10.89 -49.30 -34.12
CA TYR B 199 -10.30 -48.05 -34.61
C TYR B 199 -11.26 -47.42 -35.61
N VAL B 200 -11.78 -46.24 -35.29
CA VAL B 200 -12.79 -45.61 -36.13
C VAL B 200 -12.46 -44.15 -36.36
N ASP B 201 -12.50 -43.73 -37.63
CA ASP B 201 -12.45 -42.34 -38.00
C ASP B 201 -13.53 -41.56 -37.27
N GLU B 202 -13.12 -40.50 -36.57
CA GLU B 202 -14.09 -39.70 -35.82
C GLU B 202 -15.18 -39.13 -36.72
N ASP B 203 -14.86 -38.83 -37.97
CA ASP B 203 -15.91 -38.41 -38.91
C ASP B 203 -16.99 -39.49 -39.03
N ASP B 204 -16.60 -40.76 -39.06
CA ASP B 204 -17.59 -41.84 -39.14
C ASP B 204 -18.41 -41.92 -37.86
N ILE B 205 -17.76 -41.76 -36.70
CA ILE B 205 -18.49 -41.73 -35.44
C ILE B 205 -19.55 -40.65 -35.46
N ALA B 206 -19.20 -39.45 -35.94
CA ALA B 206 -20.17 -38.35 -36.00
C ALA B 206 -21.29 -38.65 -36.97
N GLU B 207 -20.97 -39.21 -38.14
CA GLU B 207 -22.01 -39.54 -39.11
C GLU B 207 -22.95 -40.63 -38.59
N TYR B 208 -22.40 -41.68 -37.98
CA TYR B 208 -23.26 -42.65 -37.30
C TYR B 208 -24.12 -41.98 -36.24
N THR B 209 -23.54 -41.03 -35.50
CA THR B 209 -24.33 -40.32 -34.51
C THR B 209 -25.46 -39.54 -35.19
N ALA B 210 -25.15 -38.88 -36.30
CA ALA B 210 -26.19 -38.08 -36.95
C ALA B 210 -27.28 -38.96 -37.53
N LYS B 211 -26.92 -40.17 -37.97
CA LYS B 211 -27.93 -41.07 -38.52
C LYS B 211 -28.79 -41.72 -37.43
N THR B 212 -28.19 -42.09 -36.30
CA THR B 212 -28.94 -42.79 -35.26
C THR B 212 -29.91 -41.90 -34.49
N LEU B 213 -29.65 -40.57 -34.44
CA LEU B 213 -30.28 -39.77 -33.39
C LEU B 213 -31.80 -39.64 -33.55
N ASP B 214 -32.36 -39.93 -34.71
CA ASP B 214 -33.81 -39.99 -34.84
C ASP B 214 -34.26 -41.30 -35.46
N ASP B 215 -33.43 -42.33 -35.41
CA ASP B 215 -33.75 -43.65 -35.92
C ASP B 215 -34.59 -44.38 -34.87
N PRO B 216 -35.84 -44.70 -35.19
CA PRO B 216 -36.70 -45.39 -34.20
C PRO B 216 -36.12 -46.68 -33.69
N ARG B 217 -35.29 -47.35 -34.48
CA ARG B 217 -34.69 -48.60 -34.03
C ARG B 217 -33.75 -48.42 -32.84
N THR B 218 -33.26 -47.21 -32.56
CA THR B 218 -32.21 -47.04 -31.56
C THR B 218 -32.66 -46.21 -30.36
N ILE B 219 -33.94 -45.84 -30.28
CA ILE B 219 -34.40 -45.11 -29.11
C ILE B 219 -34.23 -45.99 -27.87
N ASN B 220 -33.75 -45.38 -26.79
CA ASN B 220 -33.49 -46.03 -25.51
C ASN B 220 -32.56 -47.23 -25.64
N LYS B 221 -31.59 -47.15 -26.55
CA LYS B 221 -30.63 -48.22 -26.73
C LYS B 221 -29.19 -47.71 -26.69
N THR B 222 -28.28 -48.66 -26.46
CA THR B 222 -26.87 -48.45 -26.72
C THR B 222 -26.58 -48.83 -28.18
N VAL B 223 -25.84 -47.96 -28.88
CA VAL B 223 -25.39 -48.24 -30.23
C VAL B 223 -23.89 -48.44 -30.15
N TYR B 224 -23.42 -49.58 -30.60
CA TYR B 224 -22.00 -49.90 -30.59
C TYR B 224 -21.47 -49.56 -31.97
N VAL B 225 -20.43 -48.73 -32.01
CA VAL B 225 -19.75 -48.39 -33.26
C VAL B 225 -18.59 -49.36 -33.38
N ARG B 226 -18.74 -50.36 -34.23
CA ARG B 226 -17.76 -51.44 -34.32
C ARG B 226 -17.68 -51.89 -35.77
N PRO B 227 -17.23 -51.01 -36.66
CA PRO B 227 -17.17 -51.38 -38.08
C PRO B 227 -16.26 -52.59 -38.27
N THR B 228 -16.77 -53.58 -38.99
CA THR B 228 -16.19 -54.92 -38.93
C THR B 228 -14.71 -54.93 -39.33
N GLU B 229 -14.37 -54.30 -40.47
CA GLU B 229 -12.99 -54.34 -40.94
C GLU B 229 -12.05 -53.52 -40.10
N ASN B 230 -12.57 -52.76 -39.13
CA ASN B 230 -11.75 -51.90 -38.29
C ASN B 230 -11.54 -52.46 -36.91
N VAL B 231 -11.99 -53.68 -36.65
CA VAL B 231 -11.60 -54.41 -35.46
C VAL B 231 -10.24 -55.03 -35.74
N LEU B 232 -9.24 -54.64 -34.95
CA LEU B 232 -7.87 -54.99 -35.28
C LEU B 232 -7.05 -55.04 -34.01
N THR B 233 -6.10 -55.96 -33.97
CA THR B 233 -5.06 -55.91 -32.96
C THR B 233 -4.11 -54.76 -33.26
N GLN B 234 -3.42 -54.28 -32.22
CA GLN B 234 -2.37 -53.31 -32.46
C GLN B 234 -1.39 -53.82 -33.50
N MET B 235 -1.08 -55.12 -33.46
CA MET B 235 -0.15 -55.69 -34.41
C MET B 235 -0.70 -55.66 -35.82
N GLU B 236 -1.98 -55.95 -36.00
CA GLU B 236 -2.54 -55.81 -37.33
C GLU B 236 -2.47 -54.36 -37.80
N LEU B 237 -2.61 -53.40 -36.88
CA LEU B 237 -2.53 -52.00 -37.28
C LEU B 237 -1.11 -51.65 -37.67
N VAL B 238 -0.16 -51.89 -36.76
CA VAL B 238 1.25 -51.71 -37.04
C VAL B 238 1.62 -52.31 -38.39
N GLN B 239 1.10 -53.51 -38.68
CA GLN B 239 1.46 -54.18 -39.92
C GLN B 239 0.76 -53.56 -41.12
N ILE B 240 -0.40 -52.92 -40.93
CA ILE B 240 -0.96 -52.12 -42.01
C ILE B 240 0.00 -50.99 -42.37
N TRP B 241 0.57 -50.35 -41.34
CA TRP B 241 1.54 -49.28 -41.56
C TRP B 241 2.79 -49.84 -42.22
N GLU B 242 3.48 -50.77 -41.54
CA GLU B 242 4.62 -51.46 -42.12
C GLU B 242 4.39 -51.82 -43.58
N LYS B 243 3.21 -52.37 -43.91
CA LYS B 243 2.93 -52.65 -45.31
C LYS B 243 3.02 -51.38 -46.13
N LEU B 244 2.41 -50.29 -45.64
CA LEU B 244 2.43 -49.04 -46.39
C LEU B 244 3.83 -48.46 -46.51
N THR B 245 4.62 -48.54 -45.42
CA THR B 245 5.97 -47.98 -45.43
C THR B 245 7.01 -48.95 -45.97
N GLY B 246 6.68 -50.23 -46.12
CA GLY B 246 7.65 -51.20 -46.55
C GLY B 246 8.77 -51.44 -45.57
N LYS B 247 8.72 -50.84 -44.39
CA LYS B 247 9.77 -50.98 -43.39
C LYS B 247 9.18 -51.50 -42.09
N GLU B 248 9.91 -52.38 -41.44
CA GLU B 248 9.45 -52.98 -40.21
C GLU B 248 9.99 -52.19 -39.03
N LEU B 249 9.17 -52.03 -38.01
CA LEU B 249 9.54 -51.24 -36.84
C LEU B 249 10.16 -52.13 -35.76
N GLU B 250 10.95 -51.51 -34.89
CA GLU B 250 11.56 -52.21 -33.77
C GLU B 250 10.55 -52.31 -32.64
N LYS B 251 9.99 -53.50 -32.46
CA LYS B 251 8.91 -53.69 -31.52
C LYS B 251 9.47 -54.11 -30.17
N THR B 252 9.05 -53.42 -29.12
CA THR B 252 9.48 -53.69 -27.75
C THR B 252 8.24 -54.05 -26.95
N ASN B 253 7.93 -55.35 -26.89
CA ASN B 253 6.75 -55.82 -26.20
C ASN B 253 6.82 -55.46 -24.72
N ILE B 254 5.65 -55.31 -24.10
CA ILE B 254 5.53 -54.79 -22.75
C ILE B 254 4.27 -55.38 -22.12
N SER B 255 4.38 -55.81 -20.87
CA SER B 255 3.36 -56.63 -20.23
C SER B 255 2.69 -55.89 -19.10
N ALA B 256 1.61 -56.49 -18.59
CA ALA B 256 0.67 -55.79 -17.72
C ALA B 256 1.37 -55.07 -16.58
N ASN B 257 2.09 -55.82 -15.73
CA ASN B 257 2.76 -55.16 -14.63
C ASN B 257 3.92 -54.31 -15.13
N ASP B 258 4.49 -54.68 -16.26
CA ASP B 258 5.43 -53.77 -16.93
C ASP B 258 4.78 -52.45 -17.24
N PHE B 259 3.47 -52.46 -17.48
CA PHE B 259 2.76 -51.26 -17.92
C PHE B 259 2.49 -50.29 -16.77
N LEU B 260 1.83 -50.75 -15.71
CA LEU B 260 1.33 -49.83 -14.68
C LEU B 260 2.40 -49.37 -13.70
N ALA B 261 3.63 -49.15 -14.17
CA ALA B 261 4.66 -48.50 -13.38
C ALA B 261 4.98 -47.17 -14.03
N GLN B 271 -2.02 -42.48 -14.19
CA GLN B 271 -2.82 -41.62 -15.05
C GLN B 271 -4.08 -42.32 -15.52
N ALA B 272 -5.18 -41.57 -15.58
CA ALA B 272 -6.32 -42.05 -16.36
C ALA B 272 -5.84 -42.46 -17.75
N GLY B 273 -5.01 -41.62 -18.38
CA GLY B 273 -4.45 -41.95 -19.68
C GLY B 273 -3.90 -43.37 -19.74
N LEU B 274 -3.07 -43.73 -18.77
CA LEU B 274 -2.58 -45.10 -18.69
C LEU B 274 -3.72 -46.07 -18.42
N GLY B 275 -4.58 -45.75 -17.46
CA GLY B 275 -5.74 -46.58 -17.21
C GLY B 275 -6.53 -46.86 -18.47
N HIS B 276 -6.87 -45.81 -19.22
CA HIS B 276 -7.62 -45.98 -20.46
C HIS B 276 -6.91 -46.95 -21.39
N PHE B 277 -5.64 -46.68 -21.69
CA PHE B 277 -4.85 -47.58 -22.53
C PHE B 277 -4.88 -49.00 -21.97
N TYR B 278 -4.87 -49.12 -20.63
CA TYR B 278 -4.88 -50.43 -20.00
C TYR B 278 -6.14 -51.20 -20.35
N HIS B 279 -7.30 -50.62 -20.05
CA HIS B 279 -8.57 -51.28 -20.32
C HIS B 279 -8.69 -51.67 -21.79
N ILE B 280 -8.20 -50.81 -22.68
CA ILE B 280 -8.37 -51.04 -24.11
C ILE B 280 -7.46 -52.16 -24.60
N PHE B 281 -6.17 -52.08 -24.25
CA PHE B 281 -5.19 -52.93 -24.90
C PHE B 281 -4.78 -54.14 -24.08
N TYR B 282 -5.03 -54.14 -22.77
CA TYR B 282 -4.78 -55.33 -21.96
C TYR B 282 -6.07 -56.09 -21.67
N GLU B 283 -7.00 -55.46 -20.97
CA GLU B 283 -8.29 -56.12 -20.73
C GLU B 283 -9.10 -56.31 -22.01
N GLY B 284 -8.89 -55.48 -23.02
CA GLY B 284 -9.63 -55.62 -24.27
C GLY B 284 -11.09 -55.23 -24.17
N CYS B 285 -11.41 -54.18 -23.39
CA CYS B 285 -12.78 -53.84 -23.06
C CYS B 285 -13.65 -53.49 -24.27
N LEU B 286 -13.08 -53.29 -25.46
CA LEU B 286 -13.86 -52.91 -26.62
C LEU B 286 -14.32 -54.09 -27.45
N THR B 287 -13.81 -55.29 -27.21
CA THR B 287 -14.10 -56.41 -28.09
C THR B 287 -14.45 -57.70 -27.38
N ASP B 288 -14.66 -57.70 -26.07
CA ASP B 288 -14.87 -58.95 -25.37
C ASP B 288 -16.34 -59.33 -25.21
N HIS B 289 -17.26 -58.45 -25.61
CA HIS B 289 -18.67 -58.81 -25.74
C HIS B 289 -19.00 -58.95 -27.21
N GLU B 290 -20.02 -59.75 -27.51
CA GLU B 290 -20.59 -59.74 -28.85
C GLU B 290 -21.63 -58.63 -28.92
N VAL B 291 -21.79 -58.06 -30.11
CA VAL B 291 -22.79 -57.04 -30.34
C VAL B 291 -23.64 -57.45 -31.53
N GLY B 292 -24.96 -57.28 -31.39
CA GLY B 292 -25.86 -57.66 -32.45
C GLY B 292 -25.94 -56.64 -33.56
N ASP B 293 -26.26 -57.14 -34.75
CA ASP B 293 -26.48 -56.29 -35.91
C ASP B 293 -27.49 -55.18 -35.64
N ASP B 294 -28.47 -55.43 -34.78
CA ASP B 294 -29.50 -54.44 -34.51
C ASP B 294 -29.03 -53.36 -33.54
N GLU B 295 -27.81 -53.48 -33.01
CA GLU B 295 -27.21 -52.47 -32.14
C GLU B 295 -25.82 -52.03 -32.58
N GLU B 296 -25.38 -52.40 -33.78
CA GLU B 296 -24.04 -52.07 -34.26
C GLU B 296 -24.16 -51.11 -35.43
N ALA B 297 -23.46 -49.96 -35.32
CA ALA B 297 -23.74 -48.86 -36.25
C ALA B 297 -23.50 -49.26 -37.70
N SER B 298 -22.41 -49.97 -37.97
CA SER B 298 -22.09 -50.27 -39.37
C SER B 298 -23.16 -51.13 -40.02
N LYS B 299 -23.87 -51.95 -39.22
CA LYS B 299 -25.01 -52.72 -39.74
C LYS B 299 -26.28 -51.88 -39.78
N LEU B 300 -26.51 -51.07 -38.75
CA LEU B 300 -27.65 -50.16 -38.77
C LEU B 300 -27.61 -49.24 -39.98
N TYR B 301 -26.42 -48.76 -40.34
CA TYR B 301 -26.25 -47.72 -41.38
C TYR B 301 -25.20 -48.23 -42.36
N PRO B 302 -25.53 -49.29 -43.11
CA PRO B 302 -24.54 -49.87 -44.02
C PRO B 302 -24.12 -48.94 -45.14
N ASP B 303 -24.89 -47.88 -45.40
CA ASP B 303 -24.55 -46.90 -46.41
C ASP B 303 -23.39 -45.99 -46.01
N VAL B 304 -22.91 -46.07 -44.78
CA VAL B 304 -21.77 -45.25 -44.37
C VAL B 304 -20.50 -46.02 -44.73
N LYS B 305 -19.78 -45.51 -45.73
CA LYS B 305 -18.55 -46.17 -46.20
C LYS B 305 -17.41 -45.76 -45.26
N TYR B 306 -17.33 -46.46 -44.14
CA TYR B 306 -16.40 -46.05 -43.10
C TYR B 306 -14.97 -46.16 -43.61
N THR B 307 -14.11 -45.30 -43.07
CA THR B 307 -12.71 -45.29 -43.47
C THR B 307 -12.00 -46.50 -42.87
N ARG B 308 -11.47 -47.37 -43.72
CA ARG B 308 -10.63 -48.44 -43.22
C ARG B 308 -9.28 -47.87 -42.80
N MET B 309 -8.64 -48.54 -41.85
CA MET B 309 -7.45 -47.95 -41.25
C MET B 309 -6.31 -47.81 -42.25
N ASP B 310 -6.27 -48.66 -43.27
CA ASP B 310 -5.19 -48.53 -44.27
C ASP B 310 -5.33 -47.22 -45.04
N GLU B 311 -6.54 -46.87 -45.44
CA GLU B 311 -6.73 -45.58 -46.10
C GLU B 311 -6.51 -44.43 -45.12
N TYR B 312 -6.96 -44.58 -43.88
CA TYR B 312 -6.76 -43.52 -42.89
C TYR B 312 -5.29 -43.21 -42.68
N LEU B 313 -4.44 -44.23 -42.72
CA LEU B 313 -3.02 -44.03 -42.44
C LEU B 313 -2.27 -43.44 -43.63
N LYS B 314 -2.88 -43.40 -44.82
CA LYS B 314 -2.19 -42.91 -45.99
C LYS B 314 -1.77 -41.44 -45.87
N ILE B 315 -2.50 -40.64 -45.09
CA ILE B 315 -2.18 -39.22 -44.99
C ILE B 315 -0.84 -38.98 -44.34
N PHE B 316 -0.29 -39.97 -43.65
CA PHE B 316 0.96 -39.78 -42.93
C PHE B 316 2.19 -40.12 -43.75
N LEU B 317 2.02 -40.70 -44.93
CA LEU B 317 3.17 -41.11 -45.70
C LEU B 317 3.87 -39.88 -46.32
N GLY C 7 -17.62 11.61 14.33
CA GLY C 7 -16.48 11.40 13.45
C GLY C 7 -15.75 12.69 13.12
N GLU C 8 -16.50 13.63 12.56
CA GLU C 8 -16.04 14.99 12.28
C GLU C 8 -17.26 15.78 11.82
N LYS C 9 -17.06 17.07 11.54
CA LYS C 9 -18.19 17.99 11.37
C LYS C 9 -19.19 17.48 10.33
N THR C 10 -18.72 17.15 9.13
CA THR C 10 -19.57 16.98 7.96
C THR C 10 -19.78 18.34 7.32
N ARG C 11 -19.14 18.56 6.17
CA ARG C 11 -19.14 19.88 5.56
C ARG C 11 -20.31 20.01 4.60
N VAL C 12 -21.08 21.09 4.74
CA VAL C 12 -22.31 21.27 3.99
C VAL C 12 -22.24 22.59 3.22
N LEU C 13 -22.62 22.54 1.95
CA LEU C 13 -22.81 23.72 1.14
C LEU C 13 -24.30 23.97 0.98
N VAL C 14 -24.74 25.17 1.35
CA VAL C 14 -26.13 25.56 1.14
C VAL C 14 -26.22 26.48 -0.07
N VAL C 15 -27.13 26.12 -0.97
CA VAL C 15 -27.40 26.85 -2.20
C VAL C 15 -28.76 27.50 -2.06
N GLY C 16 -28.84 28.78 -2.38
CA GLY C 16 -30.03 29.54 -2.07
C GLY C 16 -30.06 30.00 -0.63
N GLY C 17 -28.88 30.30 -0.08
CA GLY C 17 -28.72 30.58 1.33
C GLY C 17 -29.45 31.81 1.86
N THR C 18 -29.89 32.73 0.99
CA THR C 18 -30.65 33.87 1.50
C THR C 18 -32.14 33.73 1.23
N GLY C 19 -32.56 32.58 0.70
CA GLY C 19 -33.97 32.30 0.56
C GLY C 19 -34.65 32.05 1.90
N THR C 20 -35.98 32.02 1.85
CA THR C 20 -36.76 31.82 3.07
C THR C 20 -36.35 30.54 3.79
N MET C 21 -36.32 29.44 3.06
CA MET C 21 -35.92 28.16 3.64
C MET C 21 -34.41 28.08 3.78
N GLY C 22 -33.68 28.61 2.80
CA GLY C 22 -32.22 28.50 2.81
C GLY C 22 -31.57 29.17 4.01
N ARG C 23 -32.07 30.34 4.39
CA ARG C 23 -31.48 31.03 5.54
C ARG C 23 -31.72 30.24 6.82
N ARG C 24 -32.89 29.61 6.95
CA ARG C 24 -33.13 28.74 8.11
C ARG C 24 -32.24 27.51 8.08
N ILE C 25 -32.01 26.97 6.88
CA ILE C 25 -31.14 25.81 6.75
C ILE C 25 -29.70 26.15 7.08
N VAL C 26 -29.23 27.34 6.66
CA VAL C 26 -27.89 27.77 7.04
C VAL C 26 -27.74 27.73 8.56
N ARG C 27 -28.65 28.41 9.25
CA ARG C 27 -28.54 28.51 10.70
C ARG C 27 -28.69 27.15 11.38
N ALA C 28 -29.52 26.28 10.82
CA ALA C 28 -29.71 24.95 11.37
C ALA C 28 -28.44 24.13 11.28
N CYS C 29 -27.79 24.17 10.12
CA CYS C 29 -26.55 23.44 9.94
C CYS C 29 -25.47 23.91 10.91
N LEU C 30 -25.38 25.22 11.13
CA LEU C 30 -24.46 25.73 12.14
C LEU C 30 -24.85 25.24 13.52
N ALA C 31 -26.15 25.33 13.84
CA ALA C 31 -26.60 24.83 15.14
C ALA C 31 -26.24 23.37 15.33
N GLU C 32 -26.41 22.54 14.29
CA GLU C 32 -26.10 21.12 14.44
C GLU C 32 -24.61 20.85 14.55
N GLY C 33 -23.76 21.85 14.33
CA GLY C 33 -22.33 21.64 14.39
C GLY C 33 -21.66 21.33 13.08
N HIS C 34 -22.32 21.57 11.96
CA HIS C 34 -21.66 21.35 10.67
C HIS C 34 -20.79 22.54 10.29
N GLU C 35 -19.65 22.23 9.67
CA GLU C 35 -18.89 23.26 8.96
C GLU C 35 -19.71 23.67 7.74
N THR C 36 -20.20 24.90 7.74
CA THR C 36 -21.29 25.31 6.86
C THR C 36 -20.82 26.35 5.84
N TYR C 37 -21.07 26.07 4.57
CA TYR C 37 -20.68 26.93 3.47
C TYR C 37 -21.93 27.41 2.75
N VAL C 38 -21.92 28.67 2.32
CA VAL C 38 -23.06 29.26 1.63
C VAL C 38 -22.60 29.74 0.26
N LEU C 39 -23.46 29.53 -0.74
CA LEU C 39 -23.15 29.94 -2.09
C LEU C 39 -23.36 31.42 -2.22
N GLN C 40 -22.33 32.12 -2.67
CA GLN C 40 -22.39 33.55 -2.90
C GLN C 40 -22.46 33.75 -4.40
N GLN C 41 -23.54 34.08 -4.84
CA GLN C 41 -23.81 34.36 -6.24
C GLN C 41 -23.53 35.83 -6.55
N PRO C 42 -23.03 36.11 -7.75
CA PRO C 42 -22.72 37.50 -8.11
C PRO C 42 -23.97 38.36 -7.98
N GLU C 43 -23.78 39.60 -7.54
CA GLU C 43 -24.94 40.46 -7.33
C GLU C 43 -25.63 40.72 -8.67
N THR C 44 -26.96 40.69 -8.65
CA THR C 44 -27.73 41.12 -9.81
C THR C 44 -28.18 42.57 -9.71
N ARG C 45 -28.02 43.17 -8.53
CA ARG C 45 -28.53 44.51 -8.22
C ARG C 45 -27.88 44.96 -6.93
N VAL C 46 -28.08 46.24 -6.62
CA VAL C 46 -27.81 46.77 -5.28
C VAL C 46 -28.88 46.19 -4.37
N ASP C 47 -28.54 45.15 -3.59
CA ASP C 47 -29.50 44.40 -2.77
C ASP C 47 -28.99 44.36 -1.35
N ILE C 48 -29.27 45.41 -0.59
CA ILE C 48 -28.63 45.58 0.71
C ILE C 48 -28.99 44.45 1.67
N GLU C 49 -30.27 44.08 1.73
CA GLU C 49 -30.64 43.09 2.73
C GLU C 49 -30.14 41.70 2.34
N LYS C 50 -30.04 41.42 1.04
CA LYS C 50 -29.43 40.17 0.63
C LYS C 50 -27.96 40.10 1.05
N VAL C 51 -27.20 41.20 0.86
CA VAL C 51 -25.78 41.19 1.18
C VAL C 51 -25.56 41.08 2.68
N GLN C 52 -26.32 41.83 3.47
CA GLN C 52 -26.16 41.80 4.92
C GLN C 52 -26.50 40.43 5.48
N LEU C 53 -27.54 39.78 4.93
CA LEU C 53 -27.87 38.43 5.34
C LEU C 53 -26.70 37.48 5.08
N LEU C 54 -26.18 37.50 3.86
CA LEU C 54 -25.02 36.65 3.52
C LEU C 54 -23.85 36.84 4.48
N TYR C 55 -23.46 38.10 4.74
CA TYR C 55 -22.30 38.34 5.58
C TYR C 55 -22.59 38.13 7.06
N SER C 56 -23.85 38.27 7.50
CA SER C 56 -24.20 37.87 8.84
C SER C 56 -23.86 36.40 9.10
N TYR C 57 -23.94 35.53 8.10
CA TYR C 57 -23.60 34.13 8.34
C TYR C 57 -22.14 33.97 8.76
N LYS C 58 -21.25 34.83 8.24
CA LYS C 58 -19.84 34.74 8.61
C LYS C 58 -19.65 34.92 10.10
N ARG C 59 -20.37 35.88 10.70
CA ARG C 59 -20.24 36.12 12.13
C ARG C 59 -20.62 34.89 12.93
N LEU C 60 -21.48 34.04 12.37
CA LEU C 60 -21.94 32.83 13.03
C LEU C 60 -21.00 31.65 12.79
N GLY C 61 -19.95 31.82 12.00
CA GLY C 61 -19.02 30.74 11.74
C GLY C 61 -19.13 30.10 10.37
N ALA C 62 -20.04 30.56 9.51
CA ALA C 62 -20.15 30.04 8.15
C ALA C 62 -19.09 30.66 7.24
N ARG C 63 -18.80 29.94 6.15
CA ARG C 63 -17.96 30.45 5.07
C ARG C 63 -18.82 30.68 3.83
N LEU C 64 -18.43 31.68 3.05
CA LEU C 64 -19.07 31.95 1.77
C LEU C 64 -18.18 31.43 0.65
N ILE C 65 -18.79 30.92 -0.41
CA ILE C 65 -18.06 30.56 -1.61
C ILE C 65 -18.72 31.22 -2.78
N GLU C 66 -17.97 32.07 -3.47
CA GLU C 66 -18.49 32.70 -4.67
C GLU C 66 -18.49 31.69 -5.80
N ALA C 67 -19.58 31.65 -6.54
CA ALA C 67 -19.73 30.76 -7.67
C ALA C 67 -20.86 31.30 -8.51
N SER C 68 -20.86 30.93 -9.77
CA SER C 68 -21.93 31.30 -10.67
C SER C 68 -22.48 30.04 -11.31
N PHE C 69 -23.80 30.00 -11.49
CA PHE C 69 -24.44 28.89 -12.19
C PHE C 69 -24.08 28.86 -13.67
N SER C 70 -23.74 30.01 -14.23
CA SER C 70 -23.30 30.13 -15.62
C SER C 70 -21.79 29.93 -15.76
N ASP C 71 -21.13 29.39 -14.76
CA ASP C 71 -19.67 29.15 -14.81
C ASP C 71 -19.48 27.77 -14.22
N HIS C 72 -19.53 26.75 -15.10
CA HIS C 72 -19.49 25.38 -14.63
C HIS C 72 -18.33 25.13 -13.69
N GLN C 73 -17.17 25.76 -13.96
CA GLN C 73 -15.99 25.46 -13.17
C GLN C 73 -16.09 26.02 -11.76
N SER C 74 -16.84 27.11 -11.57
CA SER C 74 -17.00 27.64 -10.22
C SER C 74 -17.92 26.76 -9.38
N LEU C 75 -18.92 26.12 -10.00
CA LEU C 75 -19.75 25.15 -9.27
C LEU C 75 -18.93 23.95 -8.85
N VAL C 76 -18.12 23.43 -9.75
CA VAL C 76 -17.26 22.29 -9.44
C VAL C 76 -16.39 22.62 -8.24
N SER C 77 -15.68 23.75 -8.29
CA SER C 77 -14.76 24.10 -7.21
C SER C 77 -15.49 24.24 -5.89
N ALA C 78 -16.67 24.84 -5.90
CA ALA C 78 -17.43 25.02 -4.67
C ALA C 78 -17.80 23.68 -4.05
N VAL C 79 -18.36 22.76 -4.83
CA VAL C 79 -18.82 21.50 -4.24
C VAL C 79 -17.64 20.64 -3.82
N LYS C 80 -16.48 20.82 -4.45
CA LYS C 80 -15.32 20.02 -4.07
C LYS C 80 -14.85 20.30 -2.65
N GLN C 81 -15.36 21.37 -2.02
CA GLN C 81 -14.93 21.72 -0.67
C GLN C 81 -15.88 21.23 0.41
N VAL C 82 -16.86 20.37 0.09
CA VAL C 82 -17.89 19.97 1.04
C VAL C 82 -18.27 18.51 0.85
N ASP C 83 -18.83 17.93 1.91
CA ASP C 83 -19.31 16.56 1.83
C ASP C 83 -20.77 16.48 1.40
N ILE C 84 -21.57 17.49 1.69
CA ILE C 84 -23.00 17.42 1.43
C ILE C 84 -23.48 18.75 0.88
N VAL C 85 -24.42 18.69 -0.06
CA VAL C 85 -25.00 19.85 -0.70
C VAL C 85 -26.50 19.87 -0.42
N VAL C 86 -27.00 21.03 -0.03
CA VAL C 86 -28.43 21.26 0.19
C VAL C 86 -28.85 22.51 -0.56
N ALA C 87 -29.85 22.36 -1.42
CA ALA C 87 -30.37 23.49 -2.19
C ALA C 87 -31.80 23.82 -1.77
N ALA C 88 -32.12 25.11 -1.81
CA ALA C 88 -33.44 25.63 -1.45
C ALA C 88 -33.72 26.86 -2.31
N MET C 89 -33.95 26.61 -3.59
CA MET C 89 -34.25 27.66 -4.56
C MET C 89 -35.74 27.93 -4.58
N SER C 90 -36.10 29.18 -4.89
CA SER C 90 -37.51 29.57 -4.98
C SER C 90 -38.29 28.65 -5.91
N GLY C 91 -39.62 28.75 -5.85
CA GLY C 91 -40.48 27.97 -6.73
C GLY C 91 -41.97 28.26 -6.58
N HIS C 97 -38.15 28.05 -13.40
CA HIS C 97 -36.75 28.14 -13.81
C HIS C 97 -35.82 27.96 -12.61
N SER C 98 -36.07 28.77 -11.59
CA SER C 98 -35.34 28.63 -10.33
C SER C 98 -35.05 27.17 -10.01
N ILE C 99 -36.05 26.29 -10.13
CA ILE C 99 -35.84 24.88 -9.82
C ILE C 99 -34.83 24.26 -10.80
N LEU C 100 -35.01 24.51 -12.08
CA LEU C 100 -34.22 23.85 -13.12
C LEU C 100 -32.74 24.24 -13.11
N VAL C 101 -32.36 25.35 -12.49
CA VAL C 101 -30.94 25.68 -12.46
C VAL C 101 -30.16 24.62 -11.68
N GLN C 102 -30.84 23.80 -10.88
CA GLN C 102 -30.18 22.73 -10.15
C GLN C 102 -29.56 21.69 -11.07
N LEU C 103 -30.05 21.60 -12.31
CA LEU C 103 -29.42 20.70 -13.27
C LEU C 103 -27.95 21.03 -13.44
N LYS C 104 -27.63 22.32 -13.57
CA LYS C 104 -26.23 22.73 -13.64
C LYS C 104 -25.49 22.26 -12.40
N LEU C 105 -26.13 22.34 -11.24
CA LEU C 105 -25.49 21.92 -10.00
C LEU C 105 -25.25 20.42 -9.97
N VAL C 106 -26.17 19.64 -10.55
CA VAL C 106 -25.99 18.18 -10.57
C VAL C 106 -24.83 17.81 -11.47
N GLU C 107 -24.74 18.45 -12.64
CA GLU C 107 -23.58 18.21 -13.51
C GLU C 107 -22.29 18.45 -12.75
N ALA C 108 -22.23 19.55 -11.99
CA ALA C 108 -21.02 19.84 -11.23
C ALA C 108 -20.78 18.78 -10.16
N ILE C 109 -21.81 18.46 -9.38
CA ILE C 109 -21.69 17.39 -8.38
C ILE C 109 -21.18 16.12 -9.04
N LYS C 110 -21.77 15.76 -10.18
CA LYS C 110 -21.32 14.59 -10.91
C LYS C 110 -19.82 14.64 -11.17
N GLU C 111 -19.32 15.75 -11.72
CA GLU C 111 -17.92 15.81 -12.09
C GLU C 111 -17.02 15.79 -10.85
N ALA C 112 -17.35 16.60 -9.85
CA ALA C 112 -16.50 16.66 -8.65
C ALA C 112 -16.33 15.29 -8.03
N GLY C 113 -17.43 14.57 -7.83
CA GLY C 113 -17.35 13.19 -7.41
C GLY C 113 -17.03 12.96 -5.95
N ASN C 114 -17.07 13.99 -5.11
CA ASN C 114 -16.81 13.82 -3.70
C ASN C 114 -18.05 13.97 -2.82
N ILE C 115 -19.20 14.31 -3.40
CA ILE C 115 -20.38 14.63 -2.60
C ILE C 115 -21.03 13.34 -2.09
N LYS C 116 -21.08 13.18 -0.78
CA LYS C 116 -21.72 12.03 -0.16
C LYS C 116 -23.24 12.11 -0.18
N ARG C 117 -23.82 13.30 -0.30
CA ARG C 117 -25.27 13.37 -0.42
C ARG C 117 -25.72 14.73 -0.91
N PHE C 118 -26.85 14.75 -1.61
CA PHE C 118 -27.43 15.95 -2.17
C PHE C 118 -28.91 16.01 -1.81
N LEU C 119 -29.33 17.12 -1.19
CA LEU C 119 -30.73 17.35 -0.89
C LEU C 119 -31.28 18.44 -1.80
N PRO C 120 -32.02 18.10 -2.83
CA PRO C 120 -32.50 19.12 -3.76
C PRO C 120 -33.61 19.96 -3.15
N SER C 121 -34.06 20.95 -3.90
CA SER C 121 -34.98 21.94 -3.37
C SER C 121 -36.39 21.36 -3.44
N GLU C 122 -36.80 20.77 -2.31
CA GLU C 122 -38.08 20.09 -2.18
C GLU C 122 -38.91 20.87 -1.16
N PHE C 123 -39.06 20.37 0.08
CA PHE C 123 -39.65 21.12 1.19
C PHE C 123 -41.11 21.49 0.95
N GLY C 124 -41.81 20.77 0.10
CA GLY C 124 -43.21 21.04 -0.16
C GLY C 124 -43.97 19.77 -0.49
N MET C 125 -45.04 19.91 -1.27
CA MET C 125 -45.76 18.74 -1.76
C MET C 125 -44.81 17.77 -2.44
N ASP C 126 -45.01 16.48 -2.22
CA ASP C 126 -44.17 15.53 -2.93
C ASP C 126 -44.57 15.52 -4.39
N PRO C 127 -43.76 16.07 -5.30
CA PRO C 127 -44.19 16.16 -6.69
C PRO C 127 -44.48 14.80 -7.31
N SER C 128 -43.83 13.74 -6.84
CA SER C 128 -44.09 12.43 -7.43
C SER C 128 -45.48 11.86 -7.04
N ARG C 129 -46.41 12.67 -6.51
CA ARG C 129 -47.76 12.23 -6.18
C ARG C 129 -48.82 13.13 -6.79
N MET C 130 -48.50 13.86 -7.85
CA MET C 130 -49.42 14.85 -8.39
C MET C 130 -49.87 14.55 -9.81
N ASP C 142 -43.66 18.50 -13.66
CA ASP C 142 -42.87 19.17 -12.63
C ASP C 142 -41.40 19.17 -12.96
N GLN C 143 -40.75 20.32 -12.73
CA GLN C 143 -39.30 20.41 -12.85
C GLN C 143 -38.57 19.81 -11.67
N LYS C 144 -39.21 19.73 -10.50
CA LYS C 144 -38.61 19.01 -9.39
C LYS C 144 -38.37 17.55 -9.75
N LEU C 145 -39.35 16.91 -10.40
CA LEU C 145 -39.16 15.53 -10.86
C LEU C 145 -38.02 15.43 -11.86
N GLU C 146 -37.94 16.39 -12.78
CA GLU C 146 -36.80 16.47 -13.69
C GLU C 146 -35.48 16.49 -12.93
N VAL C 147 -35.42 17.28 -11.85
CA VAL C 147 -34.19 17.36 -11.08
C VAL C 147 -33.89 16.04 -10.38
N ARG C 148 -34.92 15.41 -9.81
CA ARG C 148 -34.75 14.07 -9.25
C ARG C 148 -34.17 13.12 -10.30
N ASN C 149 -34.74 13.11 -11.50
CA ASN C 149 -34.26 12.18 -12.50
C ASN C 149 -32.77 12.37 -12.75
N ALA C 150 -32.32 13.63 -12.83
CA ALA C 150 -30.91 13.88 -13.07
C ALA C 150 -30.05 13.42 -11.89
N ILE C 151 -30.46 13.75 -10.66
CA ILE C 151 -29.74 13.25 -9.49
C ILE C 151 -29.56 11.75 -9.55
N GLU C 152 -30.65 11.03 -9.84
CA GLU C 152 -30.61 9.58 -9.76
C GLU C 152 -29.83 8.98 -10.94
N ALA C 153 -30.14 9.42 -12.16
CA ALA C 153 -29.35 9.01 -13.32
C ALA C 153 -27.85 9.17 -13.08
N ALA C 154 -27.46 10.25 -12.40
CA ALA C 154 -26.06 10.52 -12.12
C ALA C 154 -25.50 9.65 -11.00
N GLY C 155 -26.37 9.00 -10.22
CA GLY C 155 -25.92 8.16 -9.15
C GLY C 155 -25.52 8.91 -7.90
N ILE C 156 -26.06 10.10 -7.68
CA ILE C 156 -25.71 10.92 -6.53
C ILE C 156 -26.63 10.52 -5.37
N PRO C 157 -26.10 10.08 -4.24
CA PRO C 157 -26.97 9.82 -3.08
C PRO C 157 -27.77 11.06 -2.71
N HIS C 158 -29.01 10.83 -2.28
CA HIS C 158 -29.97 11.92 -2.14
C HIS C 158 -30.85 11.69 -0.91
N THR C 159 -31.43 12.80 -0.42
CA THR C 159 -32.59 12.77 0.45
C THR C 159 -33.55 13.83 -0.03
N TYR C 160 -34.82 13.49 -0.09
CA TYR C 160 -35.90 14.40 -0.47
C TYR C 160 -36.73 14.69 0.77
N VAL C 161 -36.79 15.95 1.17
CA VAL C 161 -37.55 16.37 2.33
C VAL C 161 -38.86 16.95 1.84
N VAL C 162 -39.99 16.31 2.19
CA VAL C 162 -41.28 16.68 1.61
C VAL C 162 -42.36 16.67 2.68
N GLY C 163 -43.54 17.16 2.31
CA GLY C 163 -44.79 16.80 2.96
C GLY C 163 -45.43 17.81 3.89
N ALA C 164 -44.91 19.04 4.03
CA ALA C 164 -45.46 19.99 5.00
C ALA C 164 -45.75 21.35 4.40
N CYS C 165 -46.83 21.97 4.84
CA CYS C 165 -47.14 23.36 4.59
C CYS C 165 -46.31 24.24 5.53
N PHE C 166 -45.57 25.21 4.96
CA PHE C 166 -44.91 26.24 5.76
C PHE C 166 -45.92 26.98 6.63
N ALA C 167 -45.67 27.02 7.93
CA ALA C 167 -46.61 27.63 8.86
C ALA C 167 -46.83 29.11 8.55
N ALA C 168 -45.81 29.79 8.03
CA ALA C 168 -45.97 31.20 7.69
C ALA C 168 -46.92 31.40 6.53
N TYR C 169 -46.87 30.50 5.56
CA TYR C 169 -47.74 30.63 4.40
C TYR C 169 -49.16 30.08 4.61
N PHE C 170 -49.37 29.17 5.56
CA PHE C 170 -50.67 28.51 5.67
C PHE C 170 -51.29 28.52 7.06
N ALA C 171 -50.52 28.73 8.12
CA ALA C 171 -51.09 28.69 9.46
C ALA C 171 -51.35 30.08 10.05
N GLY C 172 -50.37 30.99 9.96
CA GLY C 172 -50.53 32.32 10.56
C GLY C 172 -51.67 33.12 9.97
N ASN C 173 -52.05 32.81 8.74
CA ASN C 173 -53.19 33.41 8.08
C ASN C 173 -54.45 32.52 8.18
N LEU C 174 -54.41 31.48 9.00
CA LEU C 174 -55.52 30.52 9.05
C LEU C 174 -55.88 30.05 7.64
N SER C 175 -54.85 29.85 6.83
CA SER C 175 -54.99 29.32 5.48
C SER C 175 -55.74 30.27 4.54
N GLN C 176 -55.97 31.52 4.94
CA GLN C 176 -56.51 32.49 3.98
C GLN C 176 -55.45 32.88 2.97
N MET C 177 -55.89 33.12 1.72
CA MET C 177 -54.98 33.58 0.69
C MET C 177 -54.82 35.10 0.74
N GLY C 178 -53.71 35.58 0.18
CA GLY C 178 -53.47 37.00 0.08
C GLY C 178 -53.10 37.70 1.37
N THR C 179 -52.76 36.97 2.42
CA THR C 179 -52.38 37.60 3.67
C THR C 179 -51.63 36.57 4.50
N LEU C 180 -50.90 37.08 5.49
CA LEU C 180 -50.07 36.22 6.32
C LEU C 180 -50.40 36.33 7.79
N ILE C 181 -51.43 37.09 8.14
CA ILE C 181 -51.79 37.33 9.53
C ILE C 181 -53.24 36.93 9.71
N PRO C 182 -53.65 36.65 10.95
CA PRO C 182 -55.01 36.18 11.19
C PRO C 182 -56.02 37.23 10.76
N PRO C 183 -57.12 36.81 10.12
CA PRO C 183 -58.17 37.77 9.78
C PRO C 183 -58.86 38.29 11.04
N LYS C 184 -59.51 39.44 10.88
CA LYS C 184 -60.10 40.10 12.03
C LYS C 184 -61.48 39.57 12.40
N LYS C 185 -62.32 39.16 11.44
CA LYS C 185 -63.61 38.64 11.86
C LYS C 185 -64.22 37.53 10.99
N LYS C 186 -63.95 37.49 9.69
CA LYS C 186 -64.50 36.41 8.87
C LYS C 186 -63.40 35.66 8.13
N VAL C 187 -63.71 34.41 7.79
CA VAL C 187 -62.72 33.47 7.28
C VAL C 187 -63.39 32.50 6.31
N ASN C 188 -62.67 32.15 5.24
CA ASN C 188 -63.15 31.16 4.29
C ASN C 188 -62.76 29.76 4.76
N ILE C 189 -63.70 28.83 4.66
CA ILE C 189 -63.44 27.42 4.96
C ILE C 189 -63.45 26.66 3.65
N TYR C 190 -62.33 26.02 3.32
CA TYR C 190 -62.28 25.27 2.07
C TYR C 190 -63.05 23.98 2.22
N GLY C 191 -63.99 23.75 1.32
CA GLY C 191 -64.90 22.63 1.49
C GLY C 191 -65.55 22.72 2.84
N ASP C 192 -65.54 21.61 3.57
CA ASP C 192 -66.03 21.59 4.95
C ASP C 192 -64.92 21.83 5.97
N GLY C 193 -63.72 22.15 5.52
CA GLY C 193 -62.63 22.38 6.45
C GLY C 193 -62.35 21.18 7.34
N ASN C 194 -62.50 19.98 6.79
CA ASN C 194 -62.26 18.75 7.52
C ASN C 194 -61.22 17.88 6.83
N VAL C 195 -60.48 18.43 5.87
CA VAL C 195 -59.37 17.73 5.23
C VAL C 195 -58.12 17.96 6.05
N LYS C 196 -57.34 16.89 6.24
CA LYS C 196 -56.15 16.99 7.07
C LYS C 196 -55.03 17.68 6.30
N VAL C 197 -54.39 18.65 6.96
CA VAL C 197 -53.23 19.35 6.43
C VAL C 197 -52.10 19.24 7.43
N VAL C 198 -50.87 19.33 6.95
CA VAL C 198 -49.68 19.30 7.79
C VAL C 198 -49.08 20.71 7.88
N TYR C 199 -49.18 21.33 9.05
CA TYR C 199 -48.67 22.68 9.31
C TYR C 199 -47.40 22.58 10.14
N VAL C 200 -46.29 23.08 9.60
CA VAL C 200 -45.00 22.99 10.28
C VAL C 200 -44.28 24.33 10.22
N ASP C 201 -43.79 24.76 11.37
CA ASP C 201 -42.82 25.82 11.47
C ASP C 201 -41.66 25.60 10.53
N GLU C 202 -41.39 26.58 9.66
CA GLU C 202 -40.22 26.49 8.78
C GLU C 202 -38.94 26.20 9.56
N ASP C 203 -38.81 26.72 10.77
CA ASP C 203 -37.62 26.41 11.57
C ASP C 203 -37.48 24.92 11.80
N ASP C 204 -38.60 24.24 12.05
CA ASP C 204 -38.53 22.81 12.33
C ASP C 204 -38.19 22.04 11.06
N ILE C 205 -38.77 22.43 9.92
CA ILE C 205 -38.36 21.85 8.66
C ILE C 205 -36.85 21.96 8.48
N ALA C 206 -36.30 23.14 8.78
CA ALA C 206 -34.87 23.33 8.58
C ALA C 206 -34.07 22.51 9.56
N GLU C 207 -34.53 22.41 10.81
CA GLU C 207 -33.78 21.61 11.77
C GLU C 207 -33.85 20.12 11.42
N TYR C 208 -35.01 19.63 10.99
CA TYR C 208 -35.07 18.24 10.54
C TYR C 208 -34.15 18.02 9.35
N THR C 209 -34.07 19.01 8.45
CA THR C 209 -33.19 18.89 7.29
C THR C 209 -31.73 18.78 7.71
N ALA C 210 -31.34 19.56 8.71
CA ALA C 210 -29.94 19.52 9.15
C ALA C 210 -29.63 18.23 9.90
N LYS C 211 -30.61 17.68 10.60
CA LYS C 211 -30.40 16.41 11.29
C LYS C 211 -30.36 15.23 10.32
N THR C 212 -31.16 15.27 9.25
CA THR C 212 -31.29 14.12 8.37
C THR C 212 -30.18 14.04 7.32
N LEU C 213 -29.53 15.16 7.00
CA LEU C 213 -28.69 15.20 5.80
C LEU C 213 -27.48 14.29 5.91
N ASP C 214 -27.07 13.93 7.13
CA ASP C 214 -26.03 12.92 7.28
C ASP C 214 -26.50 11.72 8.11
N ASP C 215 -27.81 11.47 8.18
CA ASP C 215 -28.33 10.32 8.91
C ASP C 215 -28.33 9.10 8.01
N PRO C 216 -27.56 8.07 8.31
CA PRO C 216 -27.53 6.89 7.43
C PRO C 216 -28.91 6.27 7.19
N ARG C 217 -29.85 6.46 8.11
CA ARG C 217 -31.19 5.89 7.94
C ARG C 217 -31.94 6.53 6.78
N THR C 218 -31.54 7.71 6.32
CA THR C 218 -32.31 8.40 5.29
C THR C 218 -31.58 8.53 3.96
N ILE C 219 -30.43 7.87 3.81
CA ILE C 219 -29.71 7.94 2.55
C ILE C 219 -30.55 7.31 1.44
N ASN C 220 -30.79 8.08 0.38
CA ASN C 220 -31.56 7.63 -0.78
C ASN C 220 -33.02 7.38 -0.44
N LYS C 221 -33.58 8.20 0.44
CA LYS C 221 -34.97 8.07 0.83
C LYS C 221 -35.66 9.42 0.78
N THR C 222 -36.98 9.35 0.72
CA THR C 222 -37.84 10.49 0.99
C THR C 222 -38.11 10.58 2.48
N VAL C 223 -37.94 11.77 3.04
CA VAL C 223 -38.26 12.02 4.43
C VAL C 223 -39.52 12.88 4.47
N TYR C 224 -40.55 12.39 5.15
CA TYR C 224 -41.79 13.14 5.31
C TYR C 224 -41.75 13.87 6.64
N VAL C 225 -41.95 15.19 6.58
CA VAL C 225 -42.05 16.04 7.75
C VAL C 225 -43.53 16.11 8.10
N ARG C 226 -43.94 15.32 9.08
CA ARG C 226 -45.35 15.20 9.46
C ARG C 226 -45.44 15.08 10.98
N PRO C 227 -45.08 16.14 11.71
CA PRO C 227 -45.19 16.08 13.17
C PRO C 227 -46.62 15.80 13.56
N THR C 228 -46.79 14.73 14.34
CA THR C 228 -48.11 14.14 14.56
C THR C 228 -49.11 15.16 15.06
N GLU C 229 -48.74 15.92 16.09
CA GLU C 229 -49.69 16.87 16.65
C GLU C 229 -49.97 18.05 15.73
N ASN C 230 -49.34 18.13 14.56
CA ASN C 230 -49.55 19.25 13.66
C ASN C 230 -50.33 18.83 12.43
N VAL C 231 -50.82 17.60 12.40
CA VAL C 231 -51.74 17.14 11.36
C VAL C 231 -53.13 17.63 11.77
N LEU C 232 -53.64 18.62 11.06
CA LEU C 232 -54.82 19.35 11.47
C LEU C 232 -55.67 19.65 10.26
N THR C 233 -56.98 19.68 10.48
CA THR C 233 -57.87 20.24 9.49
C THR C 233 -57.86 21.76 9.60
N GLN C 234 -58.17 22.42 8.48
CA GLN C 234 -58.31 23.87 8.52
C GLN C 234 -59.22 24.29 9.66
N MET C 235 -60.38 23.63 9.79
CA MET C 235 -61.30 23.98 10.86
C MET C 235 -60.69 23.74 12.23
N GLU C 236 -59.82 22.74 12.38
CA GLU C 236 -59.08 22.61 13.62
C GLU C 236 -58.14 23.79 13.83
N LEU C 237 -57.40 24.18 12.79
CA LEU C 237 -56.53 25.35 12.90
C LEU C 237 -57.32 26.57 13.36
N VAL C 238 -58.47 26.81 12.73
CA VAL C 238 -59.31 27.94 13.11
C VAL C 238 -59.68 27.87 14.58
N GLN C 239 -59.98 26.67 15.07
CA GLN C 239 -60.45 26.53 16.45
C GLN C 239 -59.34 26.81 17.44
N ILE C 240 -58.11 26.38 17.13
CA ILE C 240 -56.97 26.77 17.95
C ILE C 240 -56.92 28.29 18.11
N TRP C 241 -57.19 29.02 17.03
CA TRP C 241 -57.14 30.48 17.10
C TRP C 241 -58.34 31.04 17.83
N GLU C 242 -59.54 30.50 17.57
CA GLU C 242 -60.72 30.99 18.27
C GLU C 242 -60.57 30.81 19.78
N LYS C 243 -59.93 29.72 20.20
CA LYS C 243 -59.69 29.55 21.63
C LYS C 243 -58.62 30.49 22.16
N LEU C 244 -57.65 30.87 21.32
CA LEU C 244 -56.65 31.83 21.76
C LEU C 244 -57.26 33.23 21.92
N THR C 245 -58.14 33.62 20.99
CA THR C 245 -58.74 34.94 21.03
C THR C 245 -60.04 34.99 21.81
N GLY C 246 -60.65 33.84 22.11
CA GLY C 246 -61.94 33.83 22.75
C GLY C 246 -63.07 34.40 21.93
N LYS C 247 -62.87 34.57 20.62
CA LYS C 247 -63.89 35.06 19.71
C LYS C 247 -64.11 34.05 18.61
N GLU C 248 -65.35 33.88 18.20
CA GLU C 248 -65.67 33.04 17.07
C GLU C 248 -65.60 33.88 15.81
N LEU C 249 -65.24 33.23 14.71
CA LEU C 249 -65.11 33.91 13.43
C LEU C 249 -66.26 33.53 12.53
N GLU C 250 -66.74 34.50 11.75
CA GLU C 250 -67.77 34.25 10.75
C GLU C 250 -67.17 33.43 9.61
N LYS C 251 -67.62 32.19 9.47
CA LYS C 251 -67.08 31.28 8.47
C LYS C 251 -68.02 31.19 7.27
N THR C 252 -67.43 31.17 6.07
CA THR C 252 -68.19 30.91 4.86
C THR C 252 -67.48 29.79 4.10
N ASN C 253 -68.21 28.71 3.83
CA ASN C 253 -67.63 27.55 3.16
C ASN C 253 -67.65 27.75 1.66
N ILE C 254 -66.77 27.02 0.97
CA ILE C 254 -66.50 27.27 -0.45
C ILE C 254 -66.35 25.93 -1.14
N SER C 255 -67.27 25.62 -2.05
CA SER C 255 -67.28 24.33 -2.75
C SER C 255 -66.03 24.17 -3.59
N ALA C 256 -65.62 22.92 -3.79
CA ALA C 256 -64.55 22.66 -4.75
C ALA C 256 -64.84 23.34 -6.07
N ASN C 257 -66.05 23.13 -6.61
CA ASN C 257 -66.38 23.69 -7.91
C ASN C 257 -66.35 25.22 -7.87
N ASP C 258 -66.98 25.82 -6.85
CA ASP C 258 -66.85 27.25 -6.64
C ASP C 258 -65.39 27.65 -6.67
N PHE C 259 -64.61 27.13 -5.72
CA PHE C 259 -63.18 27.35 -5.69
C PHE C 259 -62.58 27.32 -7.10
N LEU C 260 -62.88 26.27 -7.86
CA LEU C 260 -62.27 26.07 -9.16
C LEU C 260 -62.85 26.96 -10.25
N ALA C 261 -63.85 27.79 -9.94
CA ALA C 261 -64.31 28.79 -10.88
C ALA C 261 -63.11 29.59 -11.37
N ASP C 262 -62.56 29.20 -12.52
CA ASP C 262 -61.22 29.61 -12.95
C ASP C 262 -60.29 29.88 -11.76
N GLN C 271 -53.31 31.92 -9.96
CA GLN C 271 -54.04 30.93 -10.73
C GLN C 271 -53.28 29.62 -10.81
N ALA C 272 -52.10 29.59 -10.20
CA ALA C 272 -51.41 28.37 -9.83
C ALA C 272 -51.23 28.25 -8.33
N GLY C 273 -51.12 29.38 -7.62
CA GLY C 273 -51.28 29.42 -6.18
C GLY C 273 -52.56 28.68 -5.84
N LEU C 274 -53.67 29.15 -6.38
CA LEU C 274 -54.86 28.32 -6.44
C LEU C 274 -54.50 27.03 -7.14
N GLY C 275 -54.93 25.92 -6.59
CA GLY C 275 -54.49 24.66 -7.16
C GLY C 275 -53.43 24.03 -6.29
N HIS C 276 -52.37 24.76 -5.98
CA HIS C 276 -51.59 24.40 -4.79
C HIS C 276 -52.54 24.24 -3.61
N PHE C 277 -53.34 25.28 -3.35
CA PHE C 277 -54.32 25.23 -2.28
C PHE C 277 -55.32 24.10 -2.52
N TYR C 278 -55.71 23.87 -3.77
CA TYR C 278 -56.75 22.89 -4.05
C TYR C 278 -56.28 21.48 -3.69
N HIS C 279 -55.16 21.05 -4.25
CA HIS C 279 -54.54 19.79 -3.83
C HIS C 279 -54.48 19.68 -2.32
N ILE C 280 -54.04 20.75 -1.64
CA ILE C 280 -53.80 20.68 -0.21
C ILE C 280 -55.12 20.56 0.54
N PHE C 281 -56.06 21.46 0.30
CA PHE C 281 -57.22 21.60 1.17
C PHE C 281 -58.46 20.87 0.67
N TYR C 282 -58.49 20.46 -0.59
CA TYR C 282 -59.60 19.68 -1.13
C TYR C 282 -59.19 18.24 -1.40
N GLU C 283 -58.11 18.03 -2.16
CA GLU C 283 -57.63 16.69 -2.42
C GLU C 283 -56.95 16.06 -1.21
N GLY C 284 -56.47 16.87 -0.26
CA GLY C 284 -55.76 16.34 0.89
C GLY C 284 -54.47 15.66 0.53
N CYS C 285 -53.75 16.18 -0.47
CA CYS C 285 -52.54 15.51 -0.96
C CYS C 285 -51.47 15.34 0.10
N LEU C 286 -51.52 16.09 1.20
CA LEU C 286 -50.48 15.95 2.20
C LEU C 286 -50.72 14.79 3.15
N THR C 287 -51.95 14.27 3.20
CA THR C 287 -52.34 13.32 4.24
C THR C 287 -53.08 12.08 3.72
N ASP C 288 -53.27 11.94 2.41
CA ASP C 288 -54.04 10.84 1.85
C ASP C 288 -53.27 9.53 1.77
N HIS C 289 -52.05 9.49 2.31
CA HIS C 289 -51.22 8.31 2.33
C HIS C 289 -50.57 8.22 3.69
N GLU C 290 -50.38 7.00 4.17
CA GLU C 290 -49.67 6.84 5.43
C GLU C 290 -48.17 6.92 5.19
N VAL C 291 -47.44 7.25 6.24
CA VAL C 291 -45.98 7.25 6.20
C VAL C 291 -45.47 6.52 7.44
N GLY C 292 -44.37 5.78 7.27
CA GLY C 292 -43.82 5.01 8.35
C GLY C 292 -42.83 5.78 9.19
N ASP C 293 -42.65 5.32 10.43
CA ASP C 293 -41.82 6.02 11.39
C ASP C 293 -40.37 6.12 10.93
N ASP C 294 -39.87 5.16 10.15
CA ASP C 294 -38.50 5.20 9.67
C ASP C 294 -38.35 6.15 8.48
N GLU C 295 -39.41 6.86 8.10
CA GLU C 295 -39.37 7.84 7.04
C GLU C 295 -40.08 9.13 7.44
N GLU C 296 -40.39 9.31 8.72
CA GLU C 296 -41.12 10.48 9.19
C GLU C 296 -40.25 11.23 10.17
N ALA C 297 -40.09 12.53 9.90
CA ALA C 297 -39.04 13.31 10.54
C ALA C 297 -39.23 13.36 12.05
N SER C 298 -40.46 13.54 12.51
CA SER C 298 -40.66 13.70 13.94
C SER C 298 -40.33 12.42 14.70
N LYS C 299 -40.46 11.27 14.06
CA LYS C 299 -40.08 10.01 14.70
C LYS C 299 -38.60 9.72 14.53
N LEU C 300 -38.05 9.95 13.34
CA LEU C 300 -36.61 9.87 13.17
C LEU C 300 -35.88 10.75 14.17
N TYR C 301 -36.45 11.92 14.49
CA TYR C 301 -35.75 12.95 15.26
C TYR C 301 -36.65 13.42 16.40
N PRO C 302 -36.92 12.54 17.36
CA PRO C 302 -37.91 12.86 18.41
C PRO C 302 -37.45 13.93 19.39
N ASP C 303 -36.15 14.25 19.44
CA ASP C 303 -35.65 15.30 20.32
C ASP C 303 -35.95 16.71 19.78
N VAL C 304 -36.41 16.83 18.55
CA VAL C 304 -36.85 18.12 18.01
C VAL C 304 -38.25 18.39 18.56
N LYS C 305 -38.34 19.22 19.58
CA LYS C 305 -39.62 19.64 20.13
C LYS C 305 -40.25 20.65 19.18
N TYR C 306 -40.94 20.14 18.17
CA TYR C 306 -41.46 21.00 17.14
C TYR C 306 -42.51 21.94 17.70
N THR C 307 -42.64 23.09 17.06
CA THR C 307 -43.60 24.09 17.49
C THR C 307 -45.00 23.62 17.11
N ARG C 308 -45.86 23.47 18.11
CA ARG C 308 -47.26 23.18 17.85
C ARG C 308 -47.97 24.46 17.45
N MET C 309 -49.07 24.31 16.72
CA MET C 309 -49.71 25.48 16.14
C MET C 309 -50.28 26.42 17.19
N ASP C 310 -50.64 25.92 18.37
CA ASP C 310 -51.14 26.84 19.37
C ASP C 310 -50.03 27.75 19.87
N GLU C 311 -48.81 27.23 19.97
CA GLU C 311 -47.69 28.10 20.30
C GLU C 311 -47.36 29.02 19.13
N TYR C 312 -47.40 28.51 17.90
CA TYR C 312 -47.07 29.31 16.73
C TYR C 312 -47.96 30.54 16.63
N LEU C 313 -49.25 30.36 16.83
CA LEU C 313 -50.18 31.45 16.61
C LEU C 313 -50.12 32.51 17.70
N LYS C 314 -49.48 32.23 18.83
CA LYS C 314 -49.49 33.18 19.94
C LYS C 314 -48.83 34.49 19.58
N ILE C 315 -47.83 34.46 18.69
CA ILE C 315 -47.12 35.67 18.27
C ILE C 315 -48.07 36.69 17.67
N PHE C 316 -49.23 36.27 17.18
CA PHE C 316 -50.12 37.20 16.51
C PHE C 316 -51.10 37.88 17.45
N LEU C 317 -51.17 37.45 18.70
CA LEU C 317 -52.18 37.94 19.62
C LEU C 317 -51.86 39.37 19.98
N GLY D 7 16.31 -3.40 35.64
CA GLY D 7 16.07 -4.38 36.68
C GLY D 7 15.00 -5.41 36.33
N GLU D 8 15.41 -6.67 36.19
CA GLU D 8 14.51 -7.78 35.89
C GLU D 8 13.97 -7.69 34.46
N LYS D 9 14.19 -6.56 33.79
CA LYS D 9 13.77 -6.42 32.41
C LYS D 9 14.80 -7.07 31.49
N THR D 10 14.31 -7.69 30.42
CA THR D 10 15.20 -8.14 29.37
C THR D 10 15.79 -6.94 28.63
N ARG D 11 17.09 -7.02 28.36
CA ARG D 11 17.77 -5.99 27.59
C ARG D 11 17.88 -6.44 26.14
N VAL D 12 17.35 -5.63 25.23
CA VAL D 12 17.30 -5.94 23.80
C VAL D 12 18.09 -4.90 23.03
N LEU D 13 18.97 -5.38 22.15
CA LEU D 13 19.65 -4.55 21.15
C LEU D 13 18.98 -4.74 19.78
N VAL D 14 18.48 -3.65 19.22
CA VAL D 14 17.85 -3.64 17.91
C VAL D 14 18.84 -3.12 16.88
N VAL D 15 19.07 -3.93 15.85
CA VAL D 15 19.99 -3.65 14.75
C VAL D 15 19.15 -3.35 13.53
N GLY D 16 19.47 -2.24 12.86
CA GLY D 16 18.58 -1.78 11.81
C GLY D 16 17.47 -0.94 12.34
N GLY D 17 17.72 -0.24 13.46
CA GLY D 17 16.68 0.47 14.19
C GLY D 17 16.00 1.61 13.44
N THR D 18 16.58 2.09 12.35
CA THR D 18 15.93 3.15 11.58
C THR D 18 15.25 2.64 10.33
N GLY D 19 15.23 1.32 10.10
CA GLY D 19 14.46 0.77 9.02
C GLY D 19 12.96 0.82 9.27
N THR D 20 12.21 0.44 8.24
CA THR D 20 10.76 0.36 8.32
C THR D 20 10.31 -0.57 9.45
N MET D 21 10.87 -1.76 9.50
CA MET D 21 10.47 -2.71 10.55
C MET D 21 11.24 -2.44 11.83
N GLY D 22 12.51 -2.03 11.70
CA GLY D 22 13.33 -1.76 12.87
C GLY D 22 12.78 -0.67 13.77
N ARG D 23 12.28 0.43 13.17
CA ARG D 23 11.79 1.52 14.01
C ARG D 23 10.60 1.08 14.84
N ARG D 24 9.73 0.26 14.25
CA ARG D 24 8.57 -0.24 14.98
C ARG D 24 8.98 -1.24 16.05
N ILE D 25 10.03 -2.01 15.80
CA ILE D 25 10.50 -2.95 16.81
C ILE D 25 11.07 -2.21 18.01
N VAL D 26 11.79 -1.11 17.76
CA VAL D 26 12.28 -0.28 18.86
C VAL D 26 11.11 0.16 19.74
N ARG D 27 10.09 0.74 19.11
CA ARG D 27 8.96 1.25 19.88
C ARG D 27 8.24 0.14 20.60
N ALA D 28 8.15 -1.04 19.99
CA ALA D 28 7.41 -2.13 20.60
C ALA D 28 8.18 -2.71 21.76
N CYS D 29 9.50 -2.79 21.65
CA CYS D 29 10.31 -3.24 22.77
C CYS D 29 10.14 -2.32 23.97
N LEU D 30 10.15 -1.01 23.74
CA LEU D 30 9.95 -0.09 24.85
C LEU D 30 8.55 -0.24 25.43
N ALA D 31 7.54 -0.37 24.56
CA ALA D 31 6.17 -0.56 25.03
C ALA D 31 6.03 -1.83 25.85
N GLU D 32 6.85 -2.86 25.57
CA GLU D 32 6.82 -4.07 26.37
C GLU D 32 7.55 -3.93 27.69
N GLY D 33 8.39 -2.92 27.85
CA GLY D 33 9.13 -2.73 29.06
C GLY D 33 10.56 -3.21 29.02
N HIS D 34 11.04 -3.64 27.87
CA HIS D 34 12.44 -4.01 27.76
C HIS D 34 13.31 -2.78 27.82
N GLU D 35 14.50 -2.94 28.38
CA GLU D 35 15.53 -1.93 28.28
C GLU D 35 16.08 -2.02 26.86
N THR D 36 15.68 -1.07 26.02
CA THR D 36 15.90 -1.16 24.60
C THR D 36 17.12 -0.33 24.21
N TYR D 37 18.05 -0.99 23.53
CA TYR D 37 19.23 -0.39 22.96
C TYR D 37 19.10 -0.42 21.44
N VAL D 38 19.65 0.58 20.77
CA VAL D 38 19.64 0.63 19.31
C VAL D 38 21.05 0.83 18.82
N LEU D 39 21.45 0.06 17.82
CA LEU D 39 22.78 0.20 17.27
C LEU D 39 22.86 1.47 16.43
N GLN D 40 23.84 2.32 16.74
CA GLN D 40 24.07 3.55 15.99
C GLN D 40 25.27 3.36 15.10
N GLN D 41 25.04 3.22 13.84
CA GLN D 41 26.13 3.07 12.89
C GLN D 41 26.67 4.44 12.48
N PRO D 42 27.94 4.49 12.08
CA PRO D 42 28.52 5.75 11.63
C PRO D 42 27.68 6.33 10.51
N GLU D 43 27.56 7.65 10.50
CA GLU D 43 26.88 8.30 9.39
C GLU D 43 27.65 8.04 8.10
N THR D 44 26.93 7.75 7.03
CA THR D 44 27.54 7.63 5.72
C THR D 44 27.28 8.85 4.86
N ARG D 45 26.43 9.75 5.31
CA ARG D 45 26.13 11.01 4.65
C ARG D 45 25.40 11.89 5.66
N VAL D 46 25.07 13.10 5.22
CA VAL D 46 24.19 13.98 5.99
C VAL D 46 22.78 13.48 5.78
N ASP D 47 22.21 12.85 6.82
CA ASP D 47 20.90 12.19 6.73
C ASP D 47 20.05 12.68 7.91
N ILE D 48 19.40 13.82 7.73
CA ILE D 48 18.71 14.43 8.85
C ILE D 48 17.59 13.53 9.36
N GLU D 49 16.90 12.84 8.46
CA GLU D 49 15.78 12.01 8.87
C GLU D 49 16.25 10.83 9.72
N LYS D 50 17.35 10.20 9.30
CA LYS D 50 17.90 9.09 10.07
C LYS D 50 18.39 9.53 11.46
N VAL D 51 19.09 10.66 11.54
CA VAL D 51 19.61 11.09 12.83
C VAL D 51 18.47 11.49 13.77
N GLN D 52 17.47 12.17 13.24
CA GLN D 52 16.36 12.60 14.08
C GLN D 52 15.60 11.38 14.62
N LEU D 53 15.26 10.44 13.74
CA LEU D 53 14.61 9.21 14.14
C LEU D 53 15.41 8.50 15.23
N LEU D 54 16.71 8.32 14.98
CA LEU D 54 17.56 7.62 15.92
C LEU D 54 17.55 8.28 17.29
N TYR D 55 17.68 9.63 17.35
CA TYR D 55 17.73 10.32 18.63
C TYR D 55 16.37 10.43 19.28
N SER D 56 15.28 10.37 18.50
CA SER D 56 13.97 10.37 19.13
C SER D 56 13.75 9.12 19.98
N TYR D 57 14.48 8.03 19.72
CA TYR D 57 14.38 6.87 20.59
C TYR D 57 14.86 7.19 22.00
N LYS D 58 15.84 8.09 22.13
CA LYS D 58 16.34 8.48 23.45
C LYS D 58 15.24 9.14 24.28
N ARG D 59 14.37 9.89 23.63
CA ARG D 59 13.29 10.55 24.35
C ARG D 59 12.29 9.55 24.92
N LEU D 60 12.13 8.40 24.27
CA LEU D 60 11.23 7.37 24.78
C LEU D 60 11.92 6.46 25.77
N GLY D 61 13.20 6.64 26.02
CA GLY D 61 13.90 5.83 26.99
C GLY D 61 14.81 4.78 26.41
N ALA D 62 14.98 4.76 25.10
CA ALA D 62 15.98 3.88 24.50
C ALA D 62 17.37 4.49 24.67
N ARG D 63 18.36 3.61 24.65
CA ARG D 63 19.78 3.98 24.60
C ARG D 63 20.37 3.63 23.24
N LEU D 64 21.31 4.45 22.78
CA LEU D 64 22.08 4.20 21.57
C LEU D 64 23.43 3.61 21.90
N ILE D 65 23.91 2.71 21.05
CA ILE D 65 25.25 2.17 21.14
C ILE D 65 25.91 2.32 19.79
N GLU D 66 27.00 3.09 19.75
CA GLU D 66 27.74 3.27 18.52
C GLU D 66 28.59 2.02 18.26
N ALA D 67 28.52 1.52 17.04
CA ALA D 67 29.31 0.38 16.61
C ALA D 67 29.30 0.37 15.10
N SER D 68 30.14 -0.48 14.53
CA SER D 68 30.30 -0.53 13.08
C SER D 68 30.50 -1.97 12.64
N PHE D 69 29.87 -2.34 11.53
CA PHE D 69 29.98 -3.71 11.06
C PHE D 69 31.38 -4.04 10.57
N SER D 70 32.18 -3.04 10.22
CA SER D 70 33.56 -3.25 9.82
C SER D 70 34.53 -3.18 11.00
N ASP D 71 34.02 -3.28 12.22
CA ASP D 71 34.82 -3.17 13.44
C ASP D 71 34.30 -4.23 14.39
N HIS D 72 34.85 -5.44 14.26
CA HIS D 72 34.40 -6.58 15.04
C HIS D 72 34.30 -6.24 16.52
N GLN D 73 35.27 -5.50 17.04
CA GLN D 73 35.33 -5.26 18.48
C GLN D 73 34.15 -4.41 18.95
N SER D 74 33.69 -3.49 18.13
CA SER D 74 32.56 -2.66 18.56
C SER D 74 31.27 -3.47 18.58
N LEU D 75 31.10 -4.41 17.64
CA LEU D 75 29.94 -5.29 17.67
C LEU D 75 29.96 -6.15 18.93
N VAL D 76 31.13 -6.67 19.27
CA VAL D 76 31.27 -7.46 20.49
C VAL D 76 30.91 -6.62 21.72
N SER D 77 31.38 -5.37 21.76
CA SER D 77 31.09 -4.53 22.92
C SER D 77 29.61 -4.19 23.01
N ALA D 78 28.94 -4.00 21.88
CA ALA D 78 27.51 -3.69 21.92
C ALA D 78 26.68 -4.89 22.36
N VAL D 79 26.98 -6.10 21.88
CA VAL D 79 26.11 -7.22 22.26
C VAL D 79 26.36 -7.64 23.70
N LYS D 80 27.56 -7.39 24.21
CA LYS D 80 27.86 -7.74 25.58
C LYS D 80 26.96 -7.00 26.58
N GLN D 81 26.31 -5.91 26.16
CA GLN D 81 25.51 -5.11 27.08
C GLN D 81 24.04 -5.50 27.10
N VAL D 82 23.62 -6.52 26.36
CA VAL D 82 22.22 -6.86 26.25
C VAL D 82 22.04 -8.36 26.42
N ASP D 83 20.79 -8.78 26.55
CA ASP D 83 20.47 -10.21 26.66
C ASP D 83 19.97 -10.81 25.35
N ILE D 84 19.29 -10.02 24.52
CA ILE D 84 18.66 -10.48 23.30
C ILE D 84 18.97 -9.49 22.17
N VAL D 85 19.18 -10.04 20.97
CA VAL D 85 19.49 -9.24 19.78
C VAL D 85 18.43 -9.51 18.72
N VAL D 86 17.90 -8.44 18.14
CA VAL D 86 16.95 -8.49 17.02
C VAL D 86 17.53 -7.67 15.88
N ALA D 87 17.56 -8.25 14.69
CA ALA D 87 18.02 -7.56 13.48
C ALA D 87 16.87 -7.41 12.49
N ALA D 88 16.83 -6.26 11.80
CA ALA D 88 15.72 -5.91 10.92
C ALA D 88 16.26 -5.00 9.81
N MET D 89 17.05 -5.57 8.92
CA MET D 89 17.72 -4.78 7.91
C MET D 89 17.13 -5.01 6.54
N SER D 90 17.36 -4.06 5.65
CA SER D 90 16.71 -4.03 4.35
C SER D 90 16.83 -5.38 3.66
N GLY D 91 15.83 -5.70 2.84
CA GLY D 91 15.80 -6.96 2.11
C GLY D 91 16.88 -7.09 1.04
N HIS D 97 23.71 -8.09 0.06
CA HIS D 97 24.69 -7.34 0.83
C HIS D 97 24.22 -7.13 2.27
N SER D 98 23.10 -6.42 2.43
CA SER D 98 22.66 -6.04 3.77
C SER D 98 22.29 -7.27 4.60
N ILE D 99 21.66 -8.28 4.00
CA ILE D 99 21.29 -9.44 4.80
C ILE D 99 22.53 -10.18 5.29
N LEU D 100 23.51 -10.37 4.41
CA LEU D 100 24.72 -11.11 4.77
C LEU D 100 25.56 -10.38 5.81
N VAL D 101 25.35 -9.09 6.02
CA VAL D 101 26.11 -8.38 7.04
C VAL D 101 25.87 -8.98 8.42
N GLN D 102 24.77 -9.71 8.61
CA GLN D 102 24.49 -10.34 9.91
C GLN D 102 25.50 -11.43 10.25
N LEU D 103 26.24 -11.94 9.28
CA LEU D 103 27.27 -12.92 9.59
C LEU D 103 28.29 -12.35 10.56
N LYS D 104 28.71 -11.10 10.34
CA LYS D 104 29.59 -10.43 11.27
C LYS D 104 28.94 -10.28 12.63
N LEU D 105 27.62 -10.08 12.65
CA LEU D 105 26.90 -10.00 13.90
C LEU D 105 26.88 -11.34 14.62
N VAL D 106 26.74 -12.44 13.87
CA VAL D 106 26.80 -13.76 14.51
C VAL D 106 28.17 -14.00 15.11
N GLU D 107 29.23 -13.70 14.36
CA GLU D 107 30.58 -13.87 14.88
C GLU D 107 30.77 -13.11 16.19
N ALA D 108 30.17 -11.93 16.30
CA ALA D 108 30.31 -11.15 17.53
C ALA D 108 29.47 -11.75 18.64
N ILE D 109 28.25 -12.16 18.34
CA ILE D 109 27.42 -12.81 19.35
C ILE D 109 28.11 -14.06 19.86
N LYS D 110 28.72 -14.82 18.95
CA LYS D 110 29.43 -16.03 19.34
C LYS D 110 30.56 -15.73 20.31
N GLU D 111 31.33 -14.68 20.04
CA GLU D 111 32.47 -14.34 20.89
C GLU D 111 32.02 -13.83 22.25
N ALA D 112 30.98 -13.00 22.29
CA ALA D 112 30.53 -12.45 23.57
C ALA D 112 30.02 -13.54 24.49
N GLY D 113 29.17 -14.42 23.96
CA GLY D 113 28.71 -15.59 24.69
C GLY D 113 27.60 -15.34 25.68
N ASN D 114 27.09 -14.12 25.78
CA ASN D 114 26.05 -13.80 26.75
C ASN D 114 24.67 -13.69 26.15
N ILE D 115 24.54 -13.85 24.83
CA ILE D 115 23.27 -13.60 24.19
C ILE D 115 22.34 -14.81 24.39
N LYS D 116 21.20 -14.56 25.01
CA LYS D 116 20.25 -15.61 25.27
C LYS D 116 19.36 -15.90 24.06
N ARG D 117 19.27 -14.97 23.09
CA ARG D 117 18.50 -15.25 21.88
C ARG D 117 18.77 -14.20 20.81
N PHE D 118 18.83 -14.65 19.56
CA PHE D 118 19.02 -13.80 18.40
C PHE D 118 17.87 -14.02 17.42
N LEU D 119 17.17 -12.95 17.07
CA LEU D 119 16.16 -12.98 16.01
C LEU D 119 16.71 -12.27 14.79
N PRO D 120 17.10 -12.99 13.74
CA PRO D 120 17.70 -12.35 12.57
C PRO D 120 16.62 -11.70 11.71
N SER D 121 17.07 -11.11 10.60
CA SER D 121 16.19 -10.27 9.78
C SER D 121 15.39 -11.18 8.87
N GLU D 122 14.18 -11.51 9.34
CA GLU D 122 13.27 -12.43 8.67
C GLU D 122 12.05 -11.63 8.23
N PHE D 123 10.90 -11.79 8.88
CA PHE D 123 9.76 -10.90 8.74
C PHE D 123 9.14 -10.95 7.35
N GLY D 124 9.30 -12.06 6.67
CA GLY D 124 8.75 -12.22 5.33
C GLY D 124 8.35 -13.64 5.08
N MET D 125 8.34 -14.03 3.80
CA MET D 125 8.21 -15.43 3.42
C MET D 125 9.26 -16.26 4.14
N ASP D 126 8.88 -17.44 4.58
CA ASP D 126 9.85 -18.34 5.18
C ASP D 126 10.81 -18.84 4.11
N PRO D 127 12.09 -18.46 4.14
CA PRO D 127 12.99 -18.86 3.06
C PRO D 127 13.29 -20.34 3.03
N SER D 128 13.02 -21.09 4.12
CA SER D 128 13.28 -22.52 4.19
C SER D 128 12.21 -23.36 3.48
N ARG D 129 11.17 -22.73 2.93
CA ARG D 129 10.12 -23.43 2.20
C ARG D 129 10.11 -23.10 0.72
N MET D 130 11.10 -22.39 0.23
CA MET D 130 11.15 -22.01 -1.17
C MET D 130 12.17 -22.87 -1.90
N GLY D 131 12.20 -22.72 -3.22
CA GLY D 131 13.02 -23.56 -4.08
C GLY D 131 12.33 -23.95 -5.37
N ASP D 142 19.27 -18.84 -0.51
CA ASP D 142 18.90 -17.55 0.06
C ASP D 142 19.97 -17.06 1.02
N GLN D 143 20.17 -15.74 1.03
CA GLN D 143 21.06 -15.17 2.03
C GLN D 143 20.49 -15.32 3.44
N LYS D 144 19.16 -15.28 3.58
CA LYS D 144 18.57 -15.50 4.90
C LYS D 144 18.87 -16.91 5.41
N LEU D 145 18.89 -17.88 4.51
CA LEU D 145 19.25 -19.25 4.89
C LEU D 145 20.69 -19.33 5.32
N GLU D 146 21.58 -18.64 4.60
CA GLU D 146 22.98 -18.63 4.99
C GLU D 146 23.14 -18.09 6.41
N VAL D 147 22.33 -17.11 6.79
CA VAL D 147 22.43 -16.53 8.13
C VAL D 147 21.87 -17.49 9.15
N ARG D 148 20.77 -18.17 8.82
CA ARG D 148 20.26 -19.22 9.69
C ARG D 148 21.31 -20.29 9.97
N ASN D 149 22.04 -20.71 8.94
CA ASN D 149 23.00 -21.79 9.15
C ASN D 149 24.10 -21.35 10.11
N ALA D 150 24.62 -20.14 9.94
CA ALA D 150 25.66 -19.65 10.83
C ALA D 150 25.14 -19.48 12.26
N ILE D 151 23.93 -18.95 12.42
CA ILE D 151 23.34 -18.88 13.75
C ILE D 151 23.34 -20.25 14.41
N GLU D 152 22.78 -21.24 13.72
CA GLU D 152 22.63 -22.57 14.31
C GLU D 152 23.98 -23.23 14.53
N ALA D 153 24.89 -23.17 13.55
CA ALA D 153 26.26 -23.61 13.77
C ALA D 153 26.83 -23.05 15.07
N ALA D 154 26.76 -21.73 15.26
CA ALA D 154 27.30 -21.14 16.48
C ALA D 154 26.55 -21.57 17.73
N GLY D 155 25.45 -22.29 17.60
CA GLY D 155 24.68 -22.68 18.76
C GLY D 155 23.96 -21.55 19.45
N ILE D 156 23.64 -20.49 18.73
CA ILE D 156 23.00 -19.31 19.33
C ILE D 156 21.50 -19.54 19.35
N PRO D 157 20.84 -19.44 20.49
CA PRO D 157 19.38 -19.61 20.50
C PRO D 157 18.69 -18.56 19.65
N HIS D 158 17.68 -18.99 18.89
CA HIS D 158 17.09 -18.16 17.86
C HIS D 158 15.57 -18.21 17.89
N THR D 159 14.96 -17.24 17.23
CA THR D 159 13.57 -17.28 16.81
C THR D 159 13.47 -16.62 15.44
N TYR D 160 12.82 -17.31 14.51
CA TYR D 160 12.56 -16.81 13.17
C TYR D 160 11.09 -16.42 13.08
N VAL D 161 10.84 -15.13 12.84
CA VAL D 161 9.49 -14.58 12.72
C VAL D 161 9.16 -14.48 11.24
N VAL D 162 8.11 -15.17 10.79
CA VAL D 162 7.88 -15.40 9.38
C VAL D 162 6.40 -15.31 9.06
N GLY D 163 6.09 -15.22 7.77
CA GLY D 163 4.80 -15.61 7.24
C GLY D 163 3.78 -14.54 6.96
N ALA D 164 4.16 -13.28 6.89
CA ALA D 164 3.18 -12.22 6.67
C ALA D 164 3.65 -11.26 5.59
N CYS D 165 2.67 -10.73 4.86
CA CYS D 165 2.82 -9.54 4.03
C CYS D 165 2.64 -8.30 4.90
N PHE D 166 3.61 -7.38 4.84
CA PHE D 166 3.44 -6.04 5.40
C PHE D 166 2.20 -5.39 4.80
N ALA D 167 1.33 -4.89 5.66
CA ALA D 167 0.11 -4.29 5.14
C ALA D 167 0.41 -3.11 4.25
N ALA D 168 1.47 -2.35 4.55
CA ALA D 168 1.79 -1.16 3.78
C ALA D 168 2.20 -1.52 2.35
N TYR D 169 2.96 -2.60 2.19
CA TYR D 169 3.40 -3.00 0.87
C TYR D 169 2.39 -3.87 0.11
N PHE D 170 1.37 -4.44 0.76
CA PHE D 170 0.48 -5.35 0.04
C PHE D 170 -1.01 -5.14 0.27
N ALA D 171 -1.42 -4.38 1.27
CA ALA D 171 -2.84 -4.15 1.55
C ALA D 171 -3.31 -2.75 1.20
N GLY D 172 -2.54 -1.73 1.60
CA GLY D 172 -2.96 -0.35 1.34
C GLY D 172 -3.15 -0.04 -0.13
N ASN D 173 -2.48 -0.79 -1.00
CA ASN D 173 -2.59 -0.65 -2.43
C ASN D 173 -3.49 -1.72 -3.05
N LEU D 174 -4.20 -2.50 -2.23
CA LEU D 174 -4.99 -3.63 -2.75
C LEU D 174 -4.12 -4.57 -3.58
N SER D 175 -2.87 -4.73 -3.15
CA SER D 175 -1.88 -5.60 -3.78
C SER D 175 -1.49 -5.16 -5.19
N GLN D 176 -1.83 -3.94 -5.60
CA GLN D 176 -1.32 -3.42 -6.87
C GLN D 176 0.16 -3.08 -6.76
N MET D 177 0.93 -3.42 -7.79
CA MET D 177 2.35 -3.10 -7.74
C MET D 177 2.59 -1.66 -8.20
N GLY D 178 3.74 -1.14 -7.80
CA GLY D 178 4.13 0.21 -8.20
C GLY D 178 3.41 1.31 -7.48
N THR D 179 2.75 1.01 -6.37
CA THR D 179 2.02 2.03 -5.65
C THR D 179 1.70 1.51 -4.27
N LEU D 180 1.34 2.45 -3.38
CA LEU D 180 1.12 2.15 -1.99
C LEU D 180 -0.24 2.63 -1.50
N ILE D 181 -1.08 3.16 -2.38
CA ILE D 181 -2.39 3.65 -1.99
C ILE D 181 -3.43 3.03 -2.90
N PRO D 182 -4.70 3.05 -2.52
CA PRO D 182 -5.72 2.37 -3.30
C PRO D 182 -5.80 2.94 -4.69
N PRO D 183 -6.18 2.13 -5.67
CA PRO D 183 -6.42 2.67 -7.01
C PRO D 183 -7.77 3.38 -7.06
N LYS D 184 -7.94 4.17 -8.11
CA LYS D 184 -9.13 4.99 -8.22
C LYS D 184 -10.24 4.32 -9.03
N LYS D 185 -9.91 3.58 -10.08
CA LYS D 185 -10.95 3.00 -10.94
C LYS D 185 -10.67 1.55 -11.32
N LYS D 186 -9.43 1.23 -11.68
CA LYS D 186 -9.04 -0.08 -12.13
C LYS D 186 -8.28 -0.81 -11.02
N VAL D 187 -8.42 -2.13 -10.98
CA VAL D 187 -7.60 -2.96 -10.13
C VAL D 187 -7.25 -4.23 -10.89
N ASN D 188 -6.02 -4.69 -10.76
CA ASN D 188 -5.61 -5.96 -11.36
C ASN D 188 -5.79 -7.08 -10.34
N ILE D 189 -6.49 -8.13 -10.74
CA ILE D 189 -6.63 -9.33 -9.94
C ILE D 189 -5.64 -10.37 -10.45
N TYR D 190 -4.83 -10.90 -9.55
CA TYR D 190 -3.81 -11.86 -9.95
C TYR D 190 -4.46 -13.24 -10.05
N GLY D 191 -4.47 -13.80 -11.25
CA GLY D 191 -5.22 -15.02 -11.47
C GLY D 191 -6.67 -14.75 -11.15
N ASP D 192 -7.30 -15.69 -10.46
CA ASP D 192 -8.68 -15.53 -10.06
C ASP D 192 -8.84 -14.73 -8.77
N GLY D 193 -7.74 -14.32 -8.14
CA GLY D 193 -7.85 -13.61 -6.88
C GLY D 193 -8.41 -14.43 -5.74
N ASN D 194 -8.20 -15.75 -5.79
CA ASN D 194 -8.73 -16.69 -4.81
C ASN D 194 -7.63 -17.45 -4.08
N VAL D 195 -6.41 -16.94 -4.08
CA VAL D 195 -5.31 -17.52 -3.33
C VAL D 195 -5.21 -16.78 -2.01
N LYS D 196 -5.14 -17.53 -0.92
CA LYS D 196 -5.11 -16.92 0.40
C LYS D 196 -3.76 -16.25 0.66
N VAL D 197 -3.82 -15.02 1.15
CA VAL D 197 -2.65 -14.23 1.50
C VAL D 197 -2.79 -13.76 2.94
N VAL D 198 -1.67 -13.52 3.61
CA VAL D 198 -1.67 -13.05 5.00
C VAL D 198 -1.26 -11.56 5.02
N TYR D 199 -2.17 -10.70 5.45
CA TYR D 199 -1.99 -9.24 5.48
C TYR D 199 -1.91 -8.78 6.93
N VAL D 200 -0.75 -8.30 7.35
CA VAL D 200 -0.55 -7.94 8.75
C VAL D 200 0.03 -6.53 8.84
N ASP D 201 -0.64 -5.68 9.60
CA ASP D 201 -0.07 -4.42 10.05
C ASP D 201 1.33 -4.61 10.60
N GLU D 202 2.29 -3.85 10.05
CA GLU D 202 3.66 -3.89 10.53
C GLU D 202 3.75 -3.65 12.03
N ASP D 203 2.88 -2.80 12.58
CA ASP D 203 2.91 -2.59 14.02
C ASP D 203 2.59 -3.88 14.78
N ASP D 204 1.73 -4.72 14.22
CA ASP D 204 1.41 -5.98 14.86
C ASP D 204 2.58 -6.96 14.77
N ILE D 205 3.29 -6.94 13.63
CA ILE D 205 4.45 -7.79 13.51
C ILE D 205 5.52 -7.40 14.52
N ALA D 206 5.71 -6.09 14.73
CA ALA D 206 6.69 -5.64 15.71
C ALA D 206 6.26 -6.00 17.13
N GLU D 207 4.97 -5.83 17.43
CA GLU D 207 4.52 -6.15 18.79
C GLU D 207 4.66 -7.64 19.07
N TYR D 208 4.17 -8.48 18.15
CA TYR D 208 4.40 -9.93 18.28
C TYR D 208 5.87 -10.23 18.51
N THR D 209 6.74 -9.60 17.73
CA THR D 209 8.17 -9.80 17.89
C THR D 209 8.65 -9.36 19.28
N ALA D 210 8.07 -8.29 19.80
CA ALA D 210 8.51 -7.84 21.11
C ALA D 210 8.03 -8.78 22.21
N LYS D 211 6.88 -9.41 22.01
CA LYS D 211 6.39 -10.39 22.98
C LYS D 211 7.11 -11.72 22.86
N THR D 212 7.49 -12.13 21.66
CA THR D 212 8.01 -13.48 21.48
C THR D 212 9.48 -13.60 21.87
N LEU D 213 10.23 -12.50 21.90
CA LEU D 213 11.68 -12.62 21.91
C LEU D 213 12.22 -13.18 23.22
N ASP D 214 11.49 -13.03 24.33
CA ASP D 214 11.92 -13.66 25.58
C ASP D 214 10.91 -14.71 26.06
N ASP D 215 10.03 -15.15 25.18
CA ASP D 215 9.03 -16.16 25.53
C ASP D 215 9.65 -17.54 25.46
N PRO D 216 9.71 -18.27 26.57
CA PRO D 216 10.30 -19.62 26.51
C PRO D 216 9.63 -20.56 25.53
N ARG D 217 8.36 -20.33 25.19
CA ARG D 217 7.67 -21.22 24.25
C ARG D 217 8.30 -21.17 22.86
N THR D 218 8.91 -20.04 22.48
CA THR D 218 9.33 -19.87 21.09
C THR D 218 10.84 -19.96 20.91
N ILE D 219 11.59 -20.40 21.91
CA ILE D 219 13.04 -20.42 21.77
C ILE D 219 13.44 -21.55 20.84
N ASN D 220 14.22 -21.20 19.81
CA ASN D 220 14.64 -22.12 18.77
C ASN D 220 13.49 -22.58 17.90
N LYS D 221 12.49 -21.74 17.74
CA LYS D 221 11.32 -22.06 16.93
C LYS D 221 11.15 -21.04 15.82
N THR D 222 10.38 -21.43 14.82
CA THR D 222 9.83 -20.48 13.88
C THR D 222 8.46 -20.05 14.38
N VAL D 223 8.20 -18.75 14.32
CA VAL D 223 6.91 -18.20 14.72
C VAL D 223 6.27 -17.63 13.47
N TYR D 224 5.10 -18.17 13.13
CA TYR D 224 4.33 -17.73 11.96
C TYR D 224 3.35 -16.66 12.42
N VAL D 225 3.45 -15.48 11.84
CA VAL D 225 2.51 -14.40 12.13
C VAL D 225 1.36 -14.52 11.15
N ARG D 226 0.25 -15.08 11.61
CA ARG D 226 -0.88 -15.40 10.73
C ARG D 226 -2.20 -15.16 11.44
N PRO D 227 -2.49 -13.90 11.76
CA PRO D 227 -3.76 -13.58 12.43
C PRO D 227 -4.94 -14.04 11.58
N THR D 228 -5.84 -14.78 12.21
CA THR D 228 -6.84 -15.55 11.49
C THR D 228 -7.72 -14.67 10.62
N GLU D 229 -8.24 -13.59 11.19
CA GLU D 229 -9.17 -12.79 10.39
C GLU D 229 -8.48 -11.98 9.30
N ASN D 230 -7.17 -12.10 9.16
CA ASN D 230 -6.41 -11.40 8.14
C ASN D 230 -5.88 -12.34 7.08
N VAL D 231 -6.35 -13.58 7.07
CA VAL D 231 -6.03 -14.52 6.01
C VAL D 231 -7.09 -14.32 4.94
N LEU D 232 -6.73 -13.66 3.85
CA LEU D 232 -7.69 -13.19 2.88
C LEU D 232 -7.13 -13.39 1.49
N THR D 233 -8.02 -13.65 0.54
CA THR D 233 -7.64 -13.59 -0.86
C THR D 233 -7.62 -12.14 -1.32
N GLN D 234 -6.93 -11.90 -2.43
CA GLN D 234 -6.88 -10.54 -2.96
C GLN D 234 -8.28 -10.04 -3.26
N MET D 235 -9.14 -10.91 -3.79
CA MET D 235 -10.51 -10.50 -4.06
C MET D 235 -11.24 -10.15 -2.77
N GLU D 236 -10.97 -10.89 -1.70
CA GLU D 236 -11.56 -10.52 -0.42
C GLU D 236 -11.06 -9.15 0.04
N LEU D 237 -9.78 -8.85 -0.15
CA LEU D 237 -9.26 -7.56 0.24
C LEU D 237 -9.91 -6.46 -0.60
N VAL D 238 -9.96 -6.67 -1.92
CA VAL D 238 -10.66 -5.72 -2.79
C VAL D 238 -12.08 -5.48 -2.31
N GLN D 239 -12.75 -6.55 -1.88
CA GLN D 239 -14.14 -6.44 -1.47
C GLN D 239 -14.30 -5.67 -0.17
N ILE D 240 -13.34 -5.80 0.76
CA ILE D 240 -13.33 -4.94 1.92
C ILE D 240 -13.30 -3.47 1.50
N TRP D 241 -12.47 -3.14 0.51
CA TRP D 241 -12.36 -1.74 0.11
C TRP D 241 -13.61 -1.25 -0.61
N GLU D 242 -14.14 -2.07 -1.52
CA GLU D 242 -15.35 -1.65 -2.23
C GLU D 242 -16.51 -1.44 -1.26
N LYS D 243 -16.51 -2.15 -0.12
CA LYS D 243 -17.53 -1.94 0.88
C LYS D 243 -17.32 -0.63 1.63
N LEU D 244 -16.07 -0.26 1.86
CA LEU D 244 -15.78 0.99 2.55
C LEU D 244 -16.10 2.19 1.65
N THR D 245 -15.77 2.10 0.36
CA THR D 245 -16.05 3.20 -0.55
C THR D 245 -17.47 3.16 -1.10
N GLY D 246 -18.10 2.00 -1.16
CA GLY D 246 -19.38 1.87 -1.81
C GLY D 246 -19.32 1.88 -3.32
N LYS D 247 -18.13 1.75 -3.91
CA LYS D 247 -17.99 1.66 -5.35
C LYS D 247 -17.34 0.34 -5.73
N GLU D 248 -17.86 -0.28 -6.77
CA GLU D 248 -17.19 -1.43 -7.36
C GLU D 248 -16.08 -0.93 -8.27
N LEU D 249 -14.92 -1.54 -8.15
CA LEU D 249 -13.82 -1.26 -9.05
C LEU D 249 -13.91 -2.13 -10.29
N GLU D 250 -13.37 -1.61 -11.39
CA GLU D 250 -13.22 -2.38 -12.62
C GLU D 250 -12.05 -3.35 -12.48
N LYS D 251 -12.33 -4.64 -12.60
CA LYS D 251 -11.31 -5.64 -12.35
C LYS D 251 -10.86 -6.28 -13.65
N THR D 252 -9.57 -6.58 -13.72
CA THR D 252 -8.98 -7.29 -14.85
C THR D 252 -8.13 -8.43 -14.30
N ASN D 253 -8.34 -9.63 -14.82
CA ASN D 253 -7.59 -10.78 -14.35
C ASN D 253 -6.33 -10.93 -15.17
N ILE D 254 -5.23 -11.16 -14.48
CA ILE D 254 -3.93 -11.38 -15.10
C ILE D 254 -3.56 -12.83 -14.84
N SER D 255 -3.34 -13.57 -15.92
CA SER D 255 -3.03 -14.98 -15.82
C SER D 255 -1.59 -15.17 -15.38
N ALA D 256 -1.34 -16.33 -14.76
CA ALA D 256 0.02 -16.71 -14.41
C ALA D 256 0.99 -16.48 -15.57
N ASN D 257 0.65 -17.00 -16.75
CA ASN D 257 1.56 -16.86 -17.89
C ASN D 257 1.75 -15.41 -18.27
N ASP D 258 0.66 -14.65 -18.32
CA ASP D 258 0.78 -13.23 -18.62
C ASP D 258 1.62 -12.53 -17.57
N PHE D 259 1.45 -12.91 -16.30
CA PHE D 259 2.23 -12.28 -15.24
C PHE D 259 3.72 -12.45 -15.48
N LEU D 260 4.12 -13.63 -15.97
CA LEU D 260 5.53 -13.92 -16.18
C LEU D 260 5.92 -13.57 -17.61
N ALA D 261 6.89 -12.67 -17.77
CA ALA D 261 7.54 -12.47 -19.06
C ALA D 261 8.94 -11.92 -18.84
N ASP D 262 9.52 -12.16 -17.67
CA ASP D 262 10.57 -11.32 -17.11
C ASP D 262 11.94 -11.88 -17.45
N ILE D 263 12.60 -11.27 -18.43
CA ILE D 263 14.05 -11.22 -18.52
C ILE D 263 14.35 -10.02 -19.39
N GLN D 271 13.06 -9.75 -12.56
CA GLN D 271 12.80 -8.97 -11.36
C GLN D 271 12.47 -9.85 -10.17
N ALA D 272 13.05 -9.51 -9.02
CA ALA D 272 12.78 -10.25 -7.80
C ALA D 272 11.43 -9.88 -7.21
N GLY D 273 11.08 -8.59 -7.26
CA GLY D 273 9.75 -8.18 -6.85
C GLY D 273 8.64 -8.97 -7.51
N LEU D 274 8.80 -9.27 -8.81
CA LEU D 274 7.78 -10.06 -9.50
C LEU D 274 7.78 -11.49 -9.02
N GLY D 275 8.96 -12.08 -8.86
CA GLY D 275 9.02 -13.41 -8.29
C GLY D 275 8.34 -13.48 -6.94
N HIS D 276 8.63 -12.53 -6.06
CA HIS D 276 8.01 -12.51 -4.74
C HIS D 276 6.49 -12.49 -4.86
N PHE D 277 5.96 -11.54 -5.65
CA PHE D 277 4.53 -11.49 -5.87
C PHE D 277 4.00 -12.81 -6.41
N TYR D 278 4.76 -13.47 -7.27
CA TYR D 278 4.27 -14.71 -7.85
C TYR D 278 4.10 -15.78 -6.79
N HIS D 279 5.14 -16.02 -5.99
CA HIS D 279 5.03 -17.00 -4.92
C HIS D 279 3.87 -16.70 -3.99
N ILE D 280 3.59 -15.44 -3.74
CA ILE D 280 2.57 -15.09 -2.76
C ILE D 280 1.17 -15.26 -3.34
N PHE D 281 0.92 -14.65 -4.50
CA PHE D 281 -0.43 -14.54 -5.01
C PHE D 281 -0.81 -15.63 -6.02
N TYR D 282 0.18 -16.28 -6.65
CA TYR D 282 -0.11 -17.40 -7.53
C TYR D 282 0.19 -18.73 -6.84
N GLU D 283 1.39 -18.91 -6.30
CA GLU D 283 1.69 -20.14 -5.59
C GLU D 283 0.98 -20.22 -4.24
N GLY D 284 0.66 -19.07 -3.63
CA GLY D 284 0.06 -19.09 -2.30
C GLY D 284 1.01 -19.56 -1.22
N CYS D 285 2.28 -19.19 -1.31
CA CYS D 285 3.30 -19.71 -0.40
C CYS D 285 3.07 -19.33 1.06
N LEU D 286 2.26 -18.32 1.33
CA LEU D 286 2.03 -17.97 2.73
C LEU D 286 0.95 -18.82 3.38
N THR D 287 0.19 -19.60 2.60
CA THR D 287 -0.98 -20.28 3.15
C THR D 287 -1.14 -21.71 2.68
N ASP D 288 -0.14 -22.29 2.01
CA ASP D 288 -0.20 -23.65 1.50
C ASP D 288 0.24 -24.69 2.52
N HIS D 289 0.19 -24.35 3.80
CA HIS D 289 0.59 -25.27 4.84
C HIS D 289 -0.06 -24.82 6.13
N GLU D 290 -0.33 -25.78 7.01
CA GLU D 290 -0.91 -25.47 8.31
C GLU D 290 0.19 -25.11 9.30
N VAL D 291 -0.17 -24.30 10.29
CA VAL D 291 0.73 -23.96 11.38
C VAL D 291 -0.02 -24.13 12.69
N GLY D 292 0.65 -24.71 13.68
CA GLY D 292 0.01 -24.93 14.95
C GLY D 292 -0.22 -23.65 15.74
N ASP D 293 -1.19 -23.73 16.66
CA ASP D 293 -1.43 -22.64 17.59
C ASP D 293 -0.22 -22.33 18.46
N ASP D 294 0.60 -23.33 18.74
CA ASP D 294 1.78 -23.14 19.58
C ASP D 294 2.94 -22.52 18.80
N GLU D 295 2.72 -22.17 17.55
CA GLU D 295 3.71 -21.54 16.70
C GLU D 295 3.10 -20.42 15.87
N GLU D 296 1.94 -19.90 16.25
CA GLU D 296 1.25 -18.87 15.49
C GLU D 296 0.99 -17.66 16.40
N ALA D 297 1.52 -16.51 15.99
CA ALA D 297 1.69 -15.39 16.90
C ALA D 297 0.38 -14.98 17.54
N SER D 298 -0.69 -14.91 16.76
CA SER D 298 -1.96 -14.45 17.32
C SER D 298 -2.55 -15.43 18.32
N LYS D 299 -2.13 -16.70 18.32
CA LYS D 299 -2.57 -17.63 19.35
C LYS D 299 -1.62 -17.62 20.54
N LEU D 300 -0.33 -17.54 20.30
CA LEU D 300 0.62 -17.34 21.39
C LEU D 300 0.31 -16.06 22.17
N TYR D 301 -0.16 -15.02 21.48
CA TYR D 301 -0.31 -13.67 22.05
C TYR D 301 -1.67 -13.13 21.69
N PRO D 302 -2.73 -13.67 22.29
CA PRO D 302 -4.10 -13.25 21.94
C PRO D 302 -4.49 -11.92 22.53
N ASP D 303 -3.71 -11.38 23.47
CA ASP D 303 -3.99 -10.02 23.94
C ASP D 303 -3.74 -8.99 22.85
N VAL D 304 -2.91 -9.30 21.85
CA VAL D 304 -2.66 -8.36 20.75
C VAL D 304 -3.92 -8.30 19.89
N LYS D 305 -4.65 -7.20 19.98
CA LYS D 305 -5.84 -6.99 19.14
C LYS D 305 -5.37 -6.49 17.79
N TYR D 306 -4.93 -7.42 16.97
CA TYR D 306 -4.30 -7.05 15.70
C TYR D 306 -5.26 -6.27 14.82
N THR D 307 -4.69 -5.35 14.04
CA THR D 307 -5.50 -4.49 13.18
C THR D 307 -6.06 -5.33 12.05
N ARG D 308 -7.39 -5.35 11.92
CA ARG D 308 -8.00 -6.02 10.78
C ARG D 308 -7.94 -5.09 9.58
N MET D 309 -8.08 -5.69 8.39
CA MET D 309 -7.84 -4.93 7.19
C MET D 309 -8.95 -3.96 6.86
N ASP D 310 -10.16 -4.18 7.37
CA ASP D 310 -11.19 -3.16 7.15
C ASP D 310 -10.84 -1.89 7.93
N GLU D 311 -10.25 -2.04 9.12
CA GLU D 311 -9.80 -0.89 9.88
C GLU D 311 -8.54 -0.30 9.27
N TYR D 312 -7.58 -1.14 8.88
CA TYR D 312 -6.35 -0.65 8.30
C TYR D 312 -6.62 0.23 7.09
N LEU D 313 -7.58 -0.16 6.24
CA LEU D 313 -7.82 0.58 5.01
C LEU D 313 -8.55 1.90 5.24
N LYS D 314 -9.17 2.10 6.40
CA LYS D 314 -10.00 3.29 6.62
C LYS D 314 -9.22 4.58 6.43
N ILE D 315 -7.93 4.59 6.77
CA ILE D 315 -7.19 5.84 6.70
C ILE D 315 -7.12 6.35 5.27
N PHE D 316 -7.36 5.50 4.28
CA PHE D 316 -7.27 5.93 2.90
C PHE D 316 -8.56 6.54 2.35
N LEU D 317 -9.67 6.42 3.05
CA LEU D 317 -10.94 6.91 2.52
C LEU D 317 -10.95 8.42 2.32
N GLY E 7 -16.55 32.31 14.47
CA GLY E 7 -15.65 32.53 13.35
C GLY E 7 -14.73 31.35 13.09
N GLU E 8 -14.64 30.92 11.83
CA GLU E 8 -13.95 29.68 11.49
C GLU E 8 -12.46 29.91 11.26
N LYS E 9 -11.76 28.80 11.00
CA LYS E 9 -10.30 28.73 10.94
C LYS E 9 -9.76 29.32 9.63
N THR E 10 -8.44 29.54 9.64
CA THR E 10 -7.70 29.77 8.41
C THR E 10 -7.40 28.42 7.77
N ARG E 11 -7.77 28.26 6.50
CA ARG E 11 -7.47 27.03 5.76
C ARG E 11 -6.12 27.18 5.07
N VAL E 12 -5.18 26.33 5.45
CA VAL E 12 -3.80 26.39 4.96
C VAL E 12 -3.49 25.15 4.13
N LEU E 13 -2.95 25.36 2.94
CA LEU E 13 -2.31 24.32 2.14
C LEU E 13 -0.80 24.38 2.34
N VAL E 14 -0.24 23.29 2.83
CA VAL E 14 1.21 23.12 2.94
C VAL E 14 1.70 22.34 1.74
N VAL E 15 2.64 22.92 1.01
CA VAL E 15 3.27 22.35 -0.18
C VAL E 15 4.64 21.86 0.22
N GLY E 16 4.94 20.59 -0.04
CA GLY E 16 6.15 20.01 0.50
C GLY E 16 5.96 19.45 1.89
N GLY E 17 4.76 18.96 2.18
CA GLY E 17 4.40 18.53 3.51
C GLY E 17 5.23 17.41 4.09
N THR E 18 5.98 16.67 3.26
CA THR E 18 6.77 15.58 3.81
C THR E 18 8.25 15.92 3.94
N GLY E 19 8.63 17.16 3.64
CA GLY E 19 10.00 17.57 3.80
C GLY E 19 10.35 17.84 5.26
N THR E 20 11.63 18.17 5.47
CA THR E 20 12.11 18.45 6.82
C THR E 20 11.32 19.59 7.46
N MET E 21 11.20 20.72 6.77
CA MET E 21 10.48 21.84 7.34
C MET E 21 8.99 21.66 7.16
N GLY E 22 8.58 21.19 5.98
CA GLY E 22 7.17 21.05 5.69
C GLY E 22 6.42 20.13 6.65
N ARG E 23 7.09 19.08 7.14
CA ARG E 23 6.37 18.19 8.04
C ARG E 23 6.08 18.88 9.36
N ARG E 24 7.02 19.71 9.83
CA ARG E 24 6.82 20.43 11.08
C ARG E 24 5.84 21.57 10.91
N ILE E 25 5.73 22.11 9.69
CA ILE E 25 4.74 23.14 9.43
C ILE E 25 3.33 22.56 9.41
N VAL E 26 3.15 21.38 8.79
CA VAL E 26 1.86 20.69 8.89
C VAL E 26 1.46 20.55 10.35
N ARG E 27 2.34 19.99 11.16
CA ARG E 27 2.03 19.79 12.56
C ARG E 27 1.77 21.11 13.29
N ALA E 28 2.59 22.14 13.03
CA ALA E 28 2.39 23.42 13.70
C ALA E 28 1.05 24.02 13.32
N CYS E 29 0.64 23.91 12.06
CA CYS E 29 -0.63 24.48 11.65
C CYS E 29 -1.79 23.78 12.35
N LEU E 30 -1.70 22.46 12.49
CA LEU E 30 -2.72 21.73 13.22
C LEU E 30 -2.73 22.14 14.68
N ALA E 31 -1.56 22.18 15.31
CA ALA E 31 -1.49 22.55 16.70
C ALA E 31 -2.01 23.97 16.94
N GLU E 32 -1.93 24.84 15.94
CA GLU E 32 -2.43 26.21 16.07
C GLU E 32 -3.92 26.32 15.86
N GLY E 33 -4.57 25.28 15.34
CA GLY E 33 -5.98 25.33 15.08
C GLY E 33 -6.35 25.62 13.64
N HIS E 34 -5.39 25.64 12.75
CA HIS E 34 -5.72 25.89 11.35
C HIS E 34 -6.31 24.63 10.74
N GLU E 35 -7.28 24.82 9.87
CA GLU E 35 -7.78 23.77 9.01
C GLU E 35 -6.70 23.50 7.97
N THR E 36 -5.98 22.40 8.13
CA THR E 36 -4.75 22.14 7.43
C THR E 36 -4.95 21.17 6.27
N TYR E 37 -4.49 21.57 5.09
CA TYR E 37 -4.49 20.77 3.88
C TYR E 37 -3.06 20.52 3.45
N VAL E 38 -2.78 19.33 2.91
CA VAL E 38 -1.43 18.96 2.54
C VAL E 38 -1.43 18.45 1.12
N LEU E 39 -0.61 19.07 0.26
CA LEU E 39 -0.54 18.67 -1.13
C LEU E 39 -0.01 17.25 -1.23
N GLN E 40 -0.67 16.43 -2.01
CA GLN E 40 -0.26 15.04 -2.21
C GLN E 40 0.17 14.91 -3.65
N GLN E 41 1.40 14.71 -3.85
CA GLN E 41 1.92 14.68 -5.21
C GLN E 41 1.91 13.26 -5.76
N PRO E 42 1.65 13.10 -7.07
CA PRO E 42 1.68 11.76 -7.67
C PRO E 42 2.94 11.02 -7.29
N GLU E 43 2.77 9.87 -6.64
CA GLU E 43 3.93 9.08 -6.25
C GLU E 43 4.92 9.00 -7.39
N THR E 44 6.16 9.38 -7.10
CA THR E 44 7.24 9.23 -8.07
C THR E 44 8.04 7.96 -7.84
N ARG E 45 7.73 7.23 -6.78
CA ARG E 45 8.36 5.95 -6.44
C ARG E 45 7.41 5.22 -5.49
N VAL E 46 7.75 3.97 -5.19
CA VAL E 46 7.13 3.29 -4.06
C VAL E 46 7.79 3.88 -2.82
N ASP E 47 7.29 5.02 -2.34
CA ASP E 47 7.97 5.71 -1.24
C ASP E 47 7.19 5.49 0.05
N ILE E 48 7.67 4.53 0.83
CA ILE E 48 6.99 4.10 2.03
C ILE E 48 7.04 5.18 3.10
N GLU E 49 8.16 5.92 3.16
CA GLU E 49 8.30 7.01 4.11
C GLU E 49 7.26 8.10 3.85
N LYS E 50 7.23 8.62 2.63
CA LYS E 50 6.35 9.73 2.32
C LYS E 50 4.90 9.36 2.58
N VAL E 51 4.50 8.18 2.12
CA VAL E 51 3.08 7.82 2.16
C VAL E 51 2.59 7.77 3.59
N GLN E 52 3.32 7.09 4.46
CA GLN E 52 2.85 6.95 5.82
C GLN E 52 2.87 8.30 6.56
N LEU E 53 3.86 9.15 6.26
CA LEU E 53 3.85 10.50 6.83
C LEU E 53 2.61 11.27 6.38
N LEU E 54 2.31 11.25 5.09
CA LEU E 54 1.11 11.92 4.58
C LEU E 54 -0.15 11.45 5.30
N TYR E 55 -0.41 10.14 5.27
CA TYR E 55 -1.65 9.63 5.84
C TYR E 55 -1.66 9.75 7.35
N SER E 56 -0.50 9.72 7.99
CA SER E 56 -0.45 10.02 9.42
C SER E 56 -1.09 11.37 9.72
N TYR E 57 -0.89 12.36 8.83
CA TYR E 57 -1.49 13.68 9.04
C TYR E 57 -3.01 13.60 9.09
N LYS E 58 -3.62 12.72 8.31
CA LYS E 58 -5.07 12.58 8.36
C LYS E 58 -5.55 12.17 9.76
N ARG E 59 -4.75 11.41 10.50
CA ARG E 59 -5.18 11.04 11.84
C ARG E 59 -5.21 12.23 12.77
N LEU E 60 -4.42 13.27 12.50
CA LEU E 60 -4.44 14.48 13.29
C LEU E 60 -5.48 15.46 12.82
N GLY E 61 -6.22 15.15 11.78
CA GLY E 61 -7.25 16.05 11.28
C GLY E 61 -6.93 16.76 9.99
N ALA E 62 -5.74 16.56 9.42
CA ALA E 62 -5.43 17.21 8.15
C ALA E 62 -6.19 16.54 7.01
N ARG E 63 -6.20 17.22 5.88
CA ARG E 63 -6.76 16.70 4.65
C ARG E 63 -5.71 16.71 3.55
N LEU E 64 -5.79 15.71 2.68
CA LEU E 64 -4.89 15.60 1.55
C LEU E 64 -5.58 16.16 0.32
N ILE E 65 -4.83 16.88 -0.50
CA ILE E 65 -5.28 17.34 -1.81
C ILE E 65 -4.26 16.85 -2.82
N GLU E 66 -4.72 16.05 -3.76
CA GLU E 66 -3.87 15.54 -4.81
C GLU E 66 -3.77 16.54 -5.96
N ALA E 67 -2.55 16.77 -6.41
CA ALA E 67 -2.33 17.63 -7.57
C ALA E 67 -0.90 17.39 -8.03
N SER E 68 -0.62 17.86 -9.24
CA SER E 68 0.68 17.64 -9.86
C SER E 68 1.22 18.96 -10.38
N PHE E 69 2.50 19.20 -10.12
CA PHE E 69 3.10 20.42 -10.66
C PHE E 69 3.09 20.44 -12.18
N SER E 70 2.98 19.29 -12.82
CA SER E 70 2.89 19.23 -14.26
C SER E 70 1.44 19.25 -14.76
N ASP E 71 0.47 19.45 -13.88
CA ASP E 71 -0.94 19.59 -14.27
C ASP E 71 -1.42 20.93 -13.73
N HIS E 72 -1.24 21.98 -14.53
CA HIS E 72 -1.55 23.33 -14.07
C HIS E 72 -2.97 23.44 -13.52
N GLN E 73 -3.94 22.83 -14.19
CA GLN E 73 -5.29 22.96 -13.68
C GLN E 73 -5.49 22.23 -12.36
N SER E 74 -4.66 21.23 -12.04
CA SER E 74 -4.78 20.54 -10.77
C SER E 74 -4.22 21.39 -9.62
N LEU E 75 -3.21 22.22 -9.91
CA LEU E 75 -2.75 23.19 -8.93
C LEU E 75 -3.79 24.28 -8.68
N VAL E 76 -4.39 24.78 -9.74
CA VAL E 76 -5.45 25.79 -9.60
C VAL E 76 -6.59 25.24 -8.75
N SER E 77 -7.03 24.03 -9.07
CA SER E 77 -8.09 23.39 -8.31
C SER E 77 -7.71 23.27 -6.83
N ALA E 78 -6.46 22.91 -6.56
CA ALA E 78 -6.00 22.75 -5.17
C ALA E 78 -6.03 24.07 -4.40
N VAL E 79 -5.51 25.15 -4.97
CA VAL E 79 -5.38 26.38 -4.19
C VAL E 79 -6.73 27.07 -4.00
N LYS E 80 -7.70 26.77 -4.87
CA LYS E 80 -9.06 27.28 -4.69
C LYS E 80 -9.74 26.71 -3.45
N GLN E 81 -9.17 25.70 -2.83
CA GLN E 81 -9.80 25.03 -1.70
C GLN E 81 -9.31 25.56 -0.36
N VAL E 82 -8.41 26.55 -0.35
CA VAL E 82 -7.80 27.07 0.87
C VAL E 82 -7.69 28.59 0.80
N ASP E 83 -7.23 29.17 1.90
CA ASP E 83 -7.06 30.62 2.02
C ASP E 83 -5.59 31.02 1.92
N ILE E 84 -4.71 30.24 2.51
CA ILE E 84 -3.29 30.53 2.59
C ILE E 84 -2.50 29.32 2.11
N VAL E 85 -1.38 29.58 1.44
CA VAL E 85 -0.45 28.55 0.97
C VAL E 85 0.90 28.77 1.64
N VAL E 86 1.49 27.69 2.14
CA VAL E 86 2.84 27.69 2.67
C VAL E 86 3.63 26.64 1.90
N ALA E 87 4.76 27.05 1.33
CA ALA E 87 5.61 26.14 0.59
C ALA E 87 6.93 25.94 1.32
N ALA E 88 7.46 24.72 1.25
CA ALA E 88 8.70 24.36 1.93
C ALA E 88 9.43 23.28 1.13
N MET E 89 9.99 23.66 -0.01
CA MET E 89 10.64 22.75 -0.93
C MET E 89 12.15 22.81 -0.76
N SER E 90 12.81 21.69 -1.11
CA SER E 90 14.25 21.57 -0.93
C SER E 90 14.99 22.74 -1.53
N GLY E 91 15.99 23.24 -0.81
CA GLY E 91 16.74 24.40 -1.25
C GLY E 91 18.04 24.05 -1.96
N HIS E 97 16.30 24.42 -8.58
CA HIS E 97 15.39 23.66 -9.42
C HIS E 97 14.07 23.39 -8.70
N SER E 98 14.16 22.86 -7.48
CA SER E 98 12.97 22.69 -6.65
C SER E 98 12.36 24.04 -6.28
N ILE E 99 13.19 25.00 -5.87
CA ILE E 99 12.69 26.33 -5.55
C ILE E 99 11.90 26.91 -6.71
N LEU E 100 12.36 26.69 -7.94
CA LEU E 100 11.70 27.30 -9.08
C LEU E 100 10.37 26.67 -9.45
N VAL E 101 10.07 25.43 -9.03
CA VAL E 101 8.75 24.90 -9.36
C VAL E 101 7.68 25.78 -8.73
N GLN E 102 8.02 26.51 -7.66
CA GLN E 102 7.09 27.47 -7.06
C GLN E 102 6.56 28.50 -8.03
N LEU E 103 7.26 28.74 -9.14
CA LEU E 103 6.71 29.62 -10.17
C LEU E 103 5.38 29.09 -10.69
N LYS E 104 5.29 27.77 -10.89
CA LYS E 104 4.00 27.18 -11.24
C LYS E 104 2.97 27.44 -10.16
N LEU E 105 3.39 27.37 -8.89
CA LEU E 105 2.50 27.64 -7.78
C LEU E 105 1.98 29.07 -7.86
N VAL E 106 2.88 30.03 -8.09
CA VAL E 106 2.48 31.43 -8.23
C VAL E 106 1.47 31.58 -9.35
N GLU E 107 1.80 31.01 -10.52
CA GLU E 107 0.90 31.03 -11.66
C GLU E 107 -0.49 30.52 -11.30
N ALA E 108 -0.56 29.40 -10.57
CA ALA E 108 -1.87 28.87 -10.18
C ALA E 108 -2.56 29.79 -9.18
N ILE E 109 -1.82 30.28 -8.19
CA ILE E 109 -2.42 31.17 -7.20
C ILE E 109 -3.02 32.38 -7.90
N LYS E 110 -2.26 32.97 -8.83
CA LYS E 110 -2.72 34.16 -9.52
C LYS E 110 -3.99 33.89 -10.30
N GLU E 111 -4.06 32.76 -10.99
CA GLU E 111 -5.27 32.44 -11.72
C GLU E 111 -6.44 32.20 -10.77
N ALA E 112 -6.19 31.46 -9.68
CA ALA E 112 -7.27 31.12 -8.74
C ALA E 112 -7.94 32.37 -8.19
N GLY E 113 -7.14 33.34 -7.76
CA GLY E 113 -7.64 34.62 -7.30
C GLY E 113 -8.08 34.66 -5.85
N ASN E 114 -8.24 33.53 -5.18
CA ASN E 114 -8.83 33.52 -3.85
C ASN E 114 -7.81 33.60 -2.72
N ILE E 115 -6.53 33.51 -3.01
CA ILE E 115 -5.53 33.31 -1.97
C ILE E 115 -5.26 34.61 -1.24
N LYS E 116 -5.23 34.54 0.10
CA LYS E 116 -5.05 35.72 0.93
C LYS E 116 -3.60 35.96 1.32
N ARG E 117 -2.81 34.90 1.43
CA ARG E 117 -1.39 35.06 1.68
C ARG E 117 -0.67 33.81 1.19
N PHE E 118 0.57 34.03 0.72
CA PHE E 118 1.48 32.97 0.31
C PHE E 118 2.80 33.17 1.02
N LEU E 119 3.29 32.11 1.63
CA LEU E 119 4.63 32.09 2.22
C LEU E 119 5.46 31.14 1.38
N PRO E 120 6.36 31.65 0.53
CA PRO E 120 7.20 30.78 -0.28
C PRO E 120 8.24 30.09 0.58
N SER E 121 8.98 29.19 -0.04
CA SER E 121 9.98 28.40 0.66
C SER E 121 11.21 29.26 0.90
N GLU E 122 11.34 29.77 2.13
CA GLU E 122 12.46 30.61 2.52
C GLU E 122 13.20 29.92 3.65
N PHE E 123 12.95 30.26 4.92
CA PHE E 123 13.43 29.55 6.10
C PHE E 123 14.95 29.50 6.20
N GLY E 124 15.64 30.51 5.68
CA GLY E 124 17.08 30.58 5.84
C GLY E 124 17.67 31.95 5.59
N MET E 125 18.81 31.99 4.91
CA MET E 125 19.42 33.26 4.56
C MET E 125 18.46 34.13 3.77
N ASP E 126 18.49 35.44 4.02
CA ASP E 126 17.67 36.35 3.24
C ASP E 126 18.29 36.53 1.86
N PRO E 127 17.61 36.09 0.79
CA PRO E 127 18.21 36.18 -0.54
C PRO E 127 18.25 37.60 -1.10
N SER E 128 17.73 38.59 -0.38
CA SER E 128 17.69 39.96 -0.87
C SER E 128 18.86 40.81 -0.38
N ARG E 129 19.97 40.20 -0.01
CA ARG E 129 21.14 40.94 0.41
C ARG E 129 22.08 41.23 -0.77
N MET E 130 22.85 42.31 -0.63
CA MET E 130 23.88 42.69 -1.61
C MET E 130 23.31 43.25 -2.92
N ASP E 142 19.63 34.23 -7.79
CA ASP E 142 18.98 33.37 -6.82
C ASP E 142 17.62 32.90 -7.33
N GLN E 143 17.33 31.61 -7.14
CA GLN E 143 15.99 31.14 -7.48
C GLN E 143 14.97 31.73 -6.52
N LYS E 144 15.34 31.88 -5.24
CA LYS E 144 14.38 32.41 -4.28
C LYS E 144 14.03 33.85 -4.59
N LEU E 145 15.00 34.65 -5.03
CA LEU E 145 14.67 36.02 -5.40
C LEU E 145 13.76 36.05 -6.62
N GLU E 146 13.92 35.08 -7.53
CA GLU E 146 13.04 35.00 -8.69
C GLU E 146 11.60 34.70 -8.27
N VAL E 147 11.44 33.84 -7.26
CA VAL E 147 10.10 33.54 -6.75
C VAL E 147 9.51 34.78 -6.10
N ARG E 148 10.28 35.45 -5.25
CA ARG E 148 9.84 36.72 -4.69
C ARG E 148 9.38 37.67 -5.80
N ASN E 149 10.18 37.81 -6.85
CA ASN E 149 9.81 38.73 -7.92
C ASN E 149 8.48 38.33 -8.55
N ALA E 150 8.26 37.02 -8.79
CA ALA E 150 7.00 36.58 -9.36
C ALA E 150 5.84 36.86 -8.41
N ILE E 151 6.05 36.61 -7.12
CA ILE E 151 5.01 36.84 -6.12
C ILE E 151 4.58 38.30 -6.14
N GLU E 152 5.55 39.20 -6.01
CA GLU E 152 5.24 40.62 -6.00
C GLU E 152 4.74 41.11 -7.35
N ALA E 153 5.25 40.55 -8.46
CA ALA E 153 4.69 40.91 -9.76
C ALA E 153 3.21 40.61 -9.83
N ALA E 154 2.79 39.47 -9.31
CA ALA E 154 1.41 39.04 -9.37
C ALA E 154 0.52 39.73 -8.34
N GLY E 155 1.09 40.50 -7.43
CA GLY E 155 0.29 41.14 -6.41
C GLY E 155 -0.26 40.18 -5.36
N ILE E 156 0.49 39.12 -5.06
CA ILE E 156 0.07 38.10 -4.10
C ILE E 156 0.60 38.50 -2.74
N PRO E 157 -0.26 38.80 -1.76
CA PRO E 157 0.24 39.14 -0.43
C PRO E 157 1.11 38.01 0.09
N HIS E 158 2.14 38.37 0.85
CA HIS E 158 3.19 37.42 1.16
C HIS E 158 3.74 37.67 2.55
N THR E 159 4.40 36.65 3.08
CA THR E 159 5.27 36.77 4.24
C THR E 159 6.50 35.93 3.97
N TYR E 160 7.69 36.52 4.17
CA TYR E 160 8.96 35.83 4.02
C TYR E 160 9.56 35.54 5.40
N VAL E 161 9.70 34.26 5.74
CA VAL E 161 10.23 33.85 7.03
C VAL E 161 11.70 33.50 6.84
N VAL E 162 12.60 34.23 7.52
CA VAL E 162 14.03 34.16 7.24
C VAL E 162 14.80 34.30 8.54
N GLY E 163 16.10 33.99 8.46
CA GLY E 163 17.06 34.50 9.41
C GLY E 163 17.67 33.53 10.39
N ALA E 164 17.40 32.24 10.28
CA ALA E 164 17.94 31.31 11.26
C ALA E 164 18.61 30.14 10.58
N CYS E 165 19.58 29.55 11.27
CA CYS E 165 20.12 28.24 10.94
C CYS E 165 19.30 27.16 11.64
N PHE E 166 18.90 26.14 10.89
CA PHE E 166 18.29 24.95 11.51
C PHE E 166 19.25 24.37 12.53
N ALA E 167 18.75 24.14 13.73
CA ALA E 167 19.58 23.55 14.78
C ALA E 167 20.11 22.17 14.40
N ALA E 168 19.33 21.39 13.64
CA ALA E 168 19.80 20.05 13.29
C ALA E 168 20.98 20.11 12.32
N TYR E 169 20.98 21.07 11.39
CA TYR E 169 22.06 21.17 10.42
C TYR E 169 23.28 21.94 10.92
N PHE E 170 23.14 22.79 11.94
CA PHE E 170 24.24 23.67 12.32
C PHE E 170 24.59 23.66 13.80
N ALA E 171 23.68 23.26 14.68
CA ALA E 171 23.96 23.30 16.11
C ALA E 171 24.35 21.94 16.67
N GLY E 172 23.64 20.88 16.28
CA GLY E 172 23.93 19.55 16.82
C GLY E 172 25.28 19.00 16.42
N ASN E 173 25.82 19.47 15.30
CA ASN E 173 27.17 19.14 14.85
C ASN E 173 28.21 20.18 15.29
N LEU E 174 27.85 21.16 16.13
CA LEU E 174 28.76 22.26 16.44
C LEU E 174 29.27 22.91 15.16
N SER E 175 28.40 22.96 14.15
CA SER E 175 28.64 23.60 12.88
C SER E 175 29.77 22.95 12.08
N GLN E 176 30.19 21.75 12.46
CA GLN E 176 31.05 20.96 11.59
C GLN E 176 30.28 20.43 10.39
N MET E 177 30.98 20.37 9.27
CA MET E 177 30.38 19.90 8.03
C MET E 177 30.43 18.37 7.93
N GLY E 178 29.54 17.82 7.12
CA GLY E 178 29.55 16.39 6.88
C GLY E 178 29.08 15.51 8.01
N THR E 179 28.58 16.10 9.10
CA THR E 179 28.06 15.30 10.19
C THR E 179 26.90 16.05 10.82
N LEU E 180 26.07 15.33 11.57
CA LEU E 180 24.95 15.94 12.25
C LEU E 180 24.97 15.73 13.76
N ILE E 181 26.07 15.21 14.29
CA ILE E 181 26.15 14.96 15.73
C ILE E 181 27.46 15.54 16.25
N PRO E 182 27.54 15.74 17.56
CA PRO E 182 28.74 16.35 18.14
C PRO E 182 30.00 15.55 17.83
N PRO E 183 31.08 16.23 17.46
CA PRO E 183 32.36 15.54 17.31
C PRO E 183 32.92 15.15 18.66
N LYS E 184 33.77 14.14 18.64
CA LYS E 184 34.26 13.59 19.90
C LYS E 184 35.50 14.30 20.43
N LYS E 185 36.43 14.69 19.58
CA LYS E 185 37.71 15.20 20.08
C LYS E 185 38.14 16.52 19.46
N LYS E 186 37.86 16.74 18.19
CA LYS E 186 38.41 17.84 17.42
C LYS E 186 37.27 18.62 16.80
N VAL E 187 37.46 19.92 16.64
CA VAL E 187 36.46 20.77 16.03
C VAL E 187 37.17 21.84 15.20
N ASN E 188 36.60 22.16 14.05
CA ASN E 188 37.06 23.29 13.24
C ASN E 188 36.30 24.54 13.63
N ILE E 189 37.04 25.62 13.86
CA ILE E 189 36.46 26.92 14.18
C ILE E 189 36.65 27.83 12.97
N TYR E 190 35.60 28.51 12.57
CA TYR E 190 35.62 29.32 11.35
C TYR E 190 36.15 30.70 11.71
N GLY E 191 37.32 31.04 11.18
CA GLY E 191 37.98 32.25 11.62
C GLY E 191 38.34 32.09 13.08
N ASP E 192 37.99 33.09 13.89
CA ASP E 192 38.12 33.00 15.34
C ASP E 192 36.80 32.61 16.00
N GLY E 193 35.79 32.22 15.21
CA GLY E 193 34.55 31.78 15.80
C GLY E 193 33.82 32.83 16.60
N ASN E 194 34.07 34.11 16.32
CA ASN E 194 33.41 35.19 17.04
C ASN E 194 32.36 35.90 16.20
N VAL E 195 31.87 35.26 15.15
CA VAL E 195 30.78 35.80 14.36
C VAL E 195 29.45 35.28 14.92
N LYS E 196 28.54 36.19 15.21
CA LYS E 196 27.24 35.82 15.72
C LYS E 196 26.43 35.07 14.67
N VAL E 197 25.71 34.04 15.11
CA VAL E 197 24.90 33.16 14.27
C VAL E 197 23.57 32.96 14.98
N VAL E 198 22.56 32.51 14.23
CA VAL E 198 21.23 32.28 14.80
C VAL E 198 20.90 30.79 14.71
N TYR E 199 20.94 30.11 15.85
CA TYR E 199 20.65 28.68 15.95
C TYR E 199 19.23 28.48 16.50
N VAL E 200 18.34 27.92 15.69
CA VAL E 200 16.93 27.83 16.08
C VAL E 200 16.39 26.43 15.78
N ASP E 201 15.69 25.87 16.75
CA ASP E 201 15.02 24.59 16.60
C ASP E 201 14.00 24.66 15.47
N GLU E 202 14.09 23.70 14.54
CA GLU E 202 13.18 23.67 13.40
C GLU E 202 11.72 23.67 13.83
N ASP E 203 11.40 23.07 14.98
CA ASP E 203 10.03 23.11 15.49
C ASP E 203 9.61 24.54 15.83
N ASP E 204 10.52 25.31 16.42
CA ASP E 204 10.22 26.70 16.75
C ASP E 204 9.99 27.50 15.49
N ILE E 205 10.84 27.31 14.49
CA ILE E 205 10.64 27.95 13.19
C ILE E 205 9.24 27.66 12.68
N ALA E 206 8.86 26.38 12.71
CA ALA E 206 7.55 25.98 12.21
C ALA E 206 6.42 26.63 13.00
N GLU E 207 6.57 26.69 14.32
CA GLU E 207 5.52 27.29 15.13
C GLU E 207 5.39 28.78 14.84
N TYR E 208 6.52 29.50 14.82
CA TYR E 208 6.48 30.90 14.40
C TYR E 208 5.81 31.05 13.05
N THR E 209 6.09 30.11 12.14
CA THR E 209 5.48 30.15 10.82
C THR E 209 3.96 30.00 10.90
N ALA E 210 3.47 29.06 11.71
CA ALA E 210 2.03 28.89 11.80
C ALA E 210 1.38 30.06 12.53
N LYS E 211 2.10 30.66 13.48
CA LYS E 211 1.56 31.85 14.15
C LYS E 211 1.52 33.07 13.24
N THR E 212 2.49 33.21 12.34
CA THR E 212 2.57 34.45 11.58
C THR E 212 1.74 34.46 10.31
N LEU E 213 1.37 33.28 9.79
CA LEU E 213 0.82 33.20 8.45
C LEU E 213 -0.52 33.91 8.32
N ASP E 214 -1.25 34.10 9.40
CA ASP E 214 -2.48 34.89 9.34
C ASP E 214 -2.44 36.07 10.32
N ASP E 215 -1.25 36.46 10.77
CA ASP E 215 -1.07 37.63 11.61
C ASP E 215 -1.18 38.89 10.77
N PRO E 216 -2.18 39.75 11.00
CA PRO E 216 -2.26 41.00 10.23
C PRO E 216 -0.97 41.81 10.25
N ARG E 217 -0.20 41.74 11.33
CA ARG E 217 0.99 42.58 11.47
C ARG E 217 2.11 42.18 10.51
N THR E 218 2.06 40.98 9.93
CA THR E 218 3.16 40.47 9.14
C THR E 218 2.81 40.36 7.67
N ILE E 219 1.69 40.91 7.24
CA ILE E 219 1.37 40.82 5.83
C ILE E 219 2.33 41.72 5.04
N ASN E 220 2.84 41.18 3.93
CA ASN E 220 3.83 41.84 3.06
C ASN E 220 5.08 42.26 3.82
N LYS E 221 5.42 41.51 4.86
CA LYS E 221 6.62 41.74 5.63
C LYS E 221 7.61 40.59 5.48
N THR E 222 8.86 40.89 5.74
CA THR E 222 9.82 39.87 6.07
C THR E 222 9.78 39.66 7.57
N VAL E 223 9.77 38.41 8.01
CA VAL E 223 9.78 38.10 9.42
C VAL E 223 11.09 37.41 9.74
N TYR E 224 11.85 38.00 10.66
CA TYR E 224 13.13 37.48 11.07
C TYR E 224 12.94 36.60 12.27
N VAL E 225 13.46 35.38 12.20
CA VAL E 225 13.40 34.44 13.31
C VAL E 225 14.73 34.57 14.05
N ARG E 226 14.78 35.45 15.04
CA ARG E 226 16.02 35.67 15.79
C ARG E 226 15.71 35.70 17.28
N PRO E 227 15.39 34.55 17.87
CA PRO E 227 15.17 34.50 19.31
C PRO E 227 16.45 34.91 20.04
N THR E 228 16.31 35.84 20.98
CA THR E 228 17.45 36.58 21.51
C THR E 228 18.50 35.66 22.11
N GLU E 229 18.10 34.73 22.96
CA GLU E 229 19.13 33.94 23.63
C GLU E 229 19.78 32.92 22.70
N ASN E 230 19.35 32.82 21.45
CA ASN E 230 19.91 31.88 20.50
C ASN E 230 20.78 32.56 19.45
N VAL E 231 21.11 33.82 19.68
CA VAL E 231 22.11 34.52 18.89
C VAL E 231 23.47 34.24 19.54
N LEU E 232 24.28 33.43 18.88
CA LEU E 232 25.50 32.91 19.47
C LEU E 232 26.57 32.81 18.41
N THR E 233 27.82 33.04 18.82
CA THR E 233 28.96 32.73 17.96
C THR E 233 29.23 31.23 18.00
N GLN E 234 29.89 30.73 16.95
CA GLN E 234 30.27 29.33 16.93
C GLN E 234 31.00 28.96 18.21
N MET E 235 31.87 29.85 18.67
CA MET E 235 32.65 29.55 19.87
C MET E 235 31.75 29.48 21.10
N GLU E 236 30.72 30.34 21.17
CA GLU E 236 29.79 30.24 22.28
C GLU E 236 29.00 28.92 22.22
N LEU E 237 28.59 28.49 21.02
CA LEU E 237 27.94 27.19 20.87
C LEU E 237 28.84 26.07 21.35
N VAL E 238 30.09 26.05 20.89
CA VAL E 238 31.02 25.02 21.30
C VAL E 238 31.20 25.03 22.80
N GLN E 239 31.13 26.20 23.42
CA GLN E 239 31.34 26.25 24.86
C GLN E 239 30.13 25.79 25.63
N ILE E 240 28.93 26.00 25.09
CA ILE E 240 27.74 25.41 25.67
C ILE E 240 27.88 23.89 25.73
N TRP E 241 28.46 23.30 24.70
CA TRP E 241 28.65 21.86 24.66
C TRP E 241 29.74 21.42 25.64
N GLU E 242 30.87 22.13 25.66
CA GLU E 242 31.96 21.75 26.54
C GLU E 242 31.57 21.85 28.00
N LYS E 243 30.65 22.75 28.33
CA LYS E 243 30.18 22.82 29.70
C LYS E 243 29.21 21.68 30.00
N LEU E 244 28.44 21.25 29.00
CA LEU E 244 27.57 20.09 29.20
C LEU E 244 28.39 18.82 29.38
N THR E 245 29.45 18.64 28.60
CA THR E 245 30.24 17.41 28.63
C THR E 245 31.39 17.42 29.63
N GLY E 246 31.87 18.60 30.02
CA GLY E 246 33.09 18.64 30.80
C GLY E 246 34.35 18.29 30.05
N LYS E 247 34.32 18.28 28.72
CA LYS E 247 35.50 17.95 27.94
C LYS E 247 35.81 19.12 27.02
N GLU E 248 37.08 19.49 26.97
CA GLU E 248 37.56 20.53 26.06
C GLU E 248 37.88 19.91 24.71
N LEU E 249 37.26 20.44 23.67
CA LEU E 249 37.56 19.95 22.32
C LEU E 249 38.85 20.59 21.81
N GLU E 250 39.61 19.81 21.04
CA GLU E 250 40.78 20.33 20.34
C GLU E 250 40.31 21.14 19.15
N LYS E 251 40.68 22.42 19.11
CA LYS E 251 40.13 23.36 18.14
C LYS E 251 41.19 23.72 17.09
N THR E 252 40.72 23.88 15.86
CA THR E 252 41.55 24.31 14.74
C THR E 252 40.85 25.46 14.04
N ASN E 253 41.48 26.63 14.02
CA ASN E 253 40.90 27.80 13.36
C ASN E 253 41.20 27.75 11.87
N ILE E 254 40.18 28.00 11.06
CA ILE E 254 40.28 27.99 9.62
C ILE E 254 40.03 29.41 9.13
N SER E 255 41.07 30.03 8.59
CA SER E 255 40.95 31.41 8.14
C SER E 255 40.05 31.49 6.91
N ALA E 256 39.63 32.72 6.61
CA ALA E 256 38.73 32.93 5.47
C ALA E 256 39.35 32.46 4.17
N ASN E 257 40.63 32.81 3.94
CA ASN E 257 41.25 32.43 2.67
C ASN E 257 41.37 30.92 2.54
N ASP E 258 41.81 30.23 3.60
CA ASP E 258 41.82 28.77 3.57
C ASP E 258 40.44 28.23 3.23
N PHE E 259 39.41 28.72 3.92
CA PHE E 259 38.05 28.30 3.61
C PHE E 259 37.70 28.64 2.17
N LEU E 260 37.97 29.89 1.77
CA LEU E 260 37.67 30.36 0.43
C LEU E 260 38.37 29.52 -0.64
N ALA E 261 39.22 28.59 -0.20
CA ALA E 261 39.74 27.58 -1.12
C ALA E 261 38.62 26.62 -1.49
N ASP E 262 37.54 27.14 -2.05
CA ASP E 262 36.51 26.33 -2.68
C ASP E 262 36.63 26.39 -4.20
N ILE E 263 37.86 26.20 -4.69
CA ILE E 263 38.09 26.12 -6.13
C ILE E 263 39.05 24.98 -6.42
N ALA E 272 29.57 19.56 0.01
CA ALA E 272 29.43 20.72 -0.85
C ALA E 272 28.24 21.60 -0.44
N GLY E 273 28.52 22.58 0.43
CA GLY E 273 27.60 23.66 0.75
C GLY E 273 28.41 24.85 1.23
N LEU E 274 29.72 24.79 0.99
CA LEU E 274 30.70 25.73 1.52
C LEU E 274 30.28 27.18 1.35
N GLY E 275 29.66 27.50 0.21
CA GLY E 275 29.19 28.86 0.00
C GLY E 275 28.27 29.33 1.11
N HIS E 276 27.35 28.45 1.53
CA HIS E 276 26.42 28.79 2.61
C HIS E 276 27.16 29.03 3.92
N PHE E 277 28.10 28.15 4.28
CA PHE E 277 28.83 28.32 5.53
C PHE E 277 29.62 29.61 5.52
N TYR E 278 30.29 29.92 4.41
CA TYR E 278 31.08 31.14 4.37
C TYR E 278 30.23 32.37 4.67
N HIS E 279 29.06 32.46 4.04
CA HIS E 279 28.19 33.60 4.28
C HIS E 279 27.72 33.66 5.73
N ILE E 280 27.56 32.51 6.38
CA ILE E 280 27.03 32.49 7.74
C ILE E 280 28.13 32.77 8.76
N PHE E 281 29.26 32.06 8.65
CA PHE E 281 30.24 32.07 9.72
C PHE E 281 31.40 33.05 9.49
N TYR E 282 31.62 33.51 8.27
CA TYR E 282 32.65 34.50 8.03
C TYR E 282 32.06 35.90 7.83
N GLU E 283 31.09 36.03 6.94
CA GLU E 283 30.41 37.29 6.71
C GLU E 283 29.36 37.63 7.76
N GLY E 284 28.87 36.66 8.52
CA GLY E 284 27.88 36.97 9.55
C GLY E 284 26.57 37.48 9.01
N CYS E 285 26.15 36.97 7.86
CA CYS E 285 24.98 37.46 7.16
C CYS E 285 23.68 37.35 7.95
N LEU E 286 23.62 36.56 9.04
CA LEU E 286 22.38 36.44 9.80
C LEU E 286 22.22 37.46 10.90
N THR E 287 23.31 38.11 11.31
CA THR E 287 23.28 38.96 12.50
C THR E 287 23.90 40.34 12.31
N ASP E 288 24.21 40.75 11.08
CA ASP E 288 24.92 42.02 10.96
C ASP E 288 23.98 43.21 10.88
N HIS E 289 22.69 43.00 10.61
CA HIS E 289 21.68 44.04 10.67
C HIS E 289 20.75 43.78 11.85
N GLU E 290 20.55 44.79 12.69
CA GLU E 290 19.58 44.60 13.76
C GLU E 290 18.16 44.66 13.21
N VAL E 291 17.26 43.98 13.91
CA VAL E 291 15.86 43.90 13.50
C VAL E 291 15.00 44.51 14.58
N GLY E 292 13.89 45.10 14.17
CA GLY E 292 12.95 45.68 15.10
C GLY E 292 12.00 44.65 15.71
N ASP E 293 11.45 45.03 16.86
CA ASP E 293 10.52 44.16 17.57
C ASP E 293 9.32 43.80 16.72
N ASP E 294 8.88 44.71 15.85
CA ASP E 294 7.72 44.45 15.01
C ASP E 294 8.03 43.54 13.81
N GLU E 295 9.23 42.96 13.74
CA GLU E 295 9.59 42.10 12.62
C GLU E 295 10.39 40.89 13.06
N GLU E 296 10.53 40.63 14.35
CA GLU E 296 11.30 39.51 14.86
C GLU E 296 10.37 38.56 15.59
N ALA E 297 10.51 37.26 15.29
CA ALA E 297 9.47 36.28 15.62
C ALA E 297 9.25 36.17 17.13
N SER E 298 10.32 36.04 17.90
CA SER E 298 10.15 35.83 19.34
C SER E 298 9.53 37.05 20.02
N LYS E 299 9.73 38.25 19.47
CA LYS E 299 9.04 39.43 20.00
C LYS E 299 7.58 39.47 19.56
N LEU E 300 7.31 39.14 18.30
CA LEU E 300 5.93 39.08 17.82
C LEU E 300 5.14 37.98 18.50
N TYR E 301 5.79 36.85 18.86
CA TYR E 301 5.12 35.69 19.46
C TYR E 301 5.91 35.30 20.70
N PRO E 302 5.84 36.13 21.75
CA PRO E 302 6.62 35.86 22.97
C PRO E 302 6.12 34.67 23.76
N ASP E 303 4.93 34.19 23.45
CA ASP E 303 4.44 32.99 24.10
C ASP E 303 5.14 31.73 23.63
N VAL E 304 5.88 31.79 22.52
CA VAL E 304 6.63 30.62 22.04
C VAL E 304 7.88 30.49 22.89
N LYS E 305 7.91 29.48 23.76
CA LYS E 305 9.08 29.22 24.60
C LYS E 305 10.10 28.48 23.77
N TYR E 306 10.84 29.23 22.97
CA TYR E 306 11.76 28.61 22.04
C TYR E 306 12.80 27.82 22.81
N THR E 307 13.26 26.74 22.21
CA THR E 307 14.29 25.91 22.82
C THR E 307 15.62 26.65 22.74
N ARG E 308 16.25 26.89 23.88
CA ARG E 308 17.60 27.43 23.80
C ARG E 308 18.57 26.28 23.54
N MET E 309 19.79 26.64 23.14
CA MET E 309 20.69 25.63 22.62
C MET E 309 21.30 24.75 23.70
N ASP E 310 21.32 25.20 24.95
CA ASP E 310 21.81 24.30 25.99
C ASP E 310 20.83 23.15 26.21
N GLU E 311 19.53 23.42 26.10
CA GLU E 311 18.56 22.33 26.19
C GLU E 311 18.53 21.52 24.90
N TYR E 312 18.63 22.17 23.74
CA TYR E 312 18.64 21.44 22.48
C TYR E 312 19.76 20.41 22.45
N LEU E 313 20.94 20.78 22.95
CA LEU E 313 22.10 19.90 22.83
C LEU E 313 22.05 18.71 23.78
N LYS E 314 21.19 18.73 24.79
CA LYS E 314 21.23 17.67 25.79
C LYS E 314 20.91 16.31 25.17
N ILE E 315 20.05 16.27 24.17
CA ILE E 315 19.66 15.01 23.57
C ILE E 315 20.88 14.21 23.10
N PHE E 316 22.02 14.86 22.89
CA PHE E 316 23.20 14.19 22.38
C PHE E 316 24.12 13.66 23.47
N LEU E 317 23.89 14.03 24.73
CA LEU E 317 24.83 13.67 25.80
C LEU E 317 24.87 12.16 26.06
N GLY F 7 6.45 -26.59 -60.92
CA GLY F 7 7.37 -26.30 -62.01
C GLY F 7 7.08 -24.92 -62.56
N GLU F 8 8.00 -23.99 -62.36
CA GLU F 8 7.85 -22.57 -62.65
C GLU F 8 7.10 -21.85 -61.51
N LYS F 9 6.52 -22.58 -60.57
CA LYS F 9 5.93 -21.99 -59.39
C LYS F 9 7.01 -21.56 -58.40
N THR F 10 6.70 -20.53 -57.61
CA THR F 10 7.53 -20.16 -56.48
C THR F 10 7.34 -21.17 -55.35
N ARG F 11 8.43 -21.71 -54.80
CA ARG F 11 8.36 -22.65 -53.68
C ARG F 11 8.45 -21.91 -52.36
N VAL F 12 7.38 -21.98 -51.56
CA VAL F 12 7.25 -21.20 -50.33
C VAL F 12 7.27 -22.14 -49.14
N LEU F 13 8.07 -21.81 -48.13
CA LEU F 13 7.99 -22.45 -46.82
C LEU F 13 7.31 -21.52 -45.84
N VAL F 14 6.21 -21.98 -45.25
CA VAL F 14 5.49 -21.27 -44.21
C VAL F 14 5.90 -21.81 -42.86
N VAL F 15 6.32 -20.91 -41.97
CA VAL F 15 6.76 -21.22 -40.61
C VAL F 15 5.72 -20.65 -39.66
N GLY F 16 5.26 -21.47 -38.71
CA GLY F 16 4.07 -21.16 -37.94
C GLY F 16 2.78 -21.37 -38.70
N GLY F 17 2.74 -22.38 -39.56
CA GLY F 17 1.59 -22.63 -40.43
C GLY F 17 0.31 -23.12 -39.74
N THR F 18 0.35 -23.46 -38.46
CA THR F 18 -0.90 -23.74 -37.76
C THR F 18 -1.37 -22.57 -36.88
N GLY F 19 -0.71 -21.41 -36.96
CA GLY F 19 -1.21 -20.23 -36.27
C GLY F 19 -2.40 -19.61 -36.97
N THR F 20 -2.93 -18.56 -36.33
CA THR F 20 -4.11 -17.88 -36.86
C THR F 20 -3.86 -17.31 -38.24
N MET F 21 -2.77 -16.58 -38.41
CA MET F 21 -2.46 -16.01 -39.71
C MET F 21 -1.73 -17.02 -40.57
N GLY F 22 -0.93 -17.87 -39.94
CA GLY F 22 -0.13 -18.83 -40.68
C GLY F 22 -0.97 -19.81 -41.48
N ARG F 23 -2.08 -20.29 -40.91
CA ARG F 23 -2.90 -21.24 -41.65
C ARG F 23 -3.52 -20.56 -42.86
N ARG F 24 -3.89 -19.29 -42.71
CA ARG F 24 -4.43 -18.55 -43.85
C ARG F 24 -3.38 -18.32 -44.92
N ILE F 25 -2.14 -18.09 -44.52
CA ILE F 25 -1.06 -17.94 -45.49
C ILE F 25 -0.83 -19.24 -46.25
N VAL F 26 -0.81 -20.37 -45.52
CA VAL F 26 -0.69 -21.67 -46.17
C VAL F 26 -1.71 -21.78 -47.30
N ARG F 27 -2.97 -21.47 -47.01
CA ARG F 27 -4.03 -21.68 -47.98
C ARG F 27 -3.98 -20.62 -49.09
N ALA F 28 -3.66 -19.37 -48.73
CA ALA F 28 -3.50 -18.34 -49.75
C ALA F 28 -2.36 -18.69 -50.70
N CYS F 29 -1.29 -19.28 -50.18
CA CYS F 29 -0.21 -19.65 -51.07
C CYS F 29 -0.66 -20.72 -52.06
N LEU F 30 -1.37 -21.75 -51.57
CA LEU F 30 -1.93 -22.77 -52.46
C LEU F 30 -2.89 -22.14 -53.47
N ALA F 31 -3.81 -21.32 -52.99
CA ALA F 31 -4.73 -20.67 -53.92
C ALA F 31 -4.01 -19.86 -54.99
N GLU F 32 -2.81 -19.35 -54.71
CA GLU F 32 -2.07 -18.55 -55.69
C GLU F 32 -1.29 -19.39 -56.68
N GLY F 33 -1.18 -20.71 -56.45
CA GLY F 33 -0.37 -21.54 -57.30
C GLY F 33 1.04 -21.76 -56.83
N HIS F 34 1.37 -21.37 -55.60
CA HIS F 34 2.70 -21.60 -55.06
C HIS F 34 2.85 -23.05 -54.61
N GLU F 35 3.98 -23.63 -54.94
CA GLU F 35 4.38 -24.89 -54.33
C GLU F 35 4.66 -24.60 -52.86
N THR F 36 3.82 -25.12 -51.98
CA THR F 36 3.75 -24.66 -50.59
C THR F 36 4.24 -25.74 -49.64
N TYR F 37 5.21 -25.40 -48.82
CA TYR F 37 5.76 -26.26 -47.79
C TYR F 37 5.43 -25.65 -46.43
N VAL F 38 5.18 -26.49 -45.44
CA VAL F 38 4.84 -26.02 -44.11
C VAL F 38 5.84 -26.65 -43.14
N LEU F 39 6.40 -25.84 -42.26
CA LEU F 39 7.32 -26.38 -41.26
C LEU F 39 6.59 -27.16 -40.19
N GLN F 40 6.99 -28.41 -39.98
CA GLN F 40 6.40 -29.31 -38.98
C GLN F 40 7.34 -29.42 -37.81
N GLN F 41 7.03 -28.74 -36.72
CA GLN F 41 7.87 -28.81 -35.55
C GLN F 41 7.56 -30.06 -34.74
N PRO F 42 8.51 -30.50 -33.93
CA PRO F 42 8.23 -31.62 -33.02
C PRO F 42 7.07 -31.30 -32.09
N GLU F 43 6.26 -32.32 -31.80
CA GLU F 43 5.14 -32.14 -30.89
C GLU F 43 5.63 -31.80 -29.48
N THR F 44 4.95 -30.87 -28.83
CA THR F 44 5.24 -30.51 -27.45
C THR F 44 4.19 -31.05 -26.50
N ARG F 45 3.18 -31.71 -27.03
CA ARG F 45 2.09 -32.27 -26.25
C ARG F 45 1.19 -33.00 -27.25
N VAL F 46 0.19 -33.68 -26.73
CA VAL F 46 -0.86 -34.27 -27.55
C VAL F 46 -1.83 -33.16 -27.91
N ASP F 47 -1.99 -32.89 -29.21
CA ASP F 47 -2.70 -31.69 -29.65
C ASP F 47 -3.39 -32.03 -30.97
N ILE F 48 -4.62 -32.52 -30.85
CA ILE F 48 -5.28 -33.13 -31.99
C ILE F 48 -5.62 -32.10 -33.04
N GLU F 49 -6.01 -30.89 -32.61
CA GLU F 49 -6.36 -29.84 -33.56
C GLU F 49 -5.18 -29.44 -34.42
N LYS F 50 -4.03 -29.22 -33.78
CA LYS F 50 -2.82 -28.84 -34.49
C LYS F 50 -2.41 -29.91 -35.51
N VAL F 51 -2.29 -31.17 -35.07
CA VAL F 51 -1.84 -32.21 -35.99
C VAL F 51 -2.77 -32.32 -37.18
N GLN F 52 -4.08 -32.18 -36.94
CA GLN F 52 -5.02 -32.38 -38.03
C GLN F 52 -5.06 -31.20 -38.98
N LEU F 53 -4.86 -29.98 -38.46
CA LEU F 53 -4.66 -28.85 -39.36
C LEU F 53 -3.44 -29.09 -40.23
N LEU F 54 -2.32 -29.45 -39.62
CA LEU F 54 -1.11 -29.69 -40.39
C LEU F 54 -1.32 -30.72 -41.48
N TYR F 55 -1.86 -31.89 -41.14
CA TYR F 55 -1.99 -32.92 -42.17
C TYR F 55 -3.09 -32.60 -43.17
N SER F 56 -4.07 -31.78 -42.80
CA SER F 56 -5.09 -31.38 -43.76
C SER F 56 -4.49 -30.61 -44.94
N TYR F 57 -3.37 -29.92 -44.73
CA TYR F 57 -2.75 -29.19 -45.83
C TYR F 57 -2.26 -30.14 -46.92
N LYS F 58 -1.79 -31.33 -46.55
CA LYS F 58 -1.33 -32.28 -47.55
C LYS F 58 -2.43 -32.60 -48.53
N ARG F 59 -3.67 -32.73 -48.05
CA ARG F 59 -4.79 -33.01 -48.96
C ARG F 59 -4.97 -31.89 -49.97
N LEU F 60 -4.67 -30.65 -49.58
CA LEU F 60 -4.72 -29.53 -50.51
C LEU F 60 -3.51 -29.46 -51.42
N GLY F 61 -2.48 -30.25 -51.17
CA GLY F 61 -1.33 -30.30 -52.04
C GLY F 61 -0.06 -29.70 -51.46
N ALA F 62 -0.13 -29.16 -50.25
CA ALA F 62 1.06 -28.74 -49.55
C ALA F 62 1.89 -29.95 -49.14
N ARG F 63 3.16 -29.69 -48.86
CA ARG F 63 4.10 -30.66 -48.32
C ARG F 63 4.56 -30.24 -46.94
N LEU F 64 4.89 -31.22 -46.12
CA LEU F 64 5.38 -30.95 -44.78
C LEU F 64 6.89 -31.17 -44.75
N ILE F 65 7.60 -30.35 -43.99
CA ILE F 65 9.03 -30.49 -43.79
C ILE F 65 9.30 -30.49 -42.30
N GLU F 66 9.85 -31.58 -41.79
CA GLU F 66 10.13 -31.67 -40.38
C GLU F 66 11.42 -30.93 -40.04
N ALA F 67 11.33 -30.01 -39.10
CA ALA F 67 12.51 -29.33 -38.59
C ALA F 67 12.21 -28.86 -37.19
N SER F 68 13.27 -28.54 -36.46
CA SER F 68 13.18 -28.06 -35.10
C SER F 68 14.06 -26.83 -34.93
N PHE F 69 13.57 -25.85 -34.19
CA PHE F 69 14.35 -24.65 -33.90
C PHE F 69 15.52 -24.95 -32.98
N SER F 70 15.47 -26.06 -32.25
CA SER F 70 16.59 -26.48 -31.42
C SER F 70 17.63 -27.29 -32.19
N ASP F 71 17.46 -27.44 -33.49
CA ASP F 71 18.40 -28.18 -34.34
C ASP F 71 18.76 -27.30 -35.54
N HIS F 72 19.80 -26.50 -35.37
CA HIS F 72 20.23 -25.59 -36.43
C HIS F 72 20.32 -26.29 -37.79
N GLN F 73 20.89 -27.48 -37.84
CA GLN F 73 21.08 -28.11 -39.14
C GLN F 73 19.75 -28.47 -39.80
N SER F 74 18.72 -28.83 -39.04
CA SER F 74 17.45 -29.18 -39.66
C SER F 74 16.76 -27.94 -40.23
N LEU F 75 16.94 -26.77 -39.61
CA LEU F 75 16.44 -25.54 -40.21
C LEU F 75 17.15 -25.25 -41.54
N VAL F 76 18.48 -25.38 -41.56
CA VAL F 76 19.19 -25.21 -42.82
C VAL F 76 18.65 -26.17 -43.85
N SER F 77 18.52 -27.44 -43.47
CA SER F 77 18.01 -28.45 -44.37
C SER F 77 16.66 -28.05 -44.95
N ALA F 78 15.80 -27.43 -44.14
CA ALA F 78 14.46 -27.11 -44.62
C ALA F 78 14.48 -25.91 -45.57
N VAL F 79 15.22 -24.83 -45.23
CA VAL F 79 15.16 -23.67 -46.12
C VAL F 79 15.87 -23.96 -47.43
N LYS F 80 16.81 -24.90 -47.45
CA LYS F 80 17.41 -25.29 -48.73
C LYS F 80 16.40 -25.90 -49.69
N GLN F 81 15.21 -26.29 -49.23
CA GLN F 81 14.27 -26.97 -50.10
C GLN F 81 13.29 -26.03 -50.79
N VAL F 82 13.34 -24.72 -50.51
CA VAL F 82 12.36 -23.77 -51.03
C VAL F 82 13.09 -22.53 -51.55
N ASP F 83 12.31 -21.61 -52.12
CA ASP F 83 12.77 -20.33 -52.64
C ASP F 83 12.46 -19.15 -51.72
N ILE F 84 11.35 -19.19 -50.99
CA ILE F 84 10.89 -18.07 -50.18
C ILE F 84 10.37 -18.62 -48.85
N VAL F 85 10.70 -17.92 -47.76
CA VAL F 85 10.26 -18.24 -46.41
C VAL F 85 9.29 -17.16 -45.94
N VAL F 86 8.16 -17.60 -45.39
CA VAL F 86 7.18 -16.73 -44.73
C VAL F 86 7.00 -17.23 -43.31
N ALA F 87 7.29 -16.36 -42.33
CA ALA F 87 7.14 -16.65 -40.91
C ALA F 87 5.90 -15.95 -40.34
N ALA F 88 5.15 -16.67 -39.52
CA ALA F 88 3.98 -16.09 -38.85
C ALA F 88 3.82 -16.70 -37.46
N MET F 89 4.90 -16.72 -36.67
CA MET F 89 4.76 -17.16 -35.30
C MET F 89 4.17 -16.05 -34.44
N SER F 90 3.62 -16.44 -33.30
CA SER F 90 2.91 -15.52 -32.43
C SER F 90 3.82 -14.39 -31.96
N GLY F 91 3.24 -13.21 -31.88
CA GLY F 91 3.91 -12.02 -31.39
C GLY F 91 2.93 -11.18 -30.61
N VAL F 92 2.86 -11.41 -29.30
CA VAL F 92 1.78 -10.89 -28.48
C VAL F 92 2.21 -9.65 -27.71
N HIS F 93 3.44 -9.64 -27.22
CA HIS F 93 4.04 -8.51 -26.50
C HIS F 93 5.17 -7.92 -27.32
N PHE F 94 5.60 -6.72 -26.91
CA PHE F 94 6.69 -6.04 -27.63
C PHE F 94 8.02 -6.77 -27.44
N ARG F 95 8.29 -7.26 -26.22
CA ARG F 95 9.30 -8.28 -26.00
C ARG F 95 8.62 -9.64 -26.10
N SER F 96 8.98 -10.42 -27.12
CA SER F 96 8.33 -11.71 -27.35
C SER F 96 9.39 -12.70 -27.76
N HIS F 97 9.45 -13.83 -27.05
CA HIS F 97 10.44 -14.86 -27.33
C HIS F 97 10.12 -15.58 -28.63
N SER F 98 8.86 -15.94 -28.83
CA SER F 98 8.40 -16.44 -30.12
C SER F 98 8.96 -15.65 -31.30
N ILE F 99 8.77 -14.33 -31.31
CA ILE F 99 9.31 -13.53 -32.40
C ILE F 99 10.81 -13.75 -32.57
N LEU F 100 11.54 -13.78 -31.46
CA LEU F 100 13.00 -13.88 -31.50
C LEU F 100 13.52 -15.21 -32.02
N VAL F 101 12.74 -16.30 -31.98
CA VAL F 101 13.27 -17.53 -32.55
C VAL F 101 13.52 -17.36 -34.05
N GLN F 102 12.93 -16.34 -34.68
CA GLN F 102 13.27 -16.06 -36.07
C GLN F 102 14.74 -15.70 -36.26
N LEU F 103 15.45 -15.29 -35.20
CA LEU F 103 16.89 -15.09 -35.34
C LEU F 103 17.59 -16.37 -35.74
N LYS F 104 17.14 -17.51 -35.19
CA LYS F 104 17.67 -18.81 -35.61
C LYS F 104 17.38 -19.05 -37.07
N LEU F 105 16.21 -18.64 -37.52
CA LEU F 105 15.83 -18.86 -38.90
C LEU F 105 16.64 -17.97 -39.85
N VAL F 106 16.86 -16.71 -39.46
CA VAL F 106 17.72 -15.83 -40.25
C VAL F 106 19.10 -16.45 -40.43
N GLU F 107 19.66 -16.99 -39.35
CA GLU F 107 20.98 -17.61 -39.44
C GLU F 107 20.96 -18.83 -40.35
N ALA F 108 19.89 -19.62 -40.29
CA ALA F 108 19.78 -20.76 -41.20
C ALA F 108 19.69 -20.30 -42.64
N ILE F 109 18.87 -19.27 -42.89
CA ILE F 109 18.75 -18.72 -44.24
C ILE F 109 20.07 -18.17 -44.72
N LYS F 110 20.81 -17.51 -43.82
CA LYS F 110 22.11 -16.94 -44.18
C LYS F 110 23.08 -18.04 -44.57
N GLU F 111 23.14 -19.12 -43.78
CA GLU F 111 24.05 -20.21 -44.14
C GLU F 111 23.68 -20.83 -45.47
N ALA F 112 22.37 -20.92 -45.78
CA ALA F 112 21.91 -21.76 -46.89
C ALA F 112 22.15 -21.10 -48.23
N GLY F 113 21.87 -19.80 -48.34
CA GLY F 113 22.24 -19.02 -49.50
C GLY F 113 21.28 -19.04 -50.66
N ASN F 114 20.29 -19.92 -50.66
CA ASN F 114 19.41 -20.08 -51.81
C ASN F 114 18.12 -19.28 -51.73
N ILE F 115 17.88 -18.57 -50.64
CA ILE F 115 16.57 -18.00 -50.39
C ILE F 115 16.46 -16.65 -51.10
N LYS F 116 15.41 -16.50 -51.92
CA LYS F 116 15.18 -15.26 -52.67
C LYS F 116 14.40 -14.20 -51.92
N ARG F 117 13.65 -14.55 -50.87
CA ARG F 117 12.97 -13.53 -50.10
C ARG F 117 12.49 -14.10 -48.77
N PHE F 118 12.59 -13.28 -47.73
CA PHE F 118 12.09 -13.64 -46.41
C PHE F 118 11.09 -12.59 -45.98
N LEU F 119 9.85 -13.03 -45.68
CA LEU F 119 8.87 -12.18 -45.03
C LEU F 119 8.78 -12.58 -43.56
N PRO F 120 9.33 -11.81 -42.62
CA PRO F 120 9.25 -12.20 -41.22
C PRO F 120 7.85 -11.97 -40.64
N SER F 121 7.67 -12.35 -39.38
CA SER F 121 6.36 -12.33 -38.76
C SER F 121 6.01 -10.91 -38.34
N GLU F 122 5.28 -10.21 -39.23
CA GLU F 122 4.94 -8.81 -39.04
C GLU F 122 3.44 -8.71 -38.86
N PHE F 123 2.68 -8.30 -39.88
CA PHE F 123 1.23 -8.42 -39.95
C PHE F 123 0.49 -7.55 -38.93
N GLY F 124 1.09 -6.41 -38.55
CA GLY F 124 0.43 -5.49 -37.65
C GLY F 124 1.11 -4.13 -37.56
N MET F 125 1.25 -3.61 -36.34
CA MET F 125 1.90 -2.32 -36.16
C MET F 125 3.32 -2.36 -36.69
N ASP F 126 3.71 -1.27 -37.33
CA ASP F 126 5.08 -1.10 -37.80
C ASP F 126 6.02 -0.90 -36.61
N PRO F 127 6.97 -1.80 -36.37
CA PRO F 127 7.84 -1.67 -35.20
C PRO F 127 8.97 -0.67 -35.36
N SER F 128 9.05 0.04 -36.49
CA SER F 128 10.15 0.96 -36.75
C SER F 128 9.77 2.41 -36.52
N ARG F 129 8.65 2.68 -35.85
CA ARG F 129 8.27 4.06 -35.56
C ARG F 129 8.65 4.44 -34.13
N MET F 130 8.65 5.75 -33.89
CA MET F 130 9.14 6.37 -32.64
C MET F 130 10.67 6.40 -32.63
N ASP F 142 11.36 -3.41 -29.48
CA ASP F 142 10.48 -4.35 -30.21
C ASP F 142 11.29 -5.44 -30.87
N GLN F 143 11.03 -6.68 -30.45
CA GLN F 143 11.75 -7.83 -31.00
C GLN F 143 11.61 -7.92 -32.51
N LYS F 144 10.50 -7.44 -33.08
CA LYS F 144 10.39 -7.48 -34.53
C LYS F 144 11.42 -6.59 -35.19
N LEU F 145 11.78 -5.47 -34.54
CA LEU F 145 12.80 -4.60 -35.10
C LEU F 145 14.16 -5.26 -35.04
N GLU F 146 14.44 -5.98 -33.96
CA GLU F 146 15.66 -6.76 -33.86
C GLU F 146 15.74 -7.85 -34.94
N VAL F 147 14.60 -8.39 -35.36
CA VAL F 147 14.62 -9.36 -36.44
C VAL F 147 14.88 -8.67 -37.77
N ARG F 148 14.25 -7.51 -37.99
CA ARG F 148 14.56 -6.71 -39.17
C ARG F 148 16.05 -6.44 -39.30
N ASN F 149 16.70 -6.03 -38.21
CA ASN F 149 18.11 -5.65 -38.29
C ASN F 149 18.97 -6.85 -38.65
N ALA F 150 18.64 -8.03 -38.11
CA ALA F 150 19.36 -9.24 -38.45
C ALA F 150 19.16 -9.63 -39.91
N ILE F 151 17.92 -9.58 -40.38
CA ILE F 151 17.63 -9.80 -41.79
C ILE F 151 18.50 -8.88 -42.64
N GLU F 152 18.53 -7.60 -42.29
CA GLU F 152 19.21 -6.64 -43.16
C GLU F 152 20.72 -6.76 -43.02
N ALA F 153 21.21 -6.98 -41.80
CA ALA F 153 22.65 -7.21 -41.64
C ALA F 153 23.09 -8.39 -42.48
N ALA F 154 22.30 -9.48 -42.49
CA ALA F 154 22.64 -10.68 -43.24
C ALA F 154 22.47 -10.51 -44.75
N GLY F 155 21.91 -9.40 -45.19
CA GLY F 155 21.72 -9.19 -46.62
C GLY F 155 20.62 -10.02 -47.25
N ILE F 156 19.61 -10.41 -46.48
CA ILE F 156 18.53 -11.25 -46.96
C ILE F 156 17.44 -10.36 -47.54
N PRO F 157 17.10 -10.49 -48.81
CA PRO F 157 15.99 -9.69 -49.34
C PRO F 157 14.70 -10.03 -48.61
N HIS F 158 13.88 -9.01 -48.40
CA HIS F 158 12.77 -9.11 -47.46
C HIS F 158 11.57 -8.35 -48.01
N THR F 159 10.39 -8.68 -47.47
CA THR F 159 9.22 -7.82 -47.55
C THR F 159 8.56 -7.76 -46.18
N TYR F 160 8.20 -6.57 -45.73
CA TYR F 160 7.51 -6.38 -44.45
C TYR F 160 6.07 -6.00 -44.75
N VAL F 161 5.14 -6.87 -44.34
CA VAL F 161 3.72 -6.70 -44.56
C VAL F 161 3.14 -6.17 -43.26
N VAL F 162 2.60 -4.95 -43.27
CA VAL F 162 2.23 -4.27 -42.04
C VAL F 162 0.97 -3.46 -42.26
N GLY F 163 0.43 -2.96 -41.15
CA GLY F 163 -0.41 -1.78 -41.19
C GLY F 163 -1.89 -1.97 -40.99
N ALA F 164 -2.35 -3.12 -40.54
CA ALA F 164 -3.79 -3.30 -40.35
C ALA F 164 -4.07 -4.04 -39.05
N CYS F 165 -5.26 -3.80 -38.51
CA CYS F 165 -5.84 -4.61 -37.45
C CYS F 165 -6.56 -5.83 -38.03
N PHE F 166 -6.22 -7.04 -37.54
CA PHE F 166 -7.04 -8.23 -37.82
C PHE F 166 -8.50 -7.96 -37.48
N ALA F 167 -9.39 -8.16 -38.45
CA ALA F 167 -10.80 -7.92 -38.20
C ALA F 167 -11.34 -8.76 -37.04
N ALA F 168 -10.84 -10.00 -36.87
CA ALA F 168 -11.37 -10.82 -35.78
C ALA F 168 -11.00 -10.25 -34.42
N TYR F 169 -9.84 -9.59 -34.32
CA TYR F 169 -9.43 -9.06 -33.03
C TYR F 169 -9.96 -7.67 -32.75
N PHE F 170 -10.42 -6.94 -33.75
CA PHE F 170 -10.67 -5.52 -33.56
C PHE F 170 -11.95 -5.03 -34.18
N ALA F 171 -12.51 -5.73 -35.16
CA ALA F 171 -13.75 -5.26 -35.74
C ALA F 171 -14.95 -6.06 -35.25
N GLY F 172 -14.83 -7.38 -35.17
CA GLY F 172 -15.96 -8.21 -34.74
C GLY F 172 -16.48 -7.84 -33.37
N ASN F 173 -15.62 -7.28 -32.53
CA ASN F 173 -15.97 -6.88 -31.17
C ASN F 173 -16.22 -5.38 -31.02
N LEU F 174 -16.34 -4.65 -32.14
CA LEU F 174 -16.42 -3.18 -32.10
C LEU F 174 -15.24 -2.57 -31.33
N SER F 175 -14.09 -3.26 -31.38
CA SER F 175 -12.85 -2.84 -30.74
C SER F 175 -12.93 -2.86 -29.22
N GLN F 176 -13.91 -3.57 -28.66
CA GLN F 176 -13.96 -3.78 -27.22
C GLN F 176 -12.92 -4.81 -26.79
N MET F 177 -12.24 -4.55 -25.68
CA MET F 177 -11.29 -5.53 -25.16
C MET F 177 -11.99 -6.68 -24.44
N GLY F 178 -11.33 -7.84 -24.46
CA GLY F 178 -11.75 -8.98 -23.69
C GLY F 178 -12.85 -9.82 -24.33
N THR F 179 -13.37 -9.40 -25.48
CA THR F 179 -14.41 -10.18 -26.16
C THR F 179 -14.08 -10.15 -27.65
N LEU F 180 -14.63 -11.13 -28.37
CA LEU F 180 -14.47 -11.21 -29.81
C LEU F 180 -15.79 -11.07 -30.55
N ILE F 181 -16.86 -10.69 -29.86
CA ILE F 181 -18.15 -10.57 -30.54
C ILE F 181 -18.79 -9.24 -30.16
N PRO F 182 -19.77 -8.79 -30.93
CA PRO F 182 -20.34 -7.45 -30.69
C PRO F 182 -21.04 -7.39 -29.35
N PRO F 183 -20.86 -6.30 -28.61
CA PRO F 183 -21.62 -6.11 -27.37
C PRO F 183 -23.11 -5.97 -27.66
N LYS F 184 -23.92 -6.18 -26.63
CA LYS F 184 -25.36 -6.14 -26.81
C LYS F 184 -25.99 -4.78 -26.47
N LYS F 185 -25.45 -4.03 -25.51
CA LYS F 185 -26.09 -2.76 -25.16
C LYS F 185 -25.13 -1.58 -25.02
N LYS F 186 -23.90 -1.83 -24.54
CA LYS F 186 -22.98 -0.77 -24.18
C LYS F 186 -21.67 -0.93 -24.94
N VAL F 187 -21.00 0.19 -25.19
CA VAL F 187 -19.74 0.15 -25.92
C VAL F 187 -18.83 1.27 -25.38
N ASN F 188 -17.60 0.89 -25.03
CA ASN F 188 -16.58 1.88 -24.70
C ASN F 188 -15.99 2.47 -25.97
N ILE F 189 -15.96 3.79 -26.04
CA ILE F 189 -15.38 4.52 -27.16
C ILE F 189 -14.07 5.15 -26.68
N TYR F 190 -12.99 4.92 -27.43
CA TYR F 190 -11.67 5.37 -27.02
C TYR F 190 -11.50 6.83 -27.39
N GLY F 191 -11.42 7.70 -26.39
CA GLY F 191 -11.38 9.12 -26.66
C GLY F 191 -12.68 9.55 -27.29
N ASP F 192 -12.60 10.35 -28.35
CA ASP F 192 -13.75 10.74 -29.16
C ASP F 192 -14.16 9.69 -30.18
N GLY F 193 -13.41 8.60 -30.30
CA GLY F 193 -13.70 7.60 -31.32
C GLY F 193 -13.51 8.09 -32.73
N ASN F 194 -12.73 9.16 -32.91
CA ASN F 194 -12.51 9.80 -34.20
C ASN F 194 -11.10 9.58 -34.75
N VAL F 195 -10.36 8.60 -34.23
CA VAL F 195 -9.05 8.28 -34.75
C VAL F 195 -9.17 7.15 -35.77
N LYS F 196 -8.68 7.39 -36.98
CA LYS F 196 -8.77 6.43 -38.06
C LYS F 196 -7.96 5.18 -37.74
N VAL F 197 -8.53 4.02 -38.07
CA VAL F 197 -7.94 2.71 -37.83
C VAL F 197 -8.08 1.91 -39.11
N VAL F 198 -7.25 0.88 -39.27
CA VAL F 198 -7.29 0.02 -40.45
C VAL F 198 -7.79 -1.36 -40.01
N TYR F 199 -8.98 -1.76 -40.50
CA TYR F 199 -9.67 -3.00 -40.11
C TYR F 199 -9.71 -3.94 -41.31
N VAL F 200 -8.99 -5.05 -41.25
CA VAL F 200 -8.86 -5.91 -42.42
C VAL F 200 -9.11 -7.38 -42.06
N ASP F 201 -9.93 -8.03 -42.88
CA ASP F 201 -10.15 -9.47 -42.81
C ASP F 201 -8.82 -10.21 -42.94
N GLU F 202 -8.56 -11.11 -42.00
CA GLU F 202 -7.31 -11.85 -42.00
C GLU F 202 -7.11 -12.62 -43.30
N ASP F 203 -8.19 -13.09 -43.94
CA ASP F 203 -8.05 -13.76 -45.23
C ASP F 203 -7.46 -12.83 -46.28
N ASP F 204 -7.91 -11.58 -46.32
CA ASP F 204 -7.34 -10.61 -47.26
C ASP F 204 -5.87 -10.34 -46.95
N ILE F 205 -5.51 -10.22 -45.67
CA ILE F 205 -4.10 -10.04 -45.35
C ILE F 205 -3.28 -11.19 -45.91
N ALA F 206 -3.75 -12.43 -45.71
CA ALA F 206 -3.03 -13.58 -46.22
C ALA F 206 -2.96 -13.57 -47.74
N GLU F 207 -4.05 -13.19 -48.41
CA GLU F 207 -4.02 -13.16 -49.86
C GLU F 207 -3.04 -12.11 -50.38
N TYR F 208 -3.08 -10.91 -49.79
CA TYR F 208 -2.08 -9.91 -50.16
C TYR F 208 -0.68 -10.44 -49.91
N THR F 209 -0.48 -11.13 -48.80
CA THR F 209 0.83 -11.69 -48.50
C THR F 209 1.27 -12.66 -49.59
N ALA F 210 0.38 -13.61 -49.96
CA ALA F 210 0.69 -14.56 -51.02
C ALA F 210 0.93 -13.86 -52.35
N LYS F 211 0.20 -12.78 -52.64
CA LYS F 211 0.43 -12.05 -53.89
C LYS F 211 1.74 -11.28 -53.89
N THR F 212 2.18 -10.76 -52.74
CA THR F 212 3.33 -9.86 -52.75
C THR F 212 4.66 -10.60 -52.66
N LEU F 213 4.65 -11.85 -52.20
CA LEU F 213 5.90 -12.47 -51.79
C LEU F 213 6.86 -12.74 -52.95
N ASP F 214 6.37 -12.77 -54.19
CA ASP F 214 7.25 -12.87 -55.34
C ASP F 214 6.98 -11.74 -56.33
N ASP F 215 6.35 -10.66 -55.88
CA ASP F 215 6.14 -9.49 -56.72
C ASP F 215 7.43 -8.70 -56.81
N PRO F 216 8.04 -8.56 -57.99
CA PRO F 216 9.29 -7.78 -58.07
C PRO F 216 9.17 -6.36 -57.51
N ARG F 217 7.97 -5.77 -57.51
CA ARG F 217 7.81 -4.40 -57.04
C ARG F 217 7.99 -4.25 -55.53
N THR F 218 7.94 -5.34 -54.77
CA THR F 218 7.95 -5.22 -53.32
C THR F 218 9.21 -5.79 -52.68
N ILE F 219 10.21 -6.15 -53.48
CA ILE F 219 11.49 -6.57 -52.91
C ILE F 219 12.01 -5.46 -52.01
N ASN F 220 12.46 -5.82 -50.81
CA ASN F 220 13.08 -4.92 -49.85
C ASN F 220 12.19 -3.71 -49.51
N LYS F 221 10.89 -3.87 -49.62
CA LYS F 221 9.92 -2.84 -49.28
C LYS F 221 9.03 -3.25 -48.11
N THR F 222 8.46 -2.24 -47.49
CA THR F 222 7.31 -2.37 -46.61
C THR F 222 6.04 -2.28 -47.45
N VAL F 223 5.18 -3.30 -47.36
CA VAL F 223 3.88 -3.24 -48.00
C VAL F 223 2.85 -2.93 -46.92
N TYR F 224 2.12 -1.83 -47.07
CA TYR F 224 1.08 -1.43 -46.13
C TYR F 224 -0.24 -1.99 -46.62
N VAL F 225 -0.93 -2.71 -45.74
CA VAL F 225 -2.25 -3.26 -46.04
C VAL F 225 -3.26 -2.25 -45.50
N ARG F 226 -3.70 -1.35 -46.37
CA ARG F 226 -4.61 -0.27 -45.99
C ARG F 226 -5.69 -0.13 -47.06
N PRO F 227 -6.56 -1.14 -47.18
CA PRO F 227 -7.65 -1.04 -48.16
C PRO F 227 -8.51 0.17 -47.87
N THR F 228 -8.76 0.96 -48.93
CA THR F 228 -9.19 2.33 -48.75
C THR F 228 -10.50 2.41 -47.98
N GLU F 229 -11.46 1.60 -48.35
CA GLU F 229 -12.75 1.69 -47.68
C GLU F 229 -12.76 1.06 -46.30
N ASN F 230 -11.64 0.50 -45.84
CA ASN F 230 -11.55 -0.11 -44.51
C ASN F 230 -10.75 0.73 -43.52
N VAL F 231 -10.43 1.97 -43.90
CA VAL F 231 -9.85 2.97 -43.02
C VAL F 231 -11.00 3.68 -42.33
N LEU F 232 -11.19 3.40 -41.05
CA LEU F 232 -12.40 3.80 -40.34
C LEU F 232 -12.06 4.20 -38.93
N THR F 233 -12.77 5.20 -38.40
CA THR F 233 -12.67 5.45 -36.98
C THR F 233 -13.50 4.41 -36.22
N GLN F 234 -13.22 4.26 -34.92
CA GLN F 234 -14.02 3.34 -34.14
C GLN F 234 -15.49 3.73 -34.18
N MET F 235 -15.78 5.03 -34.11
CA MET F 235 -17.16 5.47 -34.20
C MET F 235 -17.77 5.09 -35.55
N GLU F 236 -17.00 5.20 -36.63
CA GLU F 236 -17.51 4.75 -37.91
C GLU F 236 -17.78 3.24 -37.91
N LEU F 237 -16.86 2.45 -37.32
CA LEU F 237 -17.10 1.02 -37.18
C LEU F 237 -18.39 0.77 -36.40
N VAL F 238 -18.53 1.41 -35.24
CA VAL F 238 -19.70 1.24 -34.40
C VAL F 238 -20.97 1.56 -35.19
N GLN F 239 -20.95 2.63 -35.97
CA GLN F 239 -22.12 3.07 -36.71
C GLN F 239 -22.45 2.17 -37.89
N ILE F 240 -21.47 1.46 -38.44
CA ILE F 240 -21.77 0.42 -39.39
C ILE F 240 -22.56 -0.70 -38.73
N TRP F 241 -22.18 -1.06 -37.49
CA TRP F 241 -22.90 -2.09 -36.76
C TRP F 241 -24.28 -1.58 -36.32
N GLU F 242 -24.37 -0.33 -35.87
CA GLU F 242 -25.67 0.19 -35.46
C GLU F 242 -26.63 0.24 -36.63
N LYS F 243 -26.13 0.40 -37.84
CA LYS F 243 -27.02 0.43 -38.99
C LYS F 243 -27.44 -0.97 -39.41
N LEU F 244 -26.58 -1.96 -39.22
CA LEU F 244 -26.96 -3.33 -39.52
C LEU F 244 -28.03 -3.84 -38.56
N THR F 245 -27.91 -3.51 -37.28
CA THR F 245 -28.81 -4.01 -36.27
C THR F 245 -30.00 -3.11 -36.04
N GLY F 246 -29.91 -1.84 -36.43
CA GLY F 246 -30.91 -0.87 -36.06
C GLY F 246 -31.01 -0.58 -34.57
N LYS F 247 -30.02 -0.96 -33.78
CA LYS F 247 -30.01 -0.61 -32.37
C LYS F 247 -28.88 0.38 -32.08
N GLU F 248 -29.17 1.40 -31.29
CA GLU F 248 -28.13 2.33 -30.88
C GLU F 248 -27.46 1.79 -29.63
N LEU F 249 -26.13 1.72 -29.64
CA LEU F 249 -25.43 1.31 -28.44
C LEU F 249 -25.22 2.49 -27.50
N GLU F 250 -25.24 2.19 -26.21
CA GLU F 250 -24.93 3.16 -25.18
C GLU F 250 -23.42 3.33 -25.12
N LYS F 251 -22.93 4.54 -25.39
CA LYS F 251 -21.51 4.80 -25.57
C LYS F 251 -20.92 5.51 -24.36
N THR F 252 -19.81 4.99 -23.86
CA THR F 252 -19.03 5.63 -22.82
C THR F 252 -17.68 6.04 -23.40
N ASN F 253 -17.41 7.35 -23.41
CA ASN F 253 -16.13 7.84 -23.91
C ASN F 253 -15.07 7.72 -22.82
N ILE F 254 -13.93 7.14 -23.17
CA ILE F 254 -12.86 6.89 -22.21
C ILE F 254 -11.69 7.76 -22.60
N SER F 255 -11.29 8.66 -21.70
CA SER F 255 -10.18 9.55 -21.97
C SER F 255 -8.87 8.78 -21.91
N ALA F 256 -7.86 9.34 -22.57
CA ALA F 256 -6.53 8.74 -22.49
C ALA F 256 -6.13 8.49 -21.05
N ASN F 257 -6.35 9.48 -20.18
CA ASN F 257 -5.98 9.35 -18.78
C ASN F 257 -6.75 8.23 -18.11
N ASP F 258 -8.07 8.20 -18.29
CA ASP F 258 -8.85 7.10 -17.76
C ASP F 258 -8.35 5.77 -18.29
N PHE F 259 -8.03 5.71 -19.59
CA PHE F 259 -7.61 4.46 -20.21
C PHE F 259 -6.33 3.93 -19.57
N LEU F 260 -5.38 4.82 -19.28
CA LEU F 260 -4.11 4.46 -18.65
C LEU F 260 -4.14 4.69 -17.15
N ALA F 261 -5.33 4.70 -16.55
CA ALA F 261 -5.47 4.92 -15.11
C ALA F 261 -4.90 3.74 -14.32
N ASP F 262 -4.10 4.05 -13.31
CA ASP F 262 -3.50 3.03 -12.45
C ASP F 262 -2.58 2.13 -13.27
N ILE F 263 -1.91 2.71 -14.25
CA ILE F 263 -0.90 2.03 -15.06
C ILE F 263 0.46 2.57 -14.65
N GLU F 264 1.30 1.69 -14.11
CA GLU F 264 2.63 2.03 -13.57
C GLU F 264 3.68 1.51 -14.55
N ASP F 265 4.13 2.41 -15.43
CA ASP F 265 4.81 2.01 -16.67
C ASP F 265 5.96 1.04 -16.46
N LYS F 266 6.57 1.03 -15.27
CA LYS F 266 7.82 0.30 -15.04
C LYS F 266 7.69 -1.22 -15.16
N GLU F 267 7.49 -1.75 -16.37
CA GLU F 267 7.51 -3.19 -16.60
C GLU F 267 6.47 -3.94 -15.75
N ILE F 268 5.53 -3.24 -15.15
CA ILE F 268 4.63 -3.93 -14.23
C ILE F 268 3.54 -4.61 -15.03
N PRO F 269 3.23 -5.88 -14.74
CA PRO F 269 2.16 -6.55 -15.46
C PRO F 269 0.85 -5.79 -15.31
N HIS F 270 0.21 -5.52 -16.45
CA HIS F 270 -1.08 -4.85 -16.48
C HIS F 270 -2.03 -5.63 -17.38
N GLN F 271 -3.20 -5.08 -17.65
CA GLN F 271 -4.14 -5.73 -18.54
C GLN F 271 -3.52 -5.99 -19.91
N ALA F 272 -3.66 -7.23 -20.40
CA ALA F 272 -3.11 -7.62 -21.69
C ALA F 272 -3.63 -6.72 -22.80
N GLY F 273 -2.72 -6.29 -23.69
CA GLY F 273 -3.08 -5.54 -24.87
C GLY F 273 -3.29 -4.04 -24.68
N LEU F 274 -3.13 -3.53 -23.46
CA LEU F 274 -3.42 -2.12 -23.22
C LEU F 274 -2.56 -1.20 -24.09
N GLY F 275 -1.25 -1.45 -24.10
CA GLY F 275 -0.37 -0.63 -24.91
C GLY F 275 -0.73 -0.68 -26.39
N HIS F 276 -1.00 -1.89 -26.90
CA HIS F 276 -1.41 -2.02 -28.28
C HIS F 276 -2.63 -1.17 -28.58
N PHE F 277 -3.69 -1.31 -27.78
CA PHE F 277 -4.89 -0.51 -28.02
C PHE F 277 -4.59 1.00 -27.89
N TYR F 278 -3.72 1.38 -26.96
CA TYR F 278 -3.41 2.80 -26.80
C TYR F 278 -2.80 3.37 -28.08
N HIS F 279 -1.82 2.66 -28.65
CA HIS F 279 -1.17 3.14 -29.86
C HIS F 279 -2.14 3.18 -31.04
N ILE F 280 -3.01 2.16 -31.15
CA ILE F 280 -3.93 2.08 -32.28
C ILE F 280 -4.98 3.19 -32.20
N PHE F 281 -5.62 3.33 -31.05
CA PHE F 281 -6.85 4.09 -30.94
C PHE F 281 -6.66 5.48 -30.34
N TYR F 282 -5.63 5.71 -29.53
CA TYR F 282 -5.34 7.06 -29.09
C TYR F 282 -4.29 7.74 -29.97
N GLU F 283 -3.15 7.08 -30.20
CA GLU F 283 -2.10 7.64 -31.04
C GLU F 283 -2.36 7.52 -32.54
N GLY F 284 -3.33 6.72 -32.98
CA GLY F 284 -3.58 6.62 -34.41
C GLY F 284 -2.43 6.06 -35.21
N CYS F 285 -1.70 5.09 -34.65
CA CYS F 285 -0.41 4.70 -35.21
C CYS F 285 -0.51 4.00 -36.57
N LEU F 286 -1.69 3.50 -36.94
CA LEU F 286 -1.84 2.82 -38.21
C LEU F 286 -2.12 3.76 -39.36
N THR F 287 -2.59 4.97 -39.05
CA THR F 287 -3.06 5.90 -40.08
C THR F 287 -2.41 7.28 -40.04
N ASP F 288 -1.37 7.49 -39.25
CA ASP F 288 -0.92 8.87 -39.12
C ASP F 288 0.03 9.32 -40.25
N HIS F 289 0.63 8.40 -41.00
CA HIS F 289 1.36 8.74 -42.21
C HIS F 289 0.62 8.23 -43.43
N GLU F 290 0.74 8.97 -44.54
CA GLU F 290 0.17 8.50 -45.78
C GLU F 290 1.09 7.48 -46.43
N VAL F 291 0.52 6.69 -47.34
CA VAL F 291 1.28 5.68 -48.07
C VAL F 291 1.01 5.90 -49.55
N GLY F 292 2.03 5.66 -50.38
CA GLY F 292 1.86 5.75 -51.81
C GLY F 292 1.27 4.49 -52.40
N ASP F 293 0.66 4.65 -53.59
CA ASP F 293 0.06 3.52 -54.28
C ASP F 293 1.08 2.45 -54.61
N ASP F 294 2.34 2.83 -54.76
CA ASP F 294 3.35 1.84 -55.05
C ASP F 294 3.71 1.00 -53.83
N GLU F 295 3.17 1.30 -52.66
CA GLU F 295 3.50 0.55 -51.45
C GLU F 295 2.26 0.15 -50.64
N GLU F 296 1.08 0.18 -51.24
CA GLU F 296 -0.16 -0.14 -50.56
C GLU F 296 -0.83 -1.34 -51.22
N ALA F 297 -1.26 -2.30 -50.40
CA ALA F 297 -1.64 -3.61 -50.91
C ALA F 297 -2.83 -3.52 -51.87
N SER F 298 -3.86 -2.78 -51.49
CA SER F 298 -5.04 -2.78 -52.34
C SER F 298 -4.79 -2.07 -53.68
N LYS F 299 -3.80 -1.15 -53.74
CA LYS F 299 -3.40 -0.57 -55.01
C LYS F 299 -2.51 -1.51 -55.81
N LEU F 300 -1.55 -2.14 -55.15
CA LEU F 300 -0.70 -3.11 -55.82
C LEU F 300 -1.49 -4.29 -56.37
N TYR F 301 -2.53 -4.73 -55.66
CA TYR F 301 -3.28 -5.94 -56.00
C TYR F 301 -4.76 -5.62 -56.05
N PRO F 302 -5.18 -4.82 -57.03
CA PRO F 302 -6.57 -4.37 -57.09
C PRO F 302 -7.54 -5.47 -57.45
N ASP F 303 -7.06 -6.62 -57.89
CA ASP F 303 -7.96 -7.74 -58.14
C ASP F 303 -8.47 -8.36 -56.86
N VAL F 304 -7.83 -8.10 -55.72
CA VAL F 304 -8.32 -8.60 -54.45
C VAL F 304 -9.56 -7.80 -54.06
N LYS F 305 -10.72 -8.44 -54.13
CA LYS F 305 -11.97 -7.78 -53.75
C LYS F 305 -12.11 -7.95 -52.24
N TYR F 306 -11.46 -7.05 -51.50
CA TYR F 306 -11.32 -7.19 -50.07
C TYR F 306 -12.67 -7.02 -49.38
N THR F 307 -12.84 -7.74 -48.28
CA THR F 307 -14.06 -7.68 -47.49
C THR F 307 -14.15 -6.34 -46.78
N ARG F 308 -15.17 -5.56 -47.10
CA ARG F 308 -15.48 -4.35 -46.36
C ARG F 308 -16.09 -4.71 -45.01
N MET F 309 -16.03 -3.78 -44.06
CA MET F 309 -16.46 -4.12 -42.71
C MET F 309 -17.98 -4.29 -42.60
N ASP F 310 -18.78 -3.67 -43.46
CA ASP F 310 -20.20 -3.96 -43.39
C ASP F 310 -20.49 -5.40 -43.81
N GLU F 311 -19.75 -5.94 -44.78
CA GLU F 311 -19.91 -7.34 -45.10
C GLU F 311 -19.36 -8.22 -43.98
N TYR F 312 -18.17 -7.89 -43.45
CA TYR F 312 -17.54 -8.73 -42.43
C TYR F 312 -18.45 -8.91 -41.22
N LEU F 313 -19.09 -7.82 -40.77
CA LEU F 313 -19.88 -7.88 -39.55
C LEU F 313 -21.20 -8.67 -39.70
N LYS F 314 -21.65 -8.95 -40.92
CA LYS F 314 -22.95 -9.59 -41.10
C LYS F 314 -23.01 -10.98 -40.47
N ILE F 315 -21.88 -11.68 -40.37
CA ILE F 315 -21.90 -13.03 -39.81
C ILE F 315 -22.31 -13.02 -38.35
N PHE F 316 -22.29 -11.87 -37.70
CA PHE F 316 -22.65 -11.74 -36.29
C PHE F 316 -24.11 -11.37 -36.10
N LEU F 317 -24.85 -11.14 -37.18
CA LEU F 317 -26.23 -10.68 -37.04
C LEU F 317 -27.19 -11.81 -36.61
#